data_1WYJ
#
_entry.id   1WYJ
#
_entity_poly.entity_id   1
_entity_poly.type   'polypeptide(L)'
_entity_poly.pdbx_seq_one_letter_code
;GSSGSSGAGSATITYSVLEETDRGSLVGNLAKDLGLSLRELITRGAQILSKGNKQLLQLEQKSGNLLLKEKLDREELCGS
TNPCILHFQVLLKSPVQFIQGEIQLQDVNDHAPEFMEDESGPSSG
;
_entity_poly.pdbx_strand_id   A
#
# COMPACT_ATOMS: atom_id res chain seq x y z
N GLY A 1 27.79 15.96 -21.98
CA GLY A 1 26.68 15.13 -22.40
C GLY A 1 25.35 15.70 -21.90
N SER A 2 24.30 15.39 -22.63
CA SER A 2 22.97 15.86 -22.28
C SER A 2 21.90 14.99 -22.95
N SER A 3 20.81 14.80 -22.22
CA SER A 3 19.71 13.99 -22.73
C SER A 3 18.40 14.43 -22.09
N GLY A 4 17.85 15.51 -22.61
CA GLY A 4 16.60 16.04 -22.10
C GLY A 4 16.53 15.92 -20.57
N SER A 5 15.31 15.77 -20.07
CA SER A 5 15.10 15.64 -18.64
C SER A 5 13.62 15.43 -18.35
N SER A 6 13.35 14.57 -17.37
CA SER A 6 11.99 14.27 -16.99
C SER A 6 11.98 13.25 -15.85
N GLY A 7 10.85 13.20 -15.15
CA GLY A 7 10.71 12.28 -14.04
C GLY A 7 9.79 12.85 -12.96
N ALA A 8 8.77 12.08 -12.62
CA ALA A 8 7.81 12.51 -11.60
C ALA A 8 7.19 11.28 -10.94
N GLY A 9 6.51 11.51 -9.84
CA GLY A 9 5.86 10.44 -9.10
C GLY A 9 6.35 10.40 -7.65
N SER A 10 5.44 10.72 -6.74
CA SER A 10 5.77 10.72 -5.33
C SER A 10 5.51 9.34 -4.73
N ALA A 11 4.28 8.88 -4.92
CA ALA A 11 3.88 7.58 -4.41
C ALA A 11 4.92 6.53 -4.81
N THR A 12 5.35 5.75 -3.84
CA THR A 12 6.34 4.72 -4.08
C THR A 12 5.69 3.34 -3.99
N ILE A 13 4.70 3.24 -3.12
CA ILE A 13 4.00 1.98 -2.93
C ILE A 13 2.49 2.22 -3.07
N THR A 14 1.81 1.20 -3.58
CA THR A 14 0.38 1.29 -3.77
C THR A 14 -0.30 -0.01 -3.30
N TYR A 15 -1.14 0.13 -2.29
CA TYR A 15 -1.86 -1.01 -1.75
C TYR A 15 -3.26 -1.11 -2.33
N SER A 16 -3.90 -2.24 -2.08
CA SER A 16 -5.25 -2.46 -2.57
C SER A 16 -6.17 -2.87 -1.42
N VAL A 17 -7.22 -2.08 -1.24
CA VAL A 17 -8.18 -2.33 -0.19
C VAL A 17 -9.47 -1.58 -0.48
N LEU A 18 -10.59 -2.23 -0.17
CA LEU A 18 -11.89 -1.63 -0.40
C LEU A 18 -11.99 -0.33 0.41
N GLU A 19 -13.23 0.06 0.68
CA GLU A 19 -13.48 1.28 1.44
C GLU A 19 -14.10 0.95 2.80
N GLU A 20 -14.82 -0.17 2.83
CA GLU A 20 -15.46 -0.61 4.05
C GLU A 20 -14.59 -1.64 4.77
N THR A 21 -13.31 -1.61 4.45
CA THR A 21 -12.36 -2.54 5.06
C THR A 21 -12.67 -2.70 6.55
N ASP A 22 -12.77 -3.96 6.96
CA ASP A 22 -13.05 -4.28 8.35
C ASP A 22 -11.80 -4.04 9.20
N ARG A 23 -12.01 -3.92 10.50
CA ARG A 23 -10.91 -3.69 11.42
C ARG A 23 -10.11 -4.98 11.63
N GLY A 24 -8.80 -4.87 11.44
CA GLY A 24 -7.93 -6.01 11.61
C GLY A 24 -7.73 -6.75 10.29
N SER A 25 -8.12 -6.08 9.21
CA SER A 25 -7.99 -6.65 7.88
C SER A 25 -6.59 -6.34 7.31
N LEU A 26 -6.04 -7.33 6.63
CA LEU A 26 -4.72 -7.18 6.03
C LEU A 26 -4.83 -6.27 4.80
N VAL A 27 -4.23 -5.10 4.91
CA VAL A 27 -4.24 -4.13 3.83
C VAL A 27 -3.28 -4.59 2.73
N GLY A 28 -2.09 -4.99 3.16
CA GLY A 28 -1.08 -5.46 2.23
C GLY A 28 0.25 -5.74 2.96
N ASN A 29 1.23 -6.16 2.18
CA ASN A 29 2.54 -6.46 2.73
C ASN A 29 3.47 -5.27 2.53
N LEU A 30 4.28 -5.02 3.55
CA LEU A 30 5.22 -3.91 3.50
C LEU A 30 6.64 -4.46 3.41
N ALA A 31 6.95 -5.38 4.30
CA ALA A 31 8.27 -5.99 4.33
C ALA A 31 8.44 -6.88 3.09
N LYS A 32 7.33 -7.44 2.65
CA LYS A 32 7.34 -8.31 1.48
C LYS A 32 7.19 -7.47 0.22
N ASP A 33 6.59 -6.29 0.40
CA ASP A 33 6.39 -5.38 -0.71
C ASP A 33 7.74 -4.96 -1.29
N LEU A 34 8.51 -4.27 -0.45
CA LEU A 34 9.82 -3.81 -0.86
C LEU A 34 10.74 -5.01 -1.08
N GLY A 35 10.27 -6.17 -0.64
CA GLY A 35 11.03 -7.39 -0.79
C GLY A 35 12.03 -7.55 0.36
N LEU A 36 11.88 -6.69 1.36
CA LEU A 36 12.76 -6.72 2.51
C LEU A 36 12.34 -7.86 3.46
N SER A 37 13.13 -8.05 4.50
CA SER A 37 12.85 -9.09 5.46
C SER A 37 12.32 -8.47 6.76
N LEU A 38 11.43 -9.21 7.43
CA LEU A 38 10.85 -8.73 8.67
C LEU A 38 11.95 -8.14 9.55
N ARG A 39 13.01 -8.91 9.73
CA ARG A 39 14.13 -8.47 10.54
C ARG A 39 14.52 -7.04 10.17
N GLU A 40 14.81 -6.85 8.88
CA GLU A 40 15.20 -5.54 8.39
C GLU A 40 14.15 -4.49 8.77
N LEU A 41 12.89 -4.89 8.66
CA LEU A 41 11.80 -4.00 8.99
C LEU A 41 11.75 -3.79 10.51
N ILE A 42 12.18 -4.82 11.22
CA ILE A 42 12.19 -4.76 12.68
C ILE A 42 13.38 -3.91 13.14
N THR A 43 14.56 -4.29 12.67
CA THR A 43 15.76 -3.57 13.03
C THR A 43 15.58 -2.07 12.81
N ARG A 44 15.06 -1.73 11.64
CA ARG A 44 14.83 -0.34 11.29
C ARG A 44 13.45 0.10 11.79
N GLY A 45 12.87 -0.73 12.65
CA GLY A 45 11.55 -0.43 13.20
C GLY A 45 10.66 0.24 12.15
N ALA A 46 9.95 -0.59 11.40
CA ALA A 46 9.06 -0.09 10.37
C ALA A 46 7.62 -0.08 10.91
N GLN A 47 7.05 1.12 10.93
CA GLN A 47 5.69 1.29 11.42
C GLN A 47 4.85 2.06 10.40
N ILE A 48 3.56 2.12 10.67
CA ILE A 48 2.64 2.83 9.79
C ILE A 48 2.29 4.19 10.39
N LEU A 49 2.37 5.20 9.56
CA LEU A 49 2.07 6.56 10.00
C LEU A 49 0.81 7.05 9.28
N SER A 50 -0.29 7.10 10.03
CA SER A 50 -1.55 7.55 9.48
C SER A 50 -2.24 8.50 10.47
N LYS A 51 -2.40 9.74 10.04
CA LYS A 51 -3.05 10.74 10.86
C LYS A 51 -2.14 11.07 12.06
N GLY A 52 -2.36 12.24 12.62
CA GLY A 52 -1.58 12.68 13.77
C GLY A 52 -1.89 11.83 15.01
N ASN A 53 -3.17 11.87 15.39
CA ASN A 53 -3.61 11.11 16.55
C ASN A 53 -4.48 9.95 16.09
N LYS A 54 -4.22 8.79 16.68
CA LYS A 54 -4.98 7.59 16.33
C LYS A 54 -4.66 7.19 14.89
N GLN A 55 -3.99 6.05 14.76
CA GLN A 55 -3.62 5.55 13.45
C GLN A 55 -4.66 4.54 12.96
N LEU A 56 -4.87 4.55 11.66
CA LEU A 56 -5.84 3.64 11.05
C LEU A 56 -5.09 2.43 10.49
N LEU A 57 -3.86 2.27 10.93
CA LEU A 57 -3.04 1.15 10.48
C LEU A 57 -2.12 0.71 11.62
N GLN A 58 -1.74 -0.56 11.57
CA GLN A 58 -0.86 -1.12 12.58
C GLN A 58 -0.09 -2.31 12.02
N LEU A 59 1.17 -2.07 11.72
CA LEU A 59 2.03 -3.11 11.16
C LEU A 59 2.49 -4.03 12.30
N GLU A 60 1.94 -5.23 12.32
CA GLU A 60 2.28 -6.20 13.33
C GLU A 60 3.80 -6.39 13.39
N GLN A 61 4.42 -6.27 12.22
CA GLN A 61 5.86 -6.42 12.14
C GLN A 61 6.27 -7.87 12.44
N LYS A 62 5.33 -8.77 12.20
CA LYS A 62 5.58 -10.18 12.46
C LYS A 62 5.76 -10.91 11.13
N SER A 63 4.84 -10.64 10.21
CA SER A 63 4.89 -11.26 8.89
C SER A 63 4.90 -10.18 7.81
N GLY A 64 4.87 -8.93 8.26
CA GLY A 64 4.89 -7.81 7.34
C GLY A 64 3.52 -7.63 6.68
N ASN A 65 2.51 -7.46 7.51
CA ASN A 65 1.16 -7.27 7.01
C ASN A 65 0.54 -6.04 7.69
N LEU A 66 -0.06 -5.19 6.87
CA LEU A 66 -0.70 -3.99 7.37
C LEU A 66 -2.06 -4.34 7.95
N LEU A 67 -2.23 -3.99 9.22
CA LEU A 67 -3.48 -4.26 9.91
C LEU A 67 -4.21 -2.94 10.17
N LEU A 68 -5.52 -2.98 9.98
CA LEU A 68 -6.34 -1.80 10.19
C LEU A 68 -6.63 -1.64 11.69
N LYS A 69 -6.68 -0.40 12.11
CA LYS A 69 -6.95 -0.09 13.51
C LYS A 69 -8.40 -0.42 13.84
N GLU A 70 -9.30 0.27 13.14
CA GLU A 70 -10.72 0.06 13.34
C GLU A 70 -11.45 0.10 12.00
N LYS A 71 -12.78 0.00 12.09
CA LYS A 71 -13.60 0.02 10.90
C LYS A 71 -13.67 1.45 10.35
N LEU A 72 -13.14 1.61 9.14
CA LEU A 72 -13.13 2.91 8.50
C LEU A 72 -14.53 3.53 8.60
N ASP A 73 -14.62 4.78 8.16
CA ASP A 73 -15.89 5.49 8.19
C ASP A 73 -16.33 5.80 6.77
N ARG A 74 -15.61 6.74 6.16
CA ARG A 74 -15.92 7.15 4.79
C ARG A 74 -15.33 8.52 4.50
N GLU A 75 -16.05 9.55 4.92
CA GLU A 75 -15.60 10.92 4.71
C GLU A 75 -14.23 11.14 5.34
N GLU A 76 -14.04 10.50 6.49
CA GLU A 76 -12.79 10.62 7.21
C GLU A 76 -11.61 10.43 6.25
N LEU A 77 -11.70 9.40 5.43
CA LEU A 77 -10.67 9.11 4.46
C LEU A 77 -10.98 9.81 3.14
N CYS A 78 -11.98 9.27 2.45
CA CYS A 78 -12.38 9.84 1.17
C CYS A 78 -13.89 9.61 1.01
N GLY A 79 -14.27 8.33 1.02
CA GLY A 79 -15.66 7.97 0.87
C GLY A 79 -16.24 8.49 -0.44
N SER A 80 -16.22 7.63 -1.45
CA SER A 80 -16.73 7.99 -2.76
C SER A 80 -15.71 8.86 -3.49
N THR A 81 -15.37 9.98 -2.87
CA THR A 81 -14.41 10.90 -3.46
C THR A 81 -13.29 10.13 -4.14
N ASN A 82 -12.73 10.76 -5.18
CA ASN A 82 -11.64 10.14 -5.92
C ASN A 82 -10.35 10.93 -5.68
N PRO A 83 -9.20 10.24 -5.92
CA PRO A 83 -9.24 8.86 -6.37
C PRO A 83 -9.61 7.91 -5.23
N CYS A 84 -9.55 8.45 -4.02
CA CYS A 84 -9.87 7.67 -2.83
C CYS A 84 -8.66 6.83 -2.46
N ILE A 85 -7.62 7.53 -2.01
CA ILE A 85 -6.39 6.87 -1.62
C ILE A 85 -6.01 7.27 -0.19
N LEU A 86 -5.64 6.28 0.60
CA LEU A 86 -5.27 6.53 1.98
C LEU A 86 -3.92 7.25 2.02
N HIS A 87 -3.73 8.05 3.06
CA HIS A 87 -2.49 8.78 3.22
C HIS A 87 -1.71 8.22 4.40
N PHE A 88 -0.58 7.60 4.09
CA PHE A 88 0.27 7.02 5.11
C PHE A 88 1.75 7.08 4.71
N GLN A 89 2.60 6.71 5.65
CA GLN A 89 4.03 6.73 5.41
C GLN A 89 4.73 5.72 6.32
N VAL A 90 5.75 5.08 5.77
CA VAL A 90 6.50 4.09 6.51
C VAL A 90 7.65 4.78 7.27
N LEU A 91 7.57 4.70 8.59
CA LEU A 91 8.58 5.30 9.44
C LEU A 91 9.66 4.27 9.76
N LEU A 92 10.91 4.73 9.69
CA LEU A 92 12.04 3.85 9.97
C LEU A 92 12.93 4.51 11.02
N LYS A 93 13.54 3.67 11.85
CA LYS A 93 14.43 4.16 12.89
C LYS A 93 15.87 4.08 12.41
N SER A 94 16.77 4.58 13.24
CA SER A 94 18.19 4.56 12.92
C SER A 94 18.54 3.29 12.14
N PRO A 95 18.87 3.48 10.85
CA PRO A 95 18.90 4.81 10.26
C PRO A 95 17.48 5.32 10.00
N VAL A 96 17.18 6.47 10.60
CA VAL A 96 15.88 7.07 10.43
C VAL A 96 15.60 7.29 8.95
N GLN A 97 14.45 6.78 8.51
CA GLN A 97 14.06 6.91 7.12
C GLN A 97 12.54 6.87 6.99
N PHE A 98 12.05 7.50 5.94
CA PHE A 98 10.61 7.55 5.68
C PHE A 98 10.31 7.28 4.21
N ILE A 99 9.15 6.67 3.98
CA ILE A 99 8.73 6.36 2.63
C ILE A 99 7.36 6.98 2.37
N GLN A 100 7.04 7.13 1.09
CA GLN A 100 5.77 7.72 0.70
C GLN A 100 4.91 6.67 0.00
N GLY A 101 4.26 5.84 0.81
CA GLY A 101 3.40 4.79 0.26
C GLY A 101 2.02 5.35 -0.11
N GLU A 102 1.16 4.45 -0.55
CA GLU A 102 -0.19 4.83 -0.94
C GLU A 102 -1.13 3.63 -0.84
N ILE A 103 -2.41 3.93 -0.67
CA ILE A 103 -3.42 2.89 -0.57
C ILE A 103 -4.48 3.10 -1.65
N GLN A 104 -4.48 2.21 -2.62
CA GLN A 104 -5.43 2.28 -3.71
C GLN A 104 -6.69 1.48 -3.38
N LEU A 105 -7.82 2.00 -3.82
CA LEU A 105 -9.09 1.34 -3.58
C LEU A 105 -9.16 0.05 -4.39
N GLN A 106 -9.79 -0.94 -3.80
CA GLN A 106 -9.94 -2.24 -4.45
C GLN A 106 -10.74 -2.09 -5.75
N ASP A 107 -10.05 -1.68 -6.80
CA ASP A 107 -10.68 -1.50 -8.09
C ASP A 107 -10.34 -2.68 -8.99
N VAL A 108 -10.61 -3.87 -8.47
CA VAL A 108 -10.34 -5.09 -9.22
C VAL A 108 -11.51 -5.37 -10.16
N ASN A 109 -11.23 -5.31 -11.45
CA ASN A 109 -12.24 -5.57 -12.45
C ASN A 109 -11.60 -5.55 -13.84
N ASP A 110 -10.75 -6.53 -14.08
CA ASP A 110 -10.06 -6.64 -15.35
C ASP A 110 -9.46 -8.04 -15.49
N HIS A 111 -8.77 -8.46 -14.44
CA HIS A 111 -8.14 -9.76 -14.43
C HIS A 111 -7.01 -9.81 -15.45
N ALA A 112 -7.40 -9.79 -16.72
CA ALA A 112 -6.43 -9.82 -17.80
C ALA A 112 -5.76 -11.21 -17.85
N PRO A 113 -5.37 -11.61 -19.09
CA PRO A 113 -4.74 -12.91 -19.29
C PRO A 113 -3.29 -12.88 -18.80
N GLU A 114 -2.88 -14.00 -18.23
CA GLU A 114 -1.52 -14.12 -17.71
C GLU A 114 -1.20 -15.58 -17.39
N PHE A 115 0.06 -15.93 -17.55
CA PHE A 115 0.50 -17.29 -17.30
C PHE A 115 2.02 -17.41 -17.48
N MET A 116 2.75 -17.15 -16.41
CA MET A 116 4.20 -17.24 -16.45
C MET A 116 4.77 -16.30 -17.50
N GLU A 117 6.07 -16.03 -17.37
CA GLU A 117 6.75 -15.15 -18.31
C GLU A 117 8.23 -15.51 -18.38
N ASP A 118 8.77 -15.41 -19.59
CA ASP A 118 10.16 -15.71 -19.82
C ASP A 118 10.50 -15.51 -21.29
N GLU A 119 11.22 -14.43 -21.57
CA GLU A 119 11.61 -14.11 -22.94
C GLU A 119 12.93 -13.36 -22.95
N SER A 120 13.75 -13.67 -23.94
CA SER A 120 15.05 -13.03 -24.07
C SER A 120 15.81 -13.64 -25.26
N GLY A 121 16.18 -12.76 -26.19
CA GLY A 121 16.90 -13.19 -27.36
C GLY A 121 17.24 -12.01 -28.26
N PRO A 122 18.57 -11.70 -28.34
CA PRO A 122 19.04 -10.60 -29.16
C PRO A 122 19.00 -10.96 -30.64
N SER A 123 19.46 -10.02 -31.46
CA SER A 123 19.48 -10.22 -32.89
C SER A 123 20.38 -9.18 -33.57
N SER A 124 20.95 -9.56 -34.69
CA SER A 124 21.83 -8.67 -35.43
C SER A 124 22.38 -9.40 -36.67
N GLY A 125 22.74 -8.61 -37.66
CA GLY A 125 23.29 -9.15 -38.89
C GLY A 125 22.75 -8.42 -40.11
N GLY A 1 28.24 5.26 -21.71
CA GLY A 1 27.25 5.72 -20.75
C GLY A 1 26.29 6.73 -21.38
N SER A 2 26.74 7.96 -21.45
CA SER A 2 25.94 9.03 -22.03
C SER A 2 24.82 9.44 -21.06
N SER A 3 23.99 8.46 -20.72
CA SER A 3 22.89 8.71 -19.80
C SER A 3 21.95 9.78 -20.38
N GLY A 4 20.72 9.76 -19.87
CA GLY A 4 19.72 10.71 -20.34
C GLY A 4 18.32 10.31 -19.86
N SER A 5 17.96 10.81 -18.69
CA SER A 5 16.66 10.51 -18.11
C SER A 5 16.38 11.46 -16.95
N SER A 6 15.14 11.42 -16.48
CA SER A 6 14.73 12.26 -15.37
C SER A 6 13.27 11.99 -15.03
N GLY A 7 13.03 11.77 -13.73
CA GLY A 7 11.68 11.49 -13.26
C GLY A 7 11.39 12.27 -11.97
N ALA A 8 10.16 12.12 -11.49
CA ALA A 8 9.75 12.79 -10.28
C ALA A 8 8.84 11.86 -9.46
N GLY A 9 7.75 11.46 -10.10
CA GLY A 9 6.79 10.57 -9.45
C GLY A 9 6.26 11.18 -8.15
N SER A 10 5.64 10.34 -7.35
CA SER A 10 5.09 10.78 -6.08
C SER A 10 4.83 9.58 -5.17
N ALA A 11 4.11 8.61 -5.71
CA ALA A 11 3.79 7.40 -4.97
C ALA A 11 4.89 6.36 -5.19
N THR A 12 5.38 5.81 -4.08
CA THR A 12 6.42 4.81 -4.14
C THR A 12 5.82 3.41 -4.05
N ILE A 13 4.73 3.31 -3.31
CA ILE A 13 4.06 2.04 -3.14
C ILE A 13 2.55 2.24 -3.29
N THR A 14 1.88 1.19 -3.77
CA THR A 14 0.44 1.25 -3.97
C THR A 14 -0.21 -0.03 -3.46
N TYR A 15 -1.05 0.13 -2.44
CA TYR A 15 -1.74 -1.00 -1.86
C TYR A 15 -3.15 -1.15 -2.44
N SER A 16 -3.72 -2.32 -2.26
CA SER A 16 -5.05 -2.61 -2.77
C SER A 16 -5.90 -3.24 -1.66
N VAL A 17 -6.83 -2.44 -1.14
CA VAL A 17 -7.71 -2.91 -0.08
C VAL A 17 -9.15 -2.51 -0.42
N LEU A 18 -10.02 -3.51 -0.42
CA LEU A 18 -11.42 -3.29 -0.72
C LEU A 18 -11.98 -2.25 0.25
N GLU A 19 -13.31 -2.18 0.29
CA GLU A 19 -13.99 -1.24 1.17
C GLU A 19 -14.47 -1.95 2.44
N GLU A 20 -14.70 -3.26 2.29
CA GLU A 20 -15.16 -4.06 3.41
C GLU A 20 -14.00 -4.39 4.35
N THR A 21 -13.39 -3.34 4.88
CA THR A 21 -12.27 -3.49 5.78
C THR A 21 -12.72 -3.25 7.23
N ASP A 22 -12.41 -4.21 8.09
CA ASP A 22 -12.76 -4.12 9.49
C ASP A 22 -11.55 -4.46 10.34
N ARG A 23 -11.57 -3.96 11.57
CA ARG A 23 -10.48 -4.20 12.51
C ARG A 23 -10.00 -5.66 12.38
N GLY A 24 -8.86 -5.80 11.73
CA GLY A 24 -8.27 -7.12 11.53
C GLY A 24 -8.32 -7.53 10.05
N SER A 25 -7.96 -6.58 9.20
CA SER A 25 -7.95 -6.82 7.77
C SER A 25 -6.56 -6.55 7.19
N LEU A 26 -6.14 -7.44 6.30
CA LEU A 26 -4.84 -7.31 5.67
C LEU A 26 -4.94 -6.31 4.52
N VAL A 27 -4.27 -5.17 4.69
CA VAL A 27 -4.29 -4.13 3.68
C VAL A 27 -3.33 -4.52 2.54
N GLY A 28 -2.18 -5.05 2.94
CA GLY A 28 -1.18 -5.47 1.97
C GLY A 28 0.16 -5.77 2.66
N ASN A 29 1.13 -6.17 1.85
CA ASN A 29 2.44 -6.50 2.36
C ASN A 29 3.33 -5.26 2.28
N LEU A 30 4.12 -5.08 3.33
CA LEU A 30 5.03 -3.93 3.41
C LEU A 30 6.46 -4.43 3.22
N ALA A 31 6.90 -5.24 4.16
CA ALA A 31 8.25 -5.79 4.12
C ALA A 31 8.42 -6.63 2.85
N LYS A 32 7.35 -7.31 2.49
CA LYS A 32 7.36 -8.16 1.31
C LYS A 32 7.21 -7.28 0.06
N ASP A 33 6.68 -6.08 0.28
CA ASP A 33 6.47 -5.14 -0.80
C ASP A 33 7.83 -4.63 -1.29
N LEU A 34 8.65 -4.23 -0.34
CA LEU A 34 9.98 -3.71 -0.65
C LEU A 34 10.97 -4.87 -0.68
N GLY A 35 10.43 -6.08 -0.70
CA GLY A 35 11.26 -7.27 -0.74
C GLY A 35 12.18 -7.34 0.48
N LEU A 36 11.87 -6.51 1.46
CA LEU A 36 12.66 -6.46 2.68
C LEU A 36 12.30 -7.67 3.56
N SER A 37 13.11 -7.87 4.58
CA SER A 37 12.90 -8.98 5.50
C SER A 37 12.34 -8.45 6.82
N LEU A 38 11.54 -9.29 7.47
CA LEU A 38 10.95 -8.93 8.74
C LEU A 38 12.02 -8.37 9.66
N ARG A 39 13.01 -9.21 9.94
CA ARG A 39 14.11 -8.80 10.81
C ARG A 39 14.54 -7.37 10.48
N GLU A 40 14.72 -7.12 9.20
CA GLU A 40 15.14 -5.79 8.74
C GLU A 40 14.09 -4.75 9.14
N LEU A 41 12.84 -5.06 8.85
CA LEU A 41 11.75 -4.16 9.18
C LEU A 41 11.65 -4.00 10.69
N ILE A 42 12.12 -5.03 11.39
CA ILE A 42 12.10 -5.01 12.85
C ILE A 42 13.26 -4.18 13.37
N THR A 43 14.46 -4.52 12.89
CA THR A 43 15.66 -3.81 13.29
C THR A 43 15.51 -2.31 13.03
N ARG A 44 15.01 -1.99 11.84
CA ARG A 44 14.81 -0.60 11.46
C ARG A 44 13.48 -0.09 12.01
N GLY A 45 12.84 -0.93 12.80
CA GLY A 45 11.56 -0.58 13.39
C GLY A 45 10.68 0.17 12.39
N ALA A 46 9.84 -0.60 11.70
CA ALA A 46 8.95 -0.04 10.71
C ALA A 46 7.54 0.07 11.31
N GLN A 47 6.95 1.24 11.12
CA GLN A 47 5.61 1.49 11.63
C GLN A 47 4.78 2.27 10.59
N ILE A 48 3.47 2.25 10.81
CA ILE A 48 2.57 2.95 9.91
C ILE A 48 2.19 4.30 10.52
N LEU A 49 2.30 5.33 9.70
CA LEU A 49 1.97 6.68 10.14
C LEU A 49 0.74 7.18 9.39
N SER A 50 -0.37 7.24 10.11
CA SER A 50 -1.62 7.69 9.53
C SER A 50 -2.32 8.66 10.48
N LYS A 51 -2.67 9.82 9.95
CA LYS A 51 -3.34 10.84 10.74
C LYS A 51 -2.41 11.30 11.87
N GLY A 52 -2.49 12.59 12.15
CA GLY A 52 -1.66 13.17 13.20
C GLY A 52 -1.62 12.26 14.44
N ASN A 53 -2.70 12.30 15.19
CA ASN A 53 -2.80 11.48 16.38
C ASN A 53 -4.06 10.60 16.30
N LYS A 54 -3.85 9.37 15.86
CA LYS A 54 -4.93 8.43 15.72
C LYS A 54 -4.40 7.10 15.19
N GLN A 55 -3.88 7.16 13.97
CA GLN A 55 -3.33 5.97 13.33
C GLN A 55 -4.41 4.91 13.17
N LEU A 56 -4.88 4.77 11.94
CA LEU A 56 -5.91 3.79 11.64
C LEU A 56 -5.26 2.54 11.05
N LEU A 57 -3.94 2.56 11.01
CA LEU A 57 -3.19 1.43 10.49
C LEU A 57 -2.25 0.89 11.58
N GLN A 58 -1.86 -0.36 11.40
CA GLN A 58 -0.96 -1.00 12.36
C GLN A 58 -0.19 -2.13 11.68
N LEU A 59 1.12 -1.93 11.59
CA LEU A 59 1.98 -2.92 10.97
C LEU A 59 2.28 -4.03 11.97
N GLU A 60 1.78 -5.22 11.67
CA GLU A 60 1.99 -6.36 12.54
C GLU A 60 3.41 -6.37 13.08
N GLN A 61 4.37 -6.33 12.16
CA GLN A 61 5.77 -6.33 12.54
C GLN A 61 6.27 -7.76 12.73
N LYS A 62 5.48 -8.54 13.46
CA LYS A 62 5.83 -9.92 13.72
C LYS A 62 5.62 -10.75 12.45
N SER A 63 4.82 -10.19 11.55
CA SER A 63 4.53 -10.87 10.29
C SER A 63 5.08 -10.05 9.12
N GLY A 64 4.78 -8.76 9.16
CA GLY A 64 5.25 -7.86 8.10
C GLY A 64 4.11 -7.51 7.14
N ASN A 65 2.94 -7.25 7.72
CA ASN A 65 1.77 -6.91 6.93
C ASN A 65 1.13 -5.66 7.49
N LEU A 66 0.39 -4.97 6.64
CA LEU A 66 -0.29 -3.74 7.04
C LEU A 66 -1.69 -4.09 7.54
N LEU A 67 -1.86 -3.97 8.85
CA LEU A 67 -3.15 -4.26 9.45
C LEU A 67 -3.87 -2.95 9.77
N LEU A 68 -5.19 -3.00 9.72
CA LEU A 68 -6.00 -1.83 10.01
C LEU A 68 -6.31 -1.78 11.51
N LYS A 69 -6.84 -0.64 11.93
CA LYS A 69 -7.18 -0.45 13.33
C LYS A 69 -8.68 -0.70 13.53
N GLU A 70 -9.47 -0.01 12.74
CA GLU A 70 -10.92 -0.15 12.81
C GLU A 70 -11.56 0.21 11.47
N LYS A 71 -12.87 0.00 11.41
CA LYS A 71 -13.61 0.30 10.19
C LYS A 71 -13.27 1.72 9.73
N LEU A 72 -13.00 1.84 8.43
CA LEU A 72 -12.68 3.12 7.84
C LEU A 72 -13.96 3.92 7.60
N ASP A 73 -14.34 4.69 8.61
CA ASP A 73 -15.55 5.50 8.51
C ASP A 73 -15.62 6.12 7.12
N ARG A 74 -16.48 5.55 6.29
CA ARG A 74 -16.66 6.04 4.94
C ARG A 74 -17.12 7.50 4.96
N GLU A 75 -18.07 7.77 5.85
CA GLU A 75 -18.60 9.11 5.98
C GLU A 75 -17.49 10.11 6.30
N GLU A 76 -16.80 9.85 7.40
CA GLU A 76 -15.71 10.72 7.82
C GLU A 76 -14.75 10.97 6.66
N LEU A 77 -14.20 9.88 6.15
CA LEU A 77 -13.27 9.97 5.03
C LEU A 77 -14.00 10.55 3.81
N CYS A 78 -14.80 9.70 3.19
CA CYS A 78 -15.56 10.11 2.01
C CYS A 78 -16.54 8.98 1.66
N GLY A 79 -17.79 9.18 2.06
CA GLY A 79 -18.82 8.20 1.79
C GLY A 79 -18.77 7.74 0.33
N SER A 80 -18.38 6.48 0.16
CA SER A 80 -18.28 5.90 -1.17
C SER A 80 -17.77 6.96 -2.16
N THR A 81 -16.46 7.14 -2.16
CA THR A 81 -15.84 8.10 -3.06
C THR A 81 -14.66 7.48 -3.80
N ASN A 82 -14.22 8.16 -4.85
CA ASN A 82 -13.10 7.68 -5.63
C ASN A 82 -12.15 8.84 -5.92
N PRO A 83 -10.84 8.50 -6.01
CA PRO A 83 -10.42 7.12 -5.84
C PRO A 83 -10.46 6.71 -4.36
N CYS A 84 -10.26 7.70 -3.51
CA CYS A 84 -10.27 7.46 -2.07
C CYS A 84 -9.01 6.67 -1.70
N ILE A 85 -7.90 7.39 -1.67
CA ILE A 85 -6.62 6.77 -1.34
C ILE A 85 -6.20 7.21 0.07
N LEU A 86 -5.82 6.23 0.86
CA LEU A 86 -5.39 6.49 2.22
C LEU A 86 -4.01 7.15 2.20
N HIS A 87 -3.76 7.96 3.22
CA HIS A 87 -2.48 8.65 3.33
C HIS A 87 -1.69 8.08 4.51
N PHE A 88 -0.59 7.43 4.18
CA PHE A 88 0.27 6.84 5.19
C PHE A 88 1.75 6.97 4.82
N GLN A 89 2.59 6.61 5.77
CA GLN A 89 4.03 6.69 5.55
C GLN A 89 4.76 5.67 6.44
N VAL A 90 5.75 5.03 5.84
CA VAL A 90 6.53 4.03 6.57
C VAL A 90 7.69 4.72 7.29
N LEU A 91 7.62 4.68 8.61
CA LEU A 91 8.66 5.30 9.42
C LEU A 91 9.74 4.26 9.74
N LEU A 92 10.99 4.69 9.61
CA LEU A 92 12.11 3.82 9.88
C LEU A 92 13.07 4.50 10.85
N LYS A 93 13.71 3.69 11.68
CA LYS A 93 14.65 4.21 12.66
C LYS A 93 16.08 4.04 12.13
N SER A 94 17.02 4.57 12.89
CA SER A 94 18.42 4.48 12.51
C SER A 94 18.69 3.17 11.76
N PRO A 95 18.95 3.32 10.43
CA PRO A 95 18.98 4.63 9.81
C PRO A 95 17.56 5.17 9.62
N VAL A 96 17.33 6.34 10.19
CA VAL A 96 16.02 6.98 10.09
C VAL A 96 15.70 7.23 8.62
N GLN A 97 14.45 6.96 8.27
CA GLN A 97 14.00 7.15 6.89
C GLN A 97 12.49 7.00 6.80
N PHE A 98 11.89 7.79 5.93
CA PHE A 98 10.45 7.75 5.74
C PHE A 98 10.10 7.48 4.27
N ILE A 99 8.88 7.00 4.07
CA ILE A 99 8.41 6.68 2.74
C ILE A 99 7.03 7.31 2.53
N GLN A 100 6.61 7.36 1.27
CA GLN A 100 5.31 7.92 0.92
C GLN A 100 4.56 6.98 -0.02
N GLY A 101 3.96 5.96 0.58
CA GLY A 101 3.21 4.99 -0.19
C GLY A 101 1.77 5.47 -0.44
N GLU A 102 0.95 4.55 -0.93
CA GLU A 102 -0.45 4.86 -1.20
C GLU A 102 -1.33 3.64 -0.96
N ILE A 103 -2.62 3.89 -0.81
CA ILE A 103 -3.57 2.83 -0.58
C ILE A 103 -4.74 2.98 -1.53
N GLN A 104 -4.76 2.12 -2.55
CA GLN A 104 -5.82 2.15 -3.53
C GLN A 104 -6.96 1.21 -3.13
N LEU A 105 -8.18 1.67 -3.36
CA LEU A 105 -9.35 0.87 -3.02
C LEU A 105 -9.75 0.01 -4.23
N GLN A 106 -9.92 -1.27 -3.96
CA GLN A 106 -10.30 -2.20 -5.01
C GLN A 106 -11.62 -1.77 -5.66
N ASP A 107 -11.59 -1.67 -6.98
CA ASP A 107 -12.77 -1.27 -7.72
C ASP A 107 -13.71 -2.47 -7.87
N VAL A 108 -15.00 -2.20 -7.73
CA VAL A 108 -16.00 -3.24 -7.83
C VAL A 108 -16.45 -3.36 -9.30
N ASN A 109 -15.83 -4.31 -9.99
CA ASN A 109 -16.16 -4.53 -11.39
C ASN A 109 -15.25 -5.64 -11.95
N ASP A 110 -15.65 -6.16 -13.10
CA ASP A 110 -14.90 -7.22 -13.74
C ASP A 110 -13.74 -6.61 -14.53
N HIS A 111 -12.53 -6.86 -14.04
CA HIS A 111 -11.34 -6.33 -14.70
C HIS A 111 -10.12 -7.14 -14.25
N ALA A 112 -9.02 -6.95 -14.97
CA ALA A 112 -7.80 -7.66 -14.67
C ALA A 112 -6.70 -7.20 -15.64
N PRO A 113 -5.44 -7.24 -15.13
CA PRO A 113 -4.29 -6.84 -15.93
C PRO A 113 -3.95 -7.90 -16.98
N GLU A 114 -3.25 -7.47 -18.01
CA GLU A 114 -2.86 -8.37 -19.09
C GLU A 114 -2.18 -7.60 -20.21
N PHE A 115 -0.91 -7.30 -20.01
CA PHE A 115 -0.14 -6.57 -21.00
C PHE A 115 1.34 -6.49 -20.60
N MET A 116 2.19 -6.73 -21.59
CA MET A 116 3.63 -6.69 -21.35
C MET A 116 4.39 -6.90 -22.66
N GLU A 117 5.48 -6.15 -22.80
CA GLU A 117 6.31 -6.24 -23.98
C GLU A 117 7.46 -5.24 -23.91
N ASP A 118 8.57 -5.61 -24.53
CA ASP A 118 9.75 -4.76 -24.54
C ASP A 118 10.81 -5.36 -25.47
N GLU A 119 11.46 -4.49 -26.22
CA GLU A 119 12.49 -4.91 -27.14
C GLU A 119 13.06 -3.72 -27.90
N SER A 120 14.16 -3.96 -28.59
CA SER A 120 14.82 -2.90 -29.35
C SER A 120 15.42 -1.86 -28.41
N GLY A 121 16.51 -1.26 -28.85
CA GLY A 121 17.18 -0.24 -28.06
C GLY A 121 18.00 0.69 -28.95
N PRO A 122 18.70 1.65 -28.29
CA PRO A 122 19.54 2.60 -29.00
C PRO A 122 20.83 1.95 -29.49
N SER A 123 21.45 2.61 -30.46
CA SER A 123 22.68 2.10 -31.02
C SER A 123 23.41 3.22 -31.78
N SER A 124 24.74 3.12 -31.78
CA SER A 124 25.56 4.11 -32.46
C SER A 124 25.30 5.50 -31.86
N GLY A 125 26.15 6.44 -32.25
CA GLY A 125 26.03 7.80 -31.76
C GLY A 125 27.40 8.38 -31.41
N GLY A 1 24.12 13.81 -31.71
CA GLY A 1 23.29 12.79 -31.08
C GLY A 1 21.88 13.32 -30.83
N SER A 2 21.18 12.61 -29.95
CA SER A 2 19.81 13.00 -29.61
C SER A 2 19.66 13.08 -28.09
N SER A 3 18.52 13.60 -27.66
CA SER A 3 18.23 13.74 -26.25
C SER A 3 17.21 12.69 -25.81
N GLY A 4 17.05 12.58 -24.50
CA GLY A 4 16.11 11.63 -23.94
C GLY A 4 14.86 12.34 -23.41
N SER A 5 14.31 11.78 -22.33
CA SER A 5 13.12 12.34 -21.72
C SER A 5 13.19 12.16 -20.20
N SER A 6 12.25 12.80 -19.52
CA SER A 6 12.19 12.71 -18.07
C SER A 6 10.82 12.18 -17.63
N GLY A 7 10.72 11.89 -16.35
CA GLY A 7 9.49 11.38 -15.78
C GLY A 7 9.10 12.13 -14.51
N ALA A 8 8.26 11.49 -13.72
CA ALA A 8 7.81 12.08 -12.47
C ALA A 8 7.00 11.05 -11.67
N GLY A 9 6.68 11.42 -10.44
CA GLY A 9 5.92 10.54 -9.58
C GLY A 9 6.25 10.80 -8.11
N SER A 10 5.34 10.36 -7.24
CA SER A 10 5.52 10.54 -5.82
C SER A 10 5.33 9.20 -5.09
N ALA A 11 4.11 8.68 -5.20
CA ALA A 11 3.79 7.41 -4.57
C ALA A 11 4.87 6.39 -4.90
N THR A 12 5.35 5.72 -3.86
CA THR A 12 6.38 4.71 -4.03
C THR A 12 5.78 3.32 -3.96
N ILE A 13 4.73 3.20 -3.15
CA ILE A 13 4.05 1.93 -2.99
C ILE A 13 2.55 2.12 -3.20
N THR A 14 1.91 1.06 -3.68
CA THR A 14 0.49 1.10 -3.94
C THR A 14 -0.19 -0.18 -3.43
N TYR A 15 -1.07 0.01 -2.46
CA TYR A 15 -1.79 -1.12 -1.88
C TYR A 15 -3.21 -1.22 -2.44
N SER A 16 -3.81 -2.38 -2.23
CA SER A 16 -5.16 -2.62 -2.71
C SER A 16 -6.07 -2.98 -1.53
N VAL A 17 -7.04 -2.12 -1.28
CA VAL A 17 -7.98 -2.33 -0.20
C VAL A 17 -9.23 -1.47 -0.43
N LEU A 18 -10.36 -1.99 0.03
CA LEU A 18 -11.62 -1.29 -0.12
C LEU A 18 -11.55 0.04 0.64
N GLU A 19 -12.72 0.64 0.84
CA GLU A 19 -12.81 1.90 1.53
C GLU A 19 -13.39 1.69 2.93
N GLU A 20 -14.17 0.62 3.06
CA GLU A 20 -14.80 0.30 4.33
C GLU A 20 -14.16 -0.94 4.93
N THR A 21 -12.91 -1.17 4.56
CA THR A 21 -12.17 -2.32 5.05
C THR A 21 -12.40 -2.49 6.56
N ASP A 22 -12.77 -3.71 6.94
CA ASP A 22 -13.02 -4.01 8.33
C ASP A 22 -11.74 -3.81 9.14
N ARG A 23 -11.91 -3.73 10.44
CA ARG A 23 -10.77 -3.54 11.33
C ARG A 23 -10.05 -4.87 11.55
N GLY A 24 -8.72 -4.78 11.64
CA GLY A 24 -7.91 -5.96 11.84
C GLY A 24 -7.74 -6.75 10.53
N SER A 25 -7.93 -6.05 9.43
CA SER A 25 -7.80 -6.67 8.13
C SER A 25 -6.42 -6.37 7.53
N LEU A 26 -5.92 -7.33 6.77
CA LEU A 26 -4.62 -7.19 6.15
C LEU A 26 -4.75 -6.32 4.90
N VAL A 27 -4.13 -5.15 4.96
CA VAL A 27 -4.17 -4.22 3.85
C VAL A 27 -3.27 -4.74 2.73
N GLY A 28 -2.07 -5.13 3.10
CA GLY A 28 -1.10 -5.65 2.14
C GLY A 28 0.24 -5.92 2.81
N ASN A 29 1.15 -6.49 2.02
CA ASN A 29 2.47 -6.82 2.52
C ASN A 29 3.40 -5.61 2.30
N LEU A 30 4.10 -5.24 3.36
CA LEU A 30 5.02 -4.13 3.29
C LEU A 30 6.45 -4.65 3.17
N ALA A 31 6.87 -5.38 4.20
CA ALA A 31 8.20 -5.95 4.23
C ALA A 31 8.45 -6.72 2.92
N LYS A 32 7.43 -7.47 2.52
CA LYS A 32 7.53 -8.26 1.30
C LYS A 32 7.46 -7.32 0.08
N ASP A 33 6.59 -6.33 0.18
CA ASP A 33 6.42 -5.37 -0.90
C ASP A 33 7.80 -4.92 -1.38
N LEU A 34 8.53 -4.30 -0.48
CA LEU A 34 9.86 -3.82 -0.80
C LEU A 34 10.80 -5.00 -1.00
N GLY A 35 10.42 -6.13 -0.40
CA GLY A 35 11.22 -7.33 -0.49
C GLY A 35 12.23 -7.42 0.65
N LEU A 36 11.98 -6.62 1.68
CA LEU A 36 12.88 -6.60 2.83
C LEU A 36 12.46 -7.70 3.80
N SER A 37 13.47 -8.29 4.44
CA SER A 37 13.22 -9.36 5.40
C SER A 37 12.64 -8.79 6.68
N LEU A 38 11.73 -9.56 7.27
CA LEU A 38 11.09 -9.15 8.51
C LEU A 38 12.13 -8.51 9.43
N ARG A 39 13.14 -9.28 9.77
CA ARG A 39 14.20 -8.80 10.63
C ARG A 39 14.53 -7.35 10.31
N GLU A 40 14.84 -7.11 9.04
CA GLU A 40 15.18 -5.78 8.58
C GLU A 40 14.09 -4.79 9.00
N LEU A 41 12.86 -5.11 8.62
CA LEU A 41 11.72 -4.27 8.95
C LEU A 41 11.64 -4.10 10.47
N ILE A 42 12.18 -5.08 11.17
CA ILE A 42 12.16 -5.06 12.62
C ILE A 42 13.30 -4.16 13.13
N THR A 43 14.51 -4.49 12.69
CA THR A 43 15.68 -3.73 13.08
C THR A 43 15.48 -2.24 12.78
N ARG A 44 14.96 -1.98 11.59
CA ARG A 44 14.72 -0.61 11.17
C ARG A 44 13.37 -0.12 11.70
N GLY A 45 12.77 -0.96 12.54
CA GLY A 45 11.48 -0.63 13.13
C GLY A 45 10.59 0.11 12.13
N ALA A 46 9.80 -0.65 11.40
CA ALA A 46 8.90 -0.08 10.42
C ALA A 46 7.48 -0.03 10.99
N GLN A 47 6.90 1.16 10.92
CA GLN A 47 5.55 1.36 11.43
C GLN A 47 4.73 2.18 10.44
N ILE A 48 3.42 2.06 10.56
CA ILE A 48 2.51 2.79 9.69
C ILE A 48 2.10 4.11 10.35
N LEU A 49 2.23 5.19 9.59
CA LEU A 49 1.89 6.50 10.09
C LEU A 49 0.64 7.00 9.36
N SER A 50 -0.47 7.02 10.10
CA SER A 50 -1.73 7.48 9.54
C SER A 50 -2.44 8.38 10.54
N LYS A 51 -2.82 9.56 10.06
CA LYS A 51 -3.50 10.53 10.89
C LYS A 51 -2.61 10.90 12.08
N GLY A 52 -2.88 12.07 12.65
CA GLY A 52 -2.11 12.54 13.79
C GLY A 52 -2.41 11.70 15.03
N ASN A 53 -3.67 11.71 15.43
CA ASN A 53 -4.09 10.95 16.60
C ASN A 53 -4.96 9.78 16.15
N LYS A 54 -4.66 8.61 16.71
CA LYS A 54 -5.40 7.40 16.38
C LYS A 54 -5.11 7.01 14.93
N GLN A 55 -4.17 6.09 14.79
CA GLN A 55 -3.78 5.61 13.47
C GLN A 55 -4.84 4.65 12.92
N LEU A 56 -4.83 4.51 11.60
CA LEU A 56 -5.78 3.62 10.94
C LEU A 56 -5.03 2.41 10.37
N LEU A 57 -3.78 2.26 10.80
CA LEU A 57 -2.95 1.17 10.35
C LEU A 57 -2.00 0.75 11.47
N GLN A 58 -1.58 -0.50 11.41
CA GLN A 58 -0.66 -1.03 12.41
C GLN A 58 0.13 -2.20 11.83
N LEU A 59 1.41 -1.94 11.57
CA LEU A 59 2.29 -2.96 11.02
C LEU A 59 2.74 -3.89 12.15
N GLU A 60 2.05 -5.03 12.24
CA GLU A 60 2.38 -6.01 13.26
C GLU A 60 3.89 -6.24 13.31
N GLN A 61 4.53 -6.05 12.18
CA GLN A 61 5.97 -6.23 12.08
C GLN A 61 6.34 -7.68 12.39
N LYS A 62 5.39 -8.57 12.13
CA LYS A 62 5.61 -9.99 12.36
C LYS A 62 5.78 -10.70 11.03
N SER A 63 4.87 -10.42 10.12
CA SER A 63 4.91 -11.03 8.80
C SER A 63 4.85 -9.95 7.72
N GLY A 64 5.07 -8.72 8.15
CA GLY A 64 5.05 -7.58 7.23
C GLY A 64 3.68 -7.43 6.59
N ASN A 65 2.66 -7.28 7.45
CA ASN A 65 1.30 -7.12 6.97
C ASN A 65 0.69 -5.88 7.62
N LEU A 66 0.00 -5.10 6.80
CA LEU A 66 -0.64 -3.89 7.29
C LEU A 66 -2.00 -4.25 7.90
N LEU A 67 -2.17 -3.87 9.16
CA LEU A 67 -3.40 -4.14 9.86
C LEU A 67 -4.11 -2.82 10.15
N LEU A 68 -5.43 -2.84 9.97
CA LEU A 68 -6.24 -1.66 10.22
C LEU A 68 -6.50 -1.52 11.72
N LYS A 69 -6.51 -0.28 12.17
CA LYS A 69 -6.75 0.00 13.58
C LYS A 69 -8.22 -0.28 13.91
N GLU A 70 -9.09 0.37 13.16
CA GLU A 70 -10.52 0.21 13.36
C GLU A 70 -11.26 0.31 12.02
N LYS A 71 -12.58 0.23 12.09
CA LYS A 71 -13.42 0.31 10.91
C LYS A 71 -13.29 1.71 10.30
N LEU A 72 -12.65 1.76 9.15
CA LEU A 72 -12.46 3.03 8.45
C LEU A 72 -13.81 3.69 8.22
N ASP A 73 -13.86 4.99 8.47
CA ASP A 73 -15.08 5.76 8.30
C ASP A 73 -15.34 5.95 6.80
N ARG A 74 -16.62 5.91 6.45
CA ARG A 74 -17.03 6.08 5.07
C ARG A 74 -17.15 7.57 4.73
N GLU A 75 -18.22 8.17 5.25
CA GLU A 75 -18.48 9.58 5.02
C GLU A 75 -17.22 10.40 5.29
N GLU A 76 -16.73 10.27 6.52
CA GLU A 76 -15.53 10.99 6.92
C GLU A 76 -14.51 11.02 5.77
N LEU A 77 -14.03 9.84 5.42
CA LEU A 77 -13.06 9.72 4.35
C LEU A 77 -13.71 10.11 3.02
N CYS A 78 -14.50 9.19 2.49
CA CYS A 78 -15.19 9.43 1.23
C CYS A 78 -16.29 8.38 1.08
N GLY A 79 -17.50 8.76 1.47
CA GLY A 79 -18.63 7.87 1.37
C GLY A 79 -18.56 7.02 0.11
N SER A 80 -18.23 7.67 -0.99
CA SER A 80 -18.12 7.00 -2.27
C SER A 80 -17.53 7.94 -3.32
N THR A 81 -16.23 7.79 -3.51
CA THR A 81 -15.52 8.63 -4.48
C THR A 81 -14.26 7.91 -4.98
N ASN A 82 -13.52 8.62 -5.83
CA ASN A 82 -12.30 8.07 -6.39
C ASN A 82 -11.25 9.18 -6.52
N PRO A 83 -9.97 8.76 -6.51
CA PRO A 83 -9.63 7.35 -6.38
C PRO A 83 -9.84 6.86 -4.95
N CYS A 84 -9.85 7.82 -4.03
CA CYS A 84 -10.04 7.50 -2.63
C CYS A 84 -8.84 6.67 -2.16
N ILE A 85 -7.68 7.33 -2.12
CA ILE A 85 -6.46 6.68 -1.69
C ILE A 85 -6.13 7.10 -0.26
N LEU A 86 -5.81 6.10 0.54
CA LEU A 86 -5.47 6.36 1.94
C LEU A 86 -4.10 7.03 2.02
N HIS A 87 -3.94 7.87 3.03
CA HIS A 87 -2.69 8.58 3.22
C HIS A 87 -1.94 7.98 4.40
N PHE A 88 -0.80 7.38 4.10
CA PHE A 88 0.03 6.76 5.12
C PHE A 88 1.52 6.86 4.76
N GLN A 89 2.35 6.45 5.71
CA GLN A 89 3.79 6.49 5.50
C GLN A 89 4.47 5.44 6.38
N VAL A 90 5.62 4.98 5.91
CA VAL A 90 6.38 3.98 6.64
C VAL A 90 7.52 4.67 7.41
N LEU A 91 7.38 4.69 8.73
CA LEU A 91 8.38 5.31 9.58
C LEU A 91 9.49 4.29 9.87
N LEU A 92 10.72 4.78 9.81
CA LEU A 92 11.88 3.94 10.05
C LEU A 92 12.77 4.60 11.10
N LYS A 93 13.43 3.76 11.89
CA LYS A 93 14.32 4.25 12.93
C LYS A 93 15.77 4.16 12.44
N SER A 94 16.67 4.71 13.26
CA SER A 94 18.08 4.71 12.92
C SER A 94 18.43 3.46 12.11
N PRO A 95 18.72 3.69 10.80
CA PRO A 95 18.69 5.04 10.26
C PRO A 95 17.26 5.53 10.07
N VAL A 96 16.95 6.66 10.68
CA VAL A 96 15.62 7.23 10.59
C VAL A 96 15.33 7.57 9.12
N GLN A 97 14.13 7.22 8.69
CA GLN A 97 13.71 7.47 7.33
C GLN A 97 12.22 7.17 7.16
N PHE A 98 11.61 7.87 6.22
CA PHE A 98 10.18 7.69 5.95
C PHE A 98 9.95 7.43 4.46
N ILE A 99 8.83 6.78 4.17
CA ILE A 99 8.46 6.47 2.80
C ILE A 99 7.09 7.07 2.50
N GLN A 100 6.79 7.15 1.21
CA GLN A 100 5.52 7.70 0.77
C GLN A 100 4.72 6.64 0.01
N GLY A 101 4.05 5.79 0.77
CA GLY A 101 3.25 4.73 0.18
C GLY A 101 1.87 5.24 -0.20
N GLU A 102 1.05 4.33 -0.71
CA GLU A 102 -0.30 4.67 -1.11
C GLU A 102 -1.22 3.46 -0.97
N ILE A 103 -2.51 3.75 -0.79
CA ILE A 103 -3.49 2.70 -0.64
C ILE A 103 -4.61 2.91 -1.66
N GLN A 104 -4.57 2.08 -2.70
CA GLN A 104 -5.57 2.15 -3.76
C GLN A 104 -6.88 1.54 -3.29
N LEU A 105 -7.97 2.07 -3.82
CA LEU A 105 -9.30 1.58 -3.47
C LEU A 105 -9.63 0.36 -4.32
N GLN A 106 -9.94 -0.74 -3.63
CA GLN A 106 -10.28 -1.98 -4.32
C GLN A 106 -11.13 -1.69 -5.56
N ASP A 107 -10.51 -1.83 -6.72
CA ASP A 107 -11.20 -1.58 -7.97
C ASP A 107 -11.39 -2.91 -8.70
N VAL A 108 -12.55 -3.04 -9.34
CA VAL A 108 -12.87 -4.24 -10.07
C VAL A 108 -11.62 -4.72 -10.83
N ASN A 109 -11.64 -6.00 -11.17
CA ASN A 109 -10.52 -6.59 -11.89
C ASN A 109 -10.91 -8.01 -12.34
N ASP A 110 -11.36 -8.81 -11.39
CA ASP A 110 -11.75 -10.17 -11.68
C ASP A 110 -12.28 -10.83 -10.40
N HIS A 111 -13.37 -11.55 -10.55
CA HIS A 111 -13.98 -12.23 -9.42
C HIS A 111 -14.24 -13.70 -9.77
N ALA A 112 -13.15 -14.38 -10.12
CA ALA A 112 -13.25 -15.79 -10.49
C ALA A 112 -11.84 -16.33 -10.79
N PRO A 113 -11.66 -17.64 -10.49
CA PRO A 113 -10.37 -18.29 -10.72
C PRO A 113 -10.16 -18.56 -12.22
N GLU A 114 -8.95 -18.25 -12.67
CA GLU A 114 -8.59 -18.44 -14.06
C GLU A 114 -7.08 -18.59 -14.21
N PHE A 115 -6.68 -19.53 -15.06
CA PHE A 115 -5.28 -19.78 -15.30
C PHE A 115 -4.99 -19.86 -16.80
N MET A 116 -5.87 -20.55 -17.50
CA MET A 116 -5.72 -20.70 -18.94
C MET A 116 -4.62 -21.73 -19.26
N GLU A 117 -4.94 -22.60 -20.20
CA GLU A 117 -3.99 -23.62 -20.62
C GLU A 117 -4.28 -24.06 -22.06
N ASP A 118 -3.21 -24.15 -22.84
CA ASP A 118 -3.34 -24.55 -24.23
C ASP A 118 -1.97 -24.46 -24.91
N GLU A 119 -1.72 -25.42 -25.79
CA GLU A 119 -0.45 -25.46 -26.51
C GLU A 119 -0.51 -26.53 -27.61
N SER A 120 0.45 -26.44 -28.51
CA SER A 120 0.53 -27.38 -29.62
C SER A 120 1.89 -27.27 -30.31
N GLY A 121 2.17 -28.24 -31.15
CA GLY A 121 3.42 -28.28 -31.88
C GLY A 121 3.69 -29.66 -32.48
N PRO A 122 3.57 -29.74 -33.83
CA PRO A 122 3.80 -31.00 -34.53
C PRO A 122 5.29 -31.33 -34.60
N SER A 123 5.57 -32.51 -35.11
CA SER A 123 6.94 -32.96 -35.24
C SER A 123 7.00 -34.29 -36.00
N SER A 124 8.02 -34.43 -36.83
CA SER A 124 8.19 -35.64 -37.61
C SER A 124 9.44 -35.53 -38.48
N GLY A 125 9.83 -36.66 -39.04
CA GLY A 125 11.01 -36.71 -39.89
C GLY A 125 10.77 -35.96 -41.21
N GLY A 1 12.22 10.77 -35.57
CA GLY A 1 12.22 10.18 -34.25
C GLY A 1 11.46 11.07 -33.26
N SER A 2 11.58 10.72 -31.99
CA SER A 2 10.91 11.49 -30.94
C SER A 2 11.26 10.89 -29.57
N SER A 3 11.01 11.69 -28.54
CA SER A 3 11.29 11.25 -27.18
C SER A 3 10.70 12.26 -26.18
N GLY A 4 10.77 11.89 -24.91
CA GLY A 4 10.26 12.74 -23.86
C GLY A 4 11.15 12.71 -22.62
N SER A 5 10.57 13.09 -21.49
CA SER A 5 11.30 13.11 -20.24
C SER A 5 10.41 13.61 -19.11
N SER A 6 10.61 13.03 -17.93
CA SER A 6 9.83 13.41 -16.77
C SER A 6 10.22 12.55 -15.57
N GLY A 7 9.88 13.05 -14.40
CA GLY A 7 10.20 12.35 -13.16
C GLY A 7 10.25 13.31 -11.97
N ALA A 8 9.61 12.90 -10.89
CA ALA A 8 9.56 13.70 -9.68
C ALA A 8 8.93 12.89 -8.55
N GLY A 9 9.10 13.39 -7.34
CA GLY A 9 8.56 12.73 -6.17
C GLY A 9 7.11 12.30 -6.41
N SER A 10 6.85 11.04 -6.10
CA SER A 10 5.51 10.50 -6.27
C SER A 10 5.36 9.21 -5.44
N ALA A 11 4.14 8.69 -5.45
CA ALA A 11 3.84 7.48 -4.70
C ALA A 11 4.94 6.44 -4.98
N THR A 12 5.46 5.88 -3.90
CA THR A 12 6.50 4.87 -4.01
C THR A 12 5.90 3.47 -3.94
N ILE A 13 4.83 3.36 -3.19
CA ILE A 13 4.15 2.08 -3.03
C ILE A 13 2.64 2.28 -3.21
N THR A 14 2.00 1.23 -3.71
CA THR A 14 0.56 1.28 -3.94
C THR A 14 -0.09 -0.01 -3.44
N TYR A 15 -0.98 0.16 -2.46
CA TYR A 15 -1.68 -0.97 -1.89
C TYR A 15 -3.07 -1.12 -2.50
N SER A 16 -3.63 -2.31 -2.35
CA SER A 16 -4.95 -2.60 -2.89
C SER A 16 -5.81 -3.28 -1.83
N VAL A 17 -6.73 -2.51 -1.27
CA VAL A 17 -7.63 -3.02 -0.24
C VAL A 17 -9.06 -2.64 -0.59
N LEU A 18 -9.92 -3.64 -0.60
CA LEU A 18 -11.33 -3.42 -0.91
C LEU A 18 -11.93 -2.46 0.12
N GLU A 19 -13.25 -2.37 0.10
CA GLU A 19 -13.96 -1.49 1.01
C GLU A 19 -14.46 -2.28 2.23
N GLU A 20 -14.68 -3.57 2.01
CA GLU A 20 -15.15 -4.44 3.07
C GLU A 20 -14.03 -4.73 4.06
N THR A 21 -13.49 -3.65 4.63
CA THR A 21 -12.41 -3.78 5.60
C THR A 21 -12.92 -3.45 7.01
N ASP A 22 -12.72 -4.40 7.91
CA ASP A 22 -13.15 -4.23 9.28
C ASP A 22 -11.93 -4.24 10.20
N ARG A 23 -12.19 -4.44 11.48
CA ARG A 23 -11.13 -4.48 12.47
C ARG A 23 -10.32 -5.77 12.34
N GLY A 24 -9.12 -5.63 11.80
CA GLY A 24 -8.24 -6.77 11.62
C GLY A 24 -8.21 -7.20 10.15
N SER A 25 -8.27 -6.21 9.27
CA SER A 25 -8.25 -6.46 7.84
C SER A 25 -6.84 -6.22 7.29
N LEU A 26 -6.40 -7.15 6.45
CA LEU A 26 -5.08 -7.05 5.85
C LEU A 26 -5.13 -6.09 4.66
N VAL A 27 -4.44 -4.97 4.82
CA VAL A 27 -4.41 -3.97 3.77
C VAL A 27 -3.46 -4.42 2.66
N GLY A 28 -2.30 -4.91 3.09
CA GLY A 28 -1.30 -5.38 2.13
C GLY A 28 0.01 -5.72 2.85
N ASN A 29 1.01 -6.06 2.06
CA ASN A 29 2.32 -6.41 2.59
C ASN A 29 3.26 -5.21 2.44
N LEU A 30 4.07 -5.00 3.46
CA LEU A 30 5.01 -3.90 3.46
C LEU A 30 6.43 -4.46 3.32
N ALA A 31 6.81 -5.27 4.30
CA ALA A 31 8.13 -5.88 4.30
C ALA A 31 8.28 -6.75 3.05
N LYS A 32 7.15 -7.24 2.57
CA LYS A 32 7.15 -8.10 1.40
C LYS A 32 7.02 -7.23 0.14
N ASP A 33 6.50 -6.03 0.34
CA ASP A 33 6.32 -5.10 -0.76
C ASP A 33 7.69 -4.62 -1.25
N LEU A 34 8.46 -4.10 -0.31
CA LEU A 34 9.79 -3.60 -0.63
C LEU A 34 10.73 -4.78 -0.89
N GLY A 35 10.21 -5.97 -0.62
CA GLY A 35 10.99 -7.18 -0.81
C GLY A 35 11.99 -7.39 0.32
N LEU A 36 11.79 -6.62 1.39
CA LEU A 36 12.66 -6.70 2.55
C LEU A 36 12.20 -7.83 3.46
N SER A 37 12.95 -8.05 4.52
CA SER A 37 12.62 -9.10 5.47
C SER A 37 12.19 -8.47 6.80
N LEU A 38 11.41 -9.24 7.55
CA LEU A 38 10.93 -8.77 8.84
C LEU A 38 12.08 -8.13 9.61
N ARG A 39 13.10 -8.93 9.86
CA ARG A 39 14.27 -8.45 10.58
C ARG A 39 14.64 -7.04 10.12
N GLU A 40 14.86 -6.92 8.82
CA GLU A 40 15.22 -5.62 8.24
C GLU A 40 14.21 -4.56 8.66
N LEU A 41 12.94 -4.91 8.54
CA LEU A 41 11.87 -3.99 8.90
C LEU A 41 11.90 -3.75 10.42
N ILE A 42 12.39 -4.76 11.13
CA ILE A 42 12.48 -4.67 12.58
C ILE A 42 13.66 -3.79 12.96
N THR A 43 14.83 -4.16 12.47
CA THR A 43 16.05 -3.41 12.74
C THR A 43 15.82 -1.92 12.49
N ARG A 44 15.23 -1.63 11.34
CA ARG A 44 14.95 -0.26 10.97
C ARG A 44 13.61 0.19 11.54
N GLY A 45 13.09 -0.61 12.45
CA GLY A 45 11.82 -0.32 13.08
C GLY A 45 10.84 0.31 12.09
N ALA A 46 10.06 -0.55 11.44
CA ALA A 46 9.10 -0.10 10.47
C ALA A 46 7.72 -0.04 11.11
N GLN A 47 7.09 1.13 11.02
CA GLN A 47 5.78 1.33 11.59
C GLN A 47 4.92 2.20 10.66
N ILE A 48 3.61 2.08 10.83
CA ILE A 48 2.68 2.83 10.02
C ILE A 48 2.38 4.17 10.71
N LEU A 49 2.46 5.24 9.93
CA LEU A 49 2.20 6.56 10.46
C LEU A 49 0.69 6.77 10.58
N SER A 50 0.32 7.71 11.43
CA SER A 50 -1.09 8.01 11.65
C SER A 50 -1.62 8.86 10.49
N LYS A 51 -2.88 8.63 10.17
CA LYS A 51 -3.52 9.37 9.09
C LYS A 51 -3.78 10.81 9.53
N GLY A 52 -3.87 11.69 8.55
CA GLY A 52 -4.12 13.09 8.82
C GLY A 52 -5.18 13.26 9.92
N ASN A 53 -6.10 12.31 9.95
CA ASN A 53 -7.17 12.34 10.94
C ASN A 53 -6.71 11.62 12.21
N LYS A 54 -6.34 10.36 12.03
CA LYS A 54 -5.87 9.55 13.14
C LYS A 54 -5.26 8.26 12.61
N GLN A 55 -4.59 7.55 13.50
CA GLN A 55 -3.95 6.30 13.14
C GLN A 55 -4.99 5.21 12.93
N LEU A 56 -5.19 4.85 11.67
CA LEU A 56 -6.16 3.82 11.32
C LEU A 56 -5.42 2.61 10.74
N LEU A 57 -4.12 2.58 10.98
CA LEU A 57 -3.30 1.48 10.50
C LEU A 57 -2.40 0.97 11.63
N GLN A 58 -2.04 -0.29 11.53
CA GLN A 58 -1.20 -0.91 12.54
C GLN A 58 -0.45 -2.11 11.93
N LEU A 59 0.84 -1.89 11.71
CA LEU A 59 1.68 -2.94 11.14
C LEU A 59 2.05 -3.94 12.23
N GLU A 60 1.87 -5.21 11.91
CA GLU A 60 2.18 -6.27 12.85
C GLU A 60 3.56 -6.87 12.56
N GLN A 61 4.49 -6.62 13.46
CA GLN A 61 5.84 -7.12 13.30
C GLN A 61 5.89 -8.62 13.54
N LYS A 62 4.73 -9.16 13.92
CA LYS A 62 4.62 -10.59 14.18
C LYS A 62 4.55 -11.35 12.84
N SER A 63 4.38 -10.57 11.77
CA SER A 63 4.30 -11.15 10.45
C SER A 63 4.89 -10.19 9.41
N GLY A 64 4.43 -8.95 9.49
CA GLY A 64 4.90 -7.92 8.57
C GLY A 64 3.83 -7.58 7.53
N ASN A 65 2.69 -7.15 8.03
CA ASN A 65 1.58 -6.79 7.16
C ASN A 65 0.98 -5.46 7.63
N LEU A 66 0.22 -4.84 6.74
CA LEU A 66 -0.42 -3.58 7.06
C LEU A 66 -1.86 -3.83 7.49
N LEU A 67 -2.08 -3.75 8.79
CA LEU A 67 -3.40 -3.96 9.35
C LEU A 67 -4.04 -2.61 9.68
N LEU A 68 -5.37 -2.62 9.71
CA LEU A 68 -6.11 -1.40 10.02
C LEU A 68 -6.33 -1.31 11.53
N LYS A 69 -6.79 -0.14 11.96
CA LYS A 69 -7.05 0.09 13.36
C LYS A 69 -8.50 -0.27 13.67
N GLU A 70 -9.37 0.05 12.73
CA GLU A 70 -10.79 -0.23 12.88
C GLU A 70 -11.52 -0.01 11.56
N LYS A 71 -12.83 -0.18 11.61
CA LYS A 71 -13.66 -0.01 10.43
C LYS A 71 -13.43 1.39 9.87
N LEU A 72 -13.08 1.43 8.59
CA LEU A 72 -12.84 2.70 7.92
C LEU A 72 -14.13 3.53 7.90
N ASP A 73 -13.96 4.84 7.87
CA ASP A 73 -15.09 5.74 7.86
C ASP A 73 -15.00 6.64 6.64
N ARG A 74 -15.92 6.43 5.71
CA ARG A 74 -15.96 7.22 4.49
C ARG A 74 -15.66 8.69 4.80
N GLU A 75 -16.45 9.23 5.71
CA GLU A 75 -16.29 10.62 6.11
C GLU A 75 -14.86 10.87 6.62
N GLU A 76 -14.51 10.18 7.68
CA GLU A 76 -13.19 10.31 8.27
C GLU A 76 -12.13 10.44 7.16
N LEU A 77 -12.13 9.44 6.28
CA LEU A 77 -11.18 9.44 5.18
C LEU A 77 -11.57 10.52 4.16
N CYS A 78 -12.60 10.21 3.39
CA CYS A 78 -13.09 11.14 2.38
C CYS A 78 -14.53 10.78 2.04
N GLY A 79 -15.45 11.45 2.72
CA GLY A 79 -16.87 11.20 2.51
C GLY A 79 -17.21 11.29 1.03
N SER A 80 -17.48 10.13 0.45
CA SER A 80 -17.83 10.05 -0.96
C SER A 80 -16.93 11.00 -1.77
N THR A 81 -15.83 10.46 -2.24
CA THR A 81 -14.88 11.24 -3.03
C THR A 81 -14.02 10.33 -3.90
N ASN A 82 -13.38 10.93 -4.88
CA ASN A 82 -12.52 10.18 -5.79
C ASN A 82 -11.44 11.11 -6.34
N PRO A 83 -10.19 10.56 -6.42
CA PRO A 83 -9.95 9.19 -6.01
C PRO A 83 -9.94 9.07 -4.48
N CYS A 84 -10.14 7.85 -4.01
CA CYS A 84 -10.16 7.60 -2.59
C CYS A 84 -8.94 6.76 -2.23
N ILE A 85 -7.88 7.44 -1.82
CA ILE A 85 -6.64 6.77 -1.45
C ILE A 85 -6.28 7.13 -0.01
N LEU A 86 -5.90 6.11 0.74
CA LEU A 86 -5.53 6.29 2.13
C LEU A 86 -4.17 7.00 2.19
N HIS A 87 -3.99 7.74 3.27
CA HIS A 87 -2.75 8.48 3.47
C HIS A 87 -1.96 7.85 4.62
N PHE A 88 -0.82 7.27 4.28
CA PHE A 88 0.03 6.63 5.27
C PHE A 88 1.51 6.75 4.89
N GLN A 89 2.35 6.30 5.80
CA GLN A 89 3.79 6.35 5.57
C GLN A 89 4.49 5.24 6.36
N VAL A 90 5.78 5.10 6.10
CA VAL A 90 6.57 4.08 6.77
C VAL A 90 7.75 4.76 7.49
N LEU A 91 7.70 4.68 8.81
CA LEU A 91 8.75 5.28 9.63
C LEU A 91 9.85 4.24 9.88
N LEU A 92 11.09 4.69 9.74
CA LEU A 92 12.23 3.81 9.96
C LEU A 92 13.17 4.46 10.96
N LYS A 93 13.81 3.60 11.76
CA LYS A 93 14.75 4.07 12.76
C LYS A 93 16.17 3.98 12.21
N SER A 94 17.11 4.47 13.01
CA SER A 94 18.51 4.46 12.61
C SER A 94 18.82 3.19 11.82
N PRO A 95 19.10 3.38 10.51
CA PRO A 95 19.11 4.72 9.94
C PRO A 95 17.68 5.24 9.73
N VAL A 96 17.41 6.38 10.36
CA VAL A 96 16.09 6.99 10.26
C VAL A 96 15.77 7.25 8.79
N GLN A 97 14.57 6.85 8.40
CA GLN A 97 14.13 7.04 7.03
C GLN A 97 12.59 6.97 6.95
N PHE A 98 12.04 7.71 6.00
CA PHE A 98 10.61 7.74 5.82
C PHE A 98 10.24 7.43 4.37
N ILE A 99 9.00 6.99 4.18
CA ILE A 99 8.52 6.67 2.84
C ILE A 99 7.12 7.27 2.65
N GLN A 100 6.69 7.31 1.40
CA GLN A 100 5.40 7.86 1.06
C GLN A 100 4.65 6.91 0.11
N GLY A 101 3.96 5.95 0.71
CA GLY A 101 3.20 4.99 -0.07
C GLY A 101 1.78 5.47 -0.32
N GLU A 102 0.97 4.58 -0.85
CA GLU A 102 -0.42 4.91 -1.14
C GLU A 102 -1.31 3.67 -0.97
N ILE A 103 -2.59 3.93 -0.77
CA ILE A 103 -3.55 2.85 -0.58
C ILE A 103 -4.71 3.03 -1.57
N GLN A 104 -4.72 2.17 -2.57
CA GLN A 104 -5.77 2.22 -3.58
C GLN A 104 -6.87 1.22 -3.26
N LEU A 105 -8.10 1.61 -3.58
CA LEU A 105 -9.25 0.76 -3.32
C LEU A 105 -9.40 -0.24 -4.48
N GLN A 106 -9.42 -1.51 -4.11
CA GLN A 106 -9.55 -2.57 -5.10
C GLN A 106 -10.55 -2.16 -6.18
N ASP A 107 -10.06 -2.11 -7.41
CA ASP A 107 -10.88 -1.73 -8.55
C ASP A 107 -10.40 -2.48 -9.79
N VAL A 108 -11.38 -2.87 -10.61
CA VAL A 108 -11.07 -3.60 -11.84
C VAL A 108 -10.89 -2.60 -12.98
N ASN A 109 -9.85 -2.83 -13.76
CA ASN A 109 -9.57 -1.97 -14.90
C ASN A 109 -10.03 -2.64 -16.19
N ASP A 110 -11.08 -2.08 -16.77
CA ASP A 110 -11.63 -2.63 -18.01
C ASP A 110 -12.07 -1.47 -18.91
N HIS A 111 -12.81 -0.54 -18.32
CA HIS A 111 -13.29 0.61 -19.05
C HIS A 111 -14.17 0.14 -20.23
N ALA A 112 -14.93 1.08 -20.77
CA ALA A 112 -15.80 0.77 -21.89
C ALA A 112 -14.96 0.39 -23.10
N PRO A 113 -15.55 -0.51 -23.94
CA PRO A 113 -14.86 -0.97 -25.14
C PRO A 113 -14.87 0.11 -26.23
N GLU A 114 -13.71 0.27 -26.85
CA GLU A 114 -13.57 1.26 -27.91
C GLU A 114 -12.34 0.94 -28.77
N PHE A 115 -12.33 1.53 -29.96
CA PHE A 115 -11.23 1.31 -30.88
C PHE A 115 -10.87 2.61 -31.62
N MET A 116 -9.61 2.99 -31.48
CA MET A 116 -9.13 4.20 -32.12
C MET A 116 -7.88 3.93 -32.95
N GLU A 117 -7.92 4.40 -34.19
CA GLU A 117 -6.80 4.21 -35.10
C GLU A 117 -6.49 5.51 -35.85
N ASP A 118 -5.32 5.53 -36.47
CA ASP A 118 -4.89 6.70 -37.22
C ASP A 118 -3.85 6.29 -38.24
N GLU A 119 -3.72 7.10 -39.29
CA GLU A 119 -2.76 6.84 -40.34
C GLU A 119 -2.45 8.12 -41.12
N SER A 120 -1.41 8.03 -41.94
CA SER A 120 -1.00 9.19 -42.73
C SER A 120 0.00 8.74 -43.80
N GLY A 121 -0.17 9.30 -44.99
CA GLY A 121 0.71 8.98 -46.10
C GLY A 121 0.98 10.21 -46.97
N PRO A 122 2.27 10.64 -46.97
CA PRO A 122 2.67 11.80 -47.75
C PRO A 122 2.74 11.46 -49.24
N SER A 123 3.11 12.46 -50.02
CA SER A 123 3.22 12.29 -51.46
C SER A 123 4.29 13.22 -52.01
N SER A 124 4.84 12.82 -53.16
CA SER A 124 5.88 13.62 -53.81
C SER A 124 5.89 13.34 -55.31
N GLY A 125 6.61 14.18 -56.04
CA GLY A 125 6.70 14.04 -57.48
C GLY A 125 7.47 15.21 -58.09
N GLY A 1 34.45 10.57 -11.67
CA GLY A 1 33.05 10.33 -11.43
C GLY A 1 32.83 8.96 -10.79
N SER A 2 31.56 8.66 -10.53
CA SER A 2 31.20 7.38 -9.93
C SER A 2 29.87 6.89 -10.49
N SER A 3 28.85 7.72 -10.32
CA SER A 3 27.52 7.38 -10.81
C SER A 3 26.57 8.55 -10.58
N GLY A 4 25.38 8.44 -11.16
CA GLY A 4 24.37 9.48 -11.03
C GLY A 4 23.07 8.90 -10.48
N SER A 5 22.04 9.75 -10.48
CA SER A 5 20.74 9.34 -10.00
C SER A 5 19.70 10.43 -10.31
N SER A 6 18.48 9.97 -10.55
CA SER A 6 17.39 10.88 -10.86
C SER A 6 16.05 10.16 -10.70
N GLY A 7 15.01 10.97 -10.46
CA GLY A 7 13.68 10.42 -10.29
C GLY A 7 12.84 11.30 -9.36
N ALA A 8 11.55 11.04 -9.35
CA ALA A 8 10.63 11.81 -8.52
C ALA A 8 9.25 11.15 -8.55
N GLY A 9 8.36 11.67 -7.71
CA GLY A 9 7.01 11.14 -7.63
C GLY A 9 6.39 11.42 -6.26
N SER A 10 5.09 11.22 -6.18
CA SER A 10 4.37 11.44 -4.94
C SER A 10 4.17 10.11 -4.20
N ALA A 11 3.57 9.16 -4.91
CA ALA A 11 3.32 7.86 -4.33
C ALA A 11 4.43 6.90 -4.77
N THR A 12 4.98 6.20 -3.79
CA THR A 12 6.05 5.25 -4.05
C THR A 12 5.51 3.82 -4.00
N ILE A 13 4.52 3.62 -3.15
CA ILE A 13 3.91 2.31 -2.99
C ILE A 13 2.40 2.44 -3.11
N THR A 14 1.78 1.39 -3.63
CA THR A 14 0.33 1.38 -3.79
C THR A 14 -0.24 0.03 -3.34
N TYR A 15 -1.08 0.09 -2.32
CA TYR A 15 -1.70 -1.11 -1.79
C TYR A 15 -3.09 -1.30 -2.37
N SER A 16 -3.54 -2.56 -2.35
CA SER A 16 -4.86 -2.89 -2.87
C SER A 16 -5.70 -3.55 -1.78
N VAL A 17 -6.69 -2.81 -1.30
CA VAL A 17 -7.57 -3.32 -0.27
C VAL A 17 -9.01 -2.99 -0.63
N LEU A 18 -9.85 -4.03 -0.57
CA LEU A 18 -11.26 -3.87 -0.89
C LEU A 18 -11.89 -2.86 0.07
N GLU A 19 -13.22 -2.83 0.07
CA GLU A 19 -13.95 -1.93 0.93
C GLU A 19 -14.36 -2.65 2.21
N GLU A 20 -14.56 -3.96 2.09
CA GLU A 20 -14.95 -4.77 3.23
C GLU A 20 -13.79 -4.91 4.22
N THR A 21 -13.34 -3.76 4.70
CA THR A 21 -12.23 -3.74 5.65
C THR A 21 -12.73 -3.35 7.04
N ASP A 22 -12.39 -4.19 8.01
CA ASP A 22 -12.80 -3.95 9.38
C ASP A 22 -11.63 -4.29 10.32
N ARG A 23 -11.74 -3.78 11.54
CA ARG A 23 -10.70 -4.01 12.54
C ARG A 23 -10.17 -5.43 12.42
N GLY A 24 -9.07 -5.57 11.70
CA GLY A 24 -8.44 -6.86 11.49
C GLY A 24 -8.44 -7.25 10.01
N SER A 25 -8.09 -6.28 9.18
CA SER A 25 -8.04 -6.50 7.75
C SER A 25 -6.61 -6.29 7.23
N LEU A 26 -6.15 -7.25 6.45
CA LEU A 26 -4.82 -7.19 5.89
C LEU A 26 -4.83 -6.28 4.66
N VAL A 27 -4.17 -5.13 4.80
CA VAL A 27 -4.10 -4.17 3.72
C VAL A 27 -3.05 -4.63 2.70
N GLY A 28 -1.94 -5.13 3.24
CA GLY A 28 -0.86 -5.62 2.39
C GLY A 28 0.45 -5.69 3.17
N ASN A 29 1.42 -6.38 2.58
CA ASN A 29 2.72 -6.53 3.21
C ASN A 29 3.57 -5.30 2.92
N LEU A 30 4.32 -4.88 3.93
CA LEU A 30 5.18 -3.72 3.80
C LEU A 30 6.62 -4.17 3.59
N ALA A 31 6.93 -5.31 4.19
CA ALA A 31 8.28 -5.86 4.09
C ALA A 31 8.41 -6.60 2.75
N LYS A 32 7.36 -7.31 2.39
CA LYS A 32 7.35 -8.06 1.15
C LYS A 32 7.23 -7.08 -0.03
N ASP A 33 6.67 -5.92 0.27
CA ASP A 33 6.49 -4.90 -0.75
C ASP A 33 7.86 -4.45 -1.26
N LEU A 34 8.63 -3.84 -0.37
CA LEU A 34 9.96 -3.37 -0.73
C LEU A 34 10.88 -4.57 -0.91
N GLY A 35 10.37 -5.74 -0.57
CA GLY A 35 11.14 -6.96 -0.68
C GLY A 35 12.12 -7.11 0.48
N LEU A 36 11.89 -6.32 1.52
CA LEU A 36 12.74 -6.35 2.69
C LEU A 36 12.34 -7.54 3.57
N SER A 37 13.27 -7.93 4.43
CA SER A 37 13.03 -9.04 5.33
C SER A 37 12.42 -8.53 6.64
N LEU A 38 11.51 -9.33 7.18
CA LEU A 38 10.84 -8.98 8.43
C LEU A 38 11.86 -8.36 9.38
N ARG A 39 12.94 -9.10 9.61
CA ARG A 39 14.00 -8.63 10.51
C ARG A 39 14.33 -7.17 10.21
N GLU A 40 14.74 -6.93 8.97
CA GLU A 40 15.09 -5.58 8.55
C GLU A 40 13.99 -4.60 8.95
N LEU A 41 12.75 -5.01 8.74
CA LEU A 41 11.61 -4.17 9.07
C LEU A 41 11.52 -4.03 10.59
N ILE A 42 12.05 -5.03 11.28
CA ILE A 42 12.03 -5.02 12.73
C ILE A 42 13.20 -4.17 13.25
N THR A 43 14.41 -4.55 12.84
CA THR A 43 15.60 -3.84 13.24
C THR A 43 15.47 -2.35 12.92
N ARG A 44 15.00 -2.08 11.71
CA ARG A 44 14.82 -0.71 11.26
C ARG A 44 13.51 -0.14 11.80
N GLY A 45 12.86 -0.94 12.64
CA GLY A 45 11.59 -0.53 13.22
C GLY A 45 10.70 0.17 12.18
N ALA A 46 9.89 -0.63 11.52
CA ALA A 46 8.99 -0.10 10.50
C ALA A 46 7.57 -0.02 11.07
N GLN A 47 7.01 1.18 11.01
CA GLN A 47 5.67 1.39 11.52
C GLN A 47 4.85 2.21 10.51
N ILE A 48 3.53 2.20 10.73
CA ILE A 48 2.64 2.93 9.84
C ILE A 48 2.25 4.26 10.50
N LEU A 49 2.40 5.32 9.72
CA LEU A 49 2.07 6.65 10.21
C LEU A 49 0.89 7.21 9.41
N SER A 50 -0.26 7.25 10.06
CA SER A 50 -1.47 7.76 9.43
C SER A 50 -2.21 8.70 10.40
N LYS A 51 -2.69 9.80 9.84
CA LYS A 51 -3.41 10.78 10.62
C LYS A 51 -2.60 11.13 11.87
N GLY A 52 -3.18 11.98 12.71
CA GLY A 52 -2.53 12.39 13.93
C GLY A 52 -3.27 11.86 15.16
N ASN A 53 -2.51 11.18 16.01
CA ASN A 53 -3.08 10.61 17.23
C ASN A 53 -4.40 9.92 16.89
N LYS A 54 -4.44 9.33 15.70
CA LYS A 54 -5.64 8.64 15.26
C LYS A 54 -5.32 7.87 13.97
N GLN A 55 -4.34 6.99 14.07
CA GLN A 55 -3.93 6.19 12.93
C GLN A 55 -4.92 5.04 12.70
N LEU A 56 -5.19 4.78 11.43
CA LEU A 56 -6.11 3.72 11.07
C LEU A 56 -5.32 2.55 10.47
N LEU A 57 -4.03 2.53 10.77
CA LEU A 57 -3.16 1.48 10.26
C LEU A 57 -2.23 1.01 11.39
N GLN A 58 -1.88 -0.27 11.33
CA GLN A 58 -1.01 -0.84 12.33
C GLN A 58 -0.27 -2.06 11.76
N LEU A 59 1.03 -1.90 11.58
CA LEU A 59 1.86 -2.96 11.04
C LEU A 59 2.16 -3.97 12.14
N GLU A 60 1.71 -5.20 11.92
CA GLU A 60 1.92 -6.27 12.89
C GLU A 60 3.41 -6.41 13.20
N GLN A 61 4.22 -6.30 12.15
CA GLN A 61 5.66 -6.41 12.30
C GLN A 61 6.03 -7.83 12.71
N LYS A 62 5.04 -8.70 12.68
CA LYS A 62 5.26 -10.09 13.04
C LYS A 62 5.25 -10.97 11.79
N SER A 63 4.36 -10.61 10.87
CA SER A 63 4.25 -11.34 9.62
C SER A 63 4.35 -10.38 8.43
N GLY A 64 4.72 -9.14 8.75
CA GLY A 64 4.87 -8.13 7.73
C GLY A 64 3.54 -7.88 7.00
N ASN A 65 2.51 -7.62 7.78
CA ASN A 65 1.18 -7.37 7.24
C ASN A 65 0.61 -6.10 7.88
N LEU A 66 -0.06 -5.31 7.04
CA LEU A 66 -0.66 -4.08 7.51
C LEU A 66 -2.06 -4.37 8.06
N LEU A 67 -2.26 -4.00 9.31
CA LEU A 67 -3.54 -4.22 9.97
C LEU A 67 -4.22 -2.88 10.19
N LEU A 68 -5.51 -2.85 9.87
CA LEU A 68 -6.29 -1.63 10.04
C LEU A 68 -6.69 -1.47 11.50
N LYS A 69 -6.79 -0.22 11.92
CA LYS A 69 -7.16 0.07 13.30
C LYS A 69 -8.63 -0.31 13.52
N GLU A 70 -9.46 0.05 12.55
CA GLU A 70 -10.88 -0.25 12.63
C GLU A 70 -11.57 0.10 11.31
N LYS A 71 -12.88 -0.07 11.30
CA LYS A 71 -13.67 0.23 10.12
C LYS A 71 -13.30 1.61 9.60
N LEU A 72 -12.88 1.65 8.33
CA LEU A 72 -12.50 2.90 7.71
C LEU A 72 -13.70 3.83 7.67
N ASP A 73 -13.55 4.98 8.30
CA ASP A 73 -14.61 5.97 8.34
C ASP A 73 -14.70 6.68 6.98
N ARG A 74 -15.81 6.47 6.31
CA ARG A 74 -16.03 7.09 5.01
C ARG A 74 -15.81 8.60 5.09
N GLU A 75 -16.32 9.18 6.16
CA GLU A 75 -16.19 10.61 6.37
C GLU A 75 -14.72 11.01 6.46
N GLU A 76 -14.06 10.49 7.50
CA GLU A 76 -12.65 10.78 7.71
C GLU A 76 -11.90 10.77 6.37
N LEU A 77 -12.09 9.68 5.64
CA LEU A 77 -11.43 9.54 4.35
C LEU A 77 -12.08 10.48 3.35
N CYS A 78 -13.26 10.08 2.87
CA CYS A 78 -13.99 10.87 1.90
C CYS A 78 -15.44 10.39 1.90
N GLY A 79 -15.64 9.21 1.33
CA GLY A 79 -16.97 8.62 1.25
C GLY A 79 -17.55 8.76 -0.16
N SER A 80 -17.44 9.97 -0.70
CA SER A 80 -17.93 10.25 -2.04
C SER A 80 -16.79 10.74 -2.93
N THR A 81 -16.17 11.82 -2.50
CA THR A 81 -15.06 12.40 -3.25
C THR A 81 -14.10 11.30 -3.71
N ASN A 82 -13.38 11.59 -4.78
CA ASN A 82 -12.43 10.64 -5.33
C ASN A 82 -11.15 11.39 -5.73
N PRO A 83 -10.03 10.62 -5.79
CA PRO A 83 -10.09 9.20 -5.50
C PRO A 83 -10.20 8.95 -4.00
N CYS A 84 -10.08 7.69 -3.63
CA CYS A 84 -10.17 7.31 -2.24
C CYS A 84 -8.92 6.51 -1.86
N ILE A 85 -7.84 7.25 -1.64
CA ILE A 85 -6.57 6.62 -1.29
C ILE A 85 -6.20 7.03 0.13
N LEU A 86 -5.77 6.03 0.91
CA LEU A 86 -5.38 6.27 2.29
C LEU A 86 -4.04 7.02 2.30
N HIS A 87 -3.84 7.78 3.37
CA HIS A 87 -2.62 8.54 3.53
C HIS A 87 -1.81 7.99 4.71
N PHE A 88 -0.68 7.39 4.38
CA PHE A 88 0.18 6.81 5.40
C PHE A 88 1.66 6.97 5.01
N GLN A 89 2.52 6.59 5.94
CA GLN A 89 3.95 6.68 5.72
C GLN A 89 4.68 5.59 6.51
N VAL A 90 5.80 5.15 5.96
CA VAL A 90 6.60 4.13 6.60
C VAL A 90 7.77 4.78 7.34
N LEU A 91 7.72 4.70 8.67
CA LEU A 91 8.76 5.27 9.49
C LEU A 91 9.84 4.22 9.74
N LEU A 92 11.09 4.68 9.63
CA LEU A 92 12.22 3.78 9.83
C LEU A 92 13.22 4.45 10.77
N LYS A 93 13.91 3.63 11.55
CA LYS A 93 14.89 4.12 12.49
C LYS A 93 16.30 3.97 11.90
N SER A 94 17.27 4.47 12.63
CA SER A 94 18.66 4.40 12.19
C SER A 94 18.88 3.12 11.39
N PRO A 95 19.07 3.31 10.05
CA PRO A 95 19.07 4.63 9.47
C PRO A 95 17.64 5.17 9.37
N VAL A 96 17.43 6.32 10.00
CA VAL A 96 16.13 6.96 9.99
C VAL A 96 15.77 7.34 8.55
N GLN A 97 14.54 7.01 8.18
CA GLN A 97 14.06 7.30 6.84
C GLN A 97 12.55 7.07 6.75
N PHE A 98 11.90 7.89 5.93
CA PHE A 98 10.46 7.78 5.75
C PHE A 98 10.11 7.56 4.28
N ILE A 99 8.92 7.01 4.06
CA ILE A 99 8.45 6.74 2.72
C ILE A 99 7.05 7.33 2.54
N GLN A 100 6.65 7.47 1.29
CA GLN A 100 5.34 8.02 0.97
C GLN A 100 4.50 6.97 0.23
N GLY A 101 4.09 5.95 0.97
CA GLY A 101 3.29 4.88 0.41
C GLY A 101 1.84 5.33 0.22
N GLU A 102 1.13 4.58 -0.61
CA GLU A 102 -0.27 4.90 -0.88
C GLU A 102 -1.13 3.64 -0.72
N ILE A 103 -2.43 3.86 -0.65
CA ILE A 103 -3.37 2.76 -0.51
C ILE A 103 -4.51 2.94 -1.50
N GLN A 104 -4.62 1.96 -2.41
CA GLN A 104 -5.67 2.00 -3.42
C GLN A 104 -6.73 0.95 -3.11
N LEU A 105 -7.98 1.30 -3.41
CA LEU A 105 -9.10 0.42 -3.17
C LEU A 105 -9.22 -0.57 -4.34
N GLN A 106 -9.32 -1.84 -4.01
CA GLN A 106 -9.44 -2.88 -5.01
C GLN A 106 -10.54 -2.52 -6.02
N ASP A 107 -10.53 -3.22 -7.13
CA ASP A 107 -11.51 -3.00 -8.17
C ASP A 107 -12.26 -4.29 -8.47
N VAL A 108 -13.32 -4.17 -9.25
CA VAL A 108 -14.13 -5.32 -9.62
C VAL A 108 -13.21 -6.43 -10.16
N ASN A 109 -13.12 -7.50 -9.39
CA ASN A 109 -12.29 -8.63 -9.78
C ASN A 109 -12.92 -9.93 -9.27
N ASP A 110 -12.57 -11.02 -9.94
CA ASP A 110 -13.10 -12.32 -9.56
C ASP A 110 -11.97 -13.16 -8.95
N HIS A 111 -10.96 -13.40 -9.76
CA HIS A 111 -9.82 -14.19 -9.31
C HIS A 111 -8.71 -14.14 -10.37
N ALA A 112 -7.58 -14.73 -10.02
CA ALA A 112 -6.44 -14.77 -10.93
C ALA A 112 -6.11 -16.23 -11.27
N PRO A 113 -5.68 -16.43 -12.54
CA PRO A 113 -5.33 -17.75 -13.01
C PRO A 113 -3.98 -18.21 -12.43
N GLU A 114 -3.54 -19.38 -12.88
CA GLU A 114 -2.28 -19.93 -12.43
C GLU A 114 -1.19 -19.71 -13.48
N PHE A 115 0.03 -20.06 -13.10
CA PHE A 115 1.17 -19.92 -14.00
C PHE A 115 1.46 -21.22 -14.73
N MET A 116 0.88 -22.30 -14.22
CA MET A 116 1.08 -23.61 -14.81
C MET A 116 2.56 -23.96 -14.88
N GLU A 117 3.35 -23.22 -14.11
CA GLU A 117 4.79 -23.45 -14.08
C GLU A 117 5.10 -24.94 -14.14
N ASP A 118 6.22 -25.26 -14.76
CA ASP A 118 6.64 -26.64 -14.89
C ASP A 118 8.07 -26.69 -15.46
N GLU A 119 8.66 -27.87 -15.37
CA GLU A 119 10.00 -28.06 -15.87
C GLU A 119 10.18 -29.49 -16.40
N SER A 120 10.88 -29.59 -17.53
CA SER A 120 11.11 -30.87 -18.15
C SER A 120 12.24 -30.74 -19.19
N GLY A 121 13.16 -31.69 -19.15
CA GLY A 121 14.27 -31.70 -20.08
C GLY A 121 15.05 -33.02 -19.98
N PRO A 122 15.32 -33.61 -21.18
CA PRO A 122 16.05 -34.86 -21.24
C PRO A 122 17.55 -34.63 -20.97
N SER A 123 18.30 -35.73 -21.01
CA SER A 123 19.73 -35.67 -20.77
C SER A 123 20.47 -36.56 -21.76
N SER A 124 21.26 -35.93 -22.62
CA SER A 124 22.02 -36.65 -23.62
C SER A 124 23.51 -36.61 -23.28
N GLY A 125 24.26 -37.46 -23.96
CA GLY A 125 25.69 -37.53 -23.74
C GLY A 125 26.21 -38.96 -23.90
N GLY A 1 37.12 15.15 -10.61
CA GLY A 1 35.87 15.73 -10.13
C GLY A 1 34.66 14.95 -10.65
N SER A 2 33.49 15.33 -10.16
CA SER A 2 32.26 14.68 -10.56
C SER A 2 31.05 15.43 -10.00
N SER A 3 29.88 15.04 -10.47
CA SER A 3 28.65 15.67 -10.03
C SER A 3 27.44 15.02 -10.71
N GLY A 4 26.27 15.36 -10.22
CA GLY A 4 25.04 14.81 -10.77
C GLY A 4 23.97 14.67 -9.69
N SER A 5 22.72 14.77 -10.12
CA SER A 5 21.59 14.65 -9.21
C SER A 5 20.28 14.72 -9.98
N SER A 6 19.30 13.99 -9.48
CA SER A 6 17.99 13.96 -10.12
C SER A 6 17.05 13.02 -9.36
N GLY A 7 15.77 13.12 -9.68
CA GLY A 7 14.78 12.28 -9.04
C GLY A 7 13.40 12.94 -9.07
N ALA A 8 12.38 12.11 -9.11
CA ALA A 8 11.00 12.61 -9.15
C ALA A 8 10.05 11.47 -8.78
N GLY A 9 8.85 11.85 -8.37
CA GLY A 9 7.84 10.89 -7.98
C GLY A 9 7.14 11.32 -6.69
N SER A 10 6.04 10.63 -6.40
CA SER A 10 5.26 10.93 -5.21
C SER A 10 4.87 9.64 -4.49
N ALA A 11 4.35 8.70 -5.27
CA ALA A 11 3.95 7.42 -4.73
C ALA A 11 5.02 6.37 -5.04
N THR A 12 5.43 5.66 -4.00
CA THR A 12 6.44 4.62 -4.15
C THR A 12 5.80 3.24 -4.06
N ILE A 13 4.75 3.15 -3.25
CA ILE A 13 4.04 1.90 -3.07
C ILE A 13 2.55 2.12 -3.28
N THR A 14 1.89 1.10 -3.81
CA THR A 14 0.47 1.16 -4.07
C THR A 14 -0.22 -0.12 -3.63
N TYR A 15 -1.10 0.02 -2.64
CA TYR A 15 -1.82 -1.13 -2.12
C TYR A 15 -3.25 -1.18 -2.69
N SER A 16 -3.90 -2.31 -2.45
CA SER A 16 -5.26 -2.50 -2.93
C SER A 16 -6.15 -3.00 -1.80
N VAL A 17 -7.20 -2.24 -1.54
CA VAL A 17 -8.14 -2.59 -0.48
C VAL A 17 -9.47 -1.85 -0.71
N LEU A 18 -10.48 -2.30 0.01
CA LEU A 18 -11.80 -1.69 -0.11
C LEU A 18 -11.88 -0.46 0.80
N GLU A 19 -13.07 0.10 0.87
CA GLU A 19 -13.29 1.28 1.69
C GLU A 19 -13.90 0.88 3.04
N GLU A 20 -14.59 -0.25 3.03
CA GLU A 20 -15.23 -0.74 4.24
C GLU A 20 -14.35 -1.80 4.90
N THR A 21 -13.08 -1.79 4.52
CA THR A 21 -12.13 -2.75 5.08
C THR A 21 -12.38 -2.94 6.56
N ASP A 22 -12.55 -4.21 6.94
CA ASP A 22 -12.80 -4.53 8.34
C ASP A 22 -11.55 -4.22 9.16
N ARG A 23 -11.73 -4.24 10.47
CA ARG A 23 -10.63 -3.96 11.38
C ARG A 23 -9.76 -5.20 11.56
N GLY A 24 -8.47 -4.97 11.69
CA GLY A 24 -7.52 -6.07 11.88
C GLY A 24 -7.40 -6.91 10.60
N SER A 25 -7.67 -6.26 9.48
CA SER A 25 -7.59 -6.93 8.19
C SER A 25 -6.23 -6.64 7.53
N LEU A 26 -5.77 -7.61 6.76
CA LEU A 26 -4.51 -7.47 6.07
C LEU A 26 -4.69 -6.58 4.85
N VAL A 27 -4.06 -5.41 4.90
CA VAL A 27 -4.15 -4.46 3.82
C VAL A 27 -3.16 -4.84 2.72
N GLY A 28 -1.99 -5.29 3.16
CA GLY A 28 -0.94 -5.69 2.23
C GLY A 28 0.41 -5.80 2.93
N ASN A 29 1.29 -6.60 2.34
CA ASN A 29 2.61 -6.79 2.90
C ASN A 29 3.49 -5.59 2.54
N LEU A 30 4.17 -5.07 3.56
CA LEU A 30 5.05 -3.93 3.37
C LEU A 30 6.49 -4.42 3.24
N ALA A 31 6.81 -5.44 4.03
CA ALA A 31 8.15 -6.00 4.01
C ALA A 31 8.39 -6.70 2.67
N LYS A 32 7.50 -7.64 2.37
CA LYS A 32 7.60 -8.39 1.13
C LYS A 32 7.52 -7.43 -0.06
N ASP A 33 6.65 -6.43 0.10
CA ASP A 33 6.46 -5.44 -0.95
C ASP A 33 7.83 -4.97 -1.45
N LEU A 34 8.64 -4.52 -0.50
CA LEU A 34 9.97 -4.03 -0.83
C LEU A 34 10.97 -5.19 -0.76
N GLY A 35 10.43 -6.40 -0.89
CA GLY A 35 11.25 -7.58 -0.83
C GLY A 35 12.19 -7.55 0.38
N LEU A 36 11.75 -6.82 1.40
CA LEU A 36 12.54 -6.69 2.62
C LEU A 36 12.25 -7.88 3.54
N SER A 37 13.15 -8.10 4.47
CA SER A 37 13.00 -9.20 5.42
C SER A 37 12.41 -8.69 6.73
N LEU A 38 11.60 -9.53 7.35
CA LEU A 38 10.96 -9.17 8.61
C LEU A 38 12.01 -8.57 9.55
N ARG A 39 13.09 -9.32 9.73
CA ARG A 39 14.16 -8.88 10.60
C ARG A 39 14.53 -7.42 10.30
N GLU A 40 14.65 -7.14 9.01
CA GLU A 40 15.00 -5.79 8.58
C GLU A 40 13.90 -4.81 8.97
N LEU A 41 12.67 -5.16 8.60
CA LEU A 41 11.52 -4.33 8.91
C LEU A 41 11.42 -4.15 10.42
N ILE A 42 11.97 -5.12 11.14
CA ILE A 42 11.95 -5.08 12.59
C ILE A 42 13.06 -4.16 13.10
N THR A 43 14.25 -4.41 12.59
CA THR A 43 15.41 -3.61 12.98
C THR A 43 15.15 -2.13 12.74
N ARG A 44 14.67 -1.83 11.54
CA ARG A 44 14.37 -0.45 11.18
C ARG A 44 13.03 -0.02 11.79
N GLY A 45 12.44 -0.95 12.54
CA GLY A 45 11.17 -0.68 13.19
C GLY A 45 10.24 0.09 12.25
N ALA A 46 9.89 -0.56 11.15
CA ALA A 46 9.00 0.05 10.17
C ALA A 46 7.57 0.06 10.72
N GLN A 47 7.04 1.26 10.86
CA GLN A 47 5.68 1.41 11.37
C GLN A 47 4.83 2.23 10.39
N ILE A 48 3.53 2.09 10.53
CA ILE A 48 2.60 2.80 9.67
C ILE A 48 2.15 4.09 10.36
N LEU A 49 2.13 5.17 9.58
CA LEU A 49 1.72 6.46 10.11
C LEU A 49 0.33 6.80 9.59
N SER A 50 -0.65 6.70 10.48
CA SER A 50 -2.02 7.00 10.12
C SER A 50 -2.68 7.83 11.22
N LYS A 51 -2.72 9.13 10.99
CA LYS A 51 -3.32 10.04 11.95
C LYS A 51 -2.35 10.27 13.10
N GLY A 52 -2.81 11.02 14.09
CA GLY A 52 -2.00 11.32 15.26
C GLY A 52 -2.84 11.35 16.54
N ASN A 53 -3.62 10.29 16.71
CA ASN A 53 -4.48 10.18 17.89
C ASN A 53 -5.32 8.91 17.78
N LYS A 54 -5.97 8.76 16.63
CA LYS A 54 -6.80 7.60 16.40
C LYS A 54 -6.22 6.78 15.25
N GLN A 55 -5.10 6.13 15.53
CA GLN A 55 -4.44 5.31 14.53
C GLN A 55 -5.47 4.52 13.71
N LEU A 56 -5.11 4.26 12.46
CA LEU A 56 -5.99 3.53 11.57
C LEU A 56 -5.28 2.25 11.10
N LEU A 57 -4.00 2.41 10.77
CA LEU A 57 -3.21 1.29 10.30
C LEU A 57 -2.21 0.89 11.40
N GLN A 58 -1.81 -0.38 11.35
CA GLN A 58 -0.87 -0.89 12.32
C GLN A 58 -0.11 -2.09 11.74
N LEU A 59 1.14 -1.84 11.39
CA LEU A 59 1.97 -2.89 10.83
C LEU A 59 2.49 -3.78 11.95
N GLU A 60 1.94 -4.98 12.00
CA GLU A 60 2.34 -5.95 13.03
C GLU A 60 3.85 -5.91 13.23
N GLN A 61 4.58 -6.02 12.12
CA GLN A 61 6.03 -6.00 12.16
C GLN A 61 6.56 -7.40 12.47
N LYS A 62 5.65 -8.28 12.84
CA LYS A 62 6.02 -9.66 13.16
C LYS A 62 5.87 -10.53 11.91
N SER A 63 4.84 -10.22 11.13
CA SER A 63 4.57 -10.96 9.90
C SER A 63 4.84 -10.07 8.69
N GLY A 64 5.04 -8.79 8.96
CA GLY A 64 5.30 -7.83 7.90
C GLY A 64 4.05 -7.59 7.05
N ASN A 65 2.94 -7.36 7.74
CA ASN A 65 1.67 -7.11 7.07
C ASN A 65 0.98 -5.91 7.71
N LEU A 66 0.21 -5.21 6.90
CA LEU A 66 -0.52 -4.04 7.38
C LEU A 66 -1.85 -4.49 8.00
N LEU A 67 -2.02 -4.12 9.26
CA LEU A 67 -3.24 -4.49 9.97
C LEU A 67 -4.04 -3.21 10.28
N LEU A 68 -5.34 -3.30 10.02
CA LEU A 68 -6.22 -2.17 10.26
C LEU A 68 -6.57 -2.10 11.74
N LYS A 69 -6.44 -0.91 12.30
CA LYS A 69 -6.72 -0.69 13.71
C LYS A 69 -8.21 -0.95 13.96
N GLU A 70 -9.04 -0.14 13.30
CA GLU A 70 -10.47 -0.27 13.44
C GLU A 70 -11.17 0.07 12.12
N LYS A 71 -12.49 0.09 12.17
CA LYS A 71 -13.28 0.39 10.99
C LYS A 71 -12.87 1.76 10.44
N LEU A 72 -12.42 1.76 9.20
CA LEU A 72 -11.99 2.99 8.56
C LEU A 72 -13.18 3.94 8.43
N ASP A 73 -12.87 5.23 8.41
CA ASP A 73 -13.91 6.24 8.29
C ASP A 73 -13.88 6.83 6.88
N ARG A 74 -15.07 6.91 6.30
CA ARG A 74 -15.20 7.45 4.95
C ARG A 74 -14.81 8.92 4.93
N GLU A 75 -15.68 9.75 5.50
CA GLU A 75 -15.43 11.18 5.55
C GLU A 75 -13.99 11.46 5.98
N GLU A 76 -13.65 10.97 7.17
CA GLU A 76 -12.32 11.16 7.71
C GLU A 76 -11.28 11.00 6.60
N LEU A 77 -11.27 9.82 6.00
CA LEU A 77 -10.33 9.54 4.93
C LEU A 77 -10.72 10.33 3.68
N CYS A 78 -11.73 9.83 2.99
CA CYS A 78 -12.21 10.48 1.79
C CYS A 78 -13.71 10.18 1.65
N GLY A 79 -14.51 11.05 2.24
CA GLY A 79 -15.96 10.89 2.19
C GLY A 79 -16.41 10.47 0.79
N SER A 80 -16.06 11.31 -0.18
CA SER A 80 -16.43 11.04 -1.56
C SER A 80 -15.49 11.81 -2.50
N THR A 81 -14.25 11.35 -2.54
CA THR A 81 -13.25 11.99 -3.38
C THR A 81 -12.48 10.93 -4.18
N ASN A 82 -11.87 11.38 -5.27
CA ASN A 82 -11.11 10.48 -6.12
C ASN A 82 -9.84 11.19 -6.60
N PRO A 83 -8.76 10.39 -6.77
CA PRO A 83 -8.83 8.96 -6.52
C PRO A 83 -8.85 8.67 -5.01
N CYS A 84 -9.78 7.82 -4.62
CA CYS A 84 -9.90 7.45 -3.22
C CYS A 84 -8.68 6.62 -2.82
N ILE A 85 -7.71 7.30 -2.24
CA ILE A 85 -6.49 6.63 -1.81
C ILE A 85 -6.15 7.08 -0.39
N LEU A 86 -5.81 6.09 0.44
CA LEU A 86 -5.46 6.36 1.82
C LEU A 86 -4.09 7.03 1.87
N HIS A 87 -3.90 7.86 2.89
CA HIS A 87 -2.65 8.57 3.07
C HIS A 87 -1.90 8.00 4.28
N PHE A 88 -0.79 7.32 3.98
CA PHE A 88 0.02 6.71 5.02
C PHE A 88 1.50 6.80 4.67
N GLN A 89 2.33 6.53 5.67
CA GLN A 89 3.76 6.56 5.49
C GLN A 89 4.44 5.48 6.32
N VAL A 90 5.65 5.13 5.92
CA VAL A 90 6.42 4.11 6.63
C VAL A 90 7.53 4.78 7.43
N LEU A 91 7.32 4.83 8.74
CA LEU A 91 8.30 5.43 9.63
C LEU A 91 9.43 4.43 9.89
N LEU A 92 10.64 4.94 9.80
CA LEU A 92 11.82 4.11 10.02
C LEU A 92 12.69 4.74 11.11
N LYS A 93 13.34 3.88 11.87
CA LYS A 93 14.20 4.34 12.95
C LYS A 93 15.66 4.30 12.49
N SER A 94 16.52 4.82 13.33
CA SER A 94 17.95 4.86 13.02
C SER A 94 18.34 3.60 12.23
N PRO A 95 18.69 3.83 10.93
CA PRO A 95 18.68 5.18 10.38
C PRO A 95 17.24 5.65 10.12
N VAL A 96 16.90 6.77 10.73
CA VAL A 96 15.57 7.34 10.58
C VAL A 96 15.30 7.58 9.09
N GLN A 97 14.11 7.18 8.67
CA GLN A 97 13.72 7.35 7.28
C GLN A 97 12.20 7.21 7.14
N PHE A 98 11.68 7.77 6.05
CA PHE A 98 10.26 7.71 5.78
C PHE A 98 9.98 7.45 4.31
N ILE A 99 8.87 6.77 4.05
CA ILE A 99 8.49 6.45 2.69
C ILE A 99 7.10 7.00 2.41
N GLN A 100 6.77 7.08 1.13
CA GLN A 100 5.47 7.60 0.73
C GLN A 100 4.69 6.52 -0.05
N GLY A 101 3.94 5.72 0.71
CA GLY A 101 3.15 4.67 0.12
C GLY A 101 1.77 5.17 -0.28
N GLU A 102 0.98 4.27 -0.85
CA GLU A 102 -0.36 4.61 -1.29
C GLU A 102 -1.30 3.41 -1.12
N ILE A 103 -2.56 3.71 -0.85
CA ILE A 103 -3.55 2.67 -0.66
C ILE A 103 -4.71 2.90 -1.65
N GLN A 104 -4.67 2.16 -2.73
CA GLN A 104 -5.69 2.26 -3.75
C GLN A 104 -6.98 1.58 -3.28
N LEU A 105 -8.09 2.30 -3.44
CA LEU A 105 -9.37 1.77 -3.03
C LEU A 105 -9.94 0.90 -4.15
N GLN A 106 -10.39 -0.28 -3.77
CA GLN A 106 -10.96 -1.21 -4.73
C GLN A 106 -11.92 -0.49 -5.68
N ASP A 107 -12.07 -1.06 -6.86
CA ASP A 107 -12.96 -0.48 -7.86
C ASP A 107 -13.56 -1.60 -8.71
N VAL A 108 -14.58 -1.23 -9.48
CA VAL A 108 -15.24 -2.19 -10.35
C VAL A 108 -14.46 -2.31 -11.65
N ASN A 109 -13.73 -3.42 -11.76
CA ASN A 109 -12.93 -3.67 -12.94
C ASN A 109 -12.23 -5.02 -12.80
N ASP A 110 -12.11 -5.71 -13.93
CA ASP A 110 -11.45 -7.02 -13.94
C ASP A 110 -11.48 -7.57 -15.36
N HIS A 111 -10.39 -8.25 -15.71
CA HIS A 111 -10.27 -8.85 -17.03
C HIS A 111 -8.98 -9.65 -17.12
N ALA A 112 -7.86 -8.95 -16.97
CA ALA A 112 -6.56 -9.59 -17.02
C ALA A 112 -6.31 -10.11 -18.44
N PRO A 113 -5.29 -9.51 -19.10
CA PRO A 113 -4.94 -9.91 -20.46
C PRO A 113 -4.21 -11.25 -20.47
N GLU A 114 -4.24 -11.89 -21.62
CA GLU A 114 -3.58 -13.18 -21.77
C GLU A 114 -2.96 -13.30 -23.17
N PHE A 115 -1.92 -14.12 -23.25
CA PHE A 115 -1.23 -14.33 -24.51
C PHE A 115 -0.79 -13.00 -25.12
N MET A 116 0.00 -13.11 -26.18
CA MET A 116 0.50 -11.92 -26.86
C MET A 116 0.28 -12.03 -28.38
N GLU A 117 0.38 -10.89 -29.03
CA GLU A 117 0.19 -10.83 -30.47
C GLU A 117 0.48 -9.43 -31.00
N ASP A 118 1.02 -9.37 -32.21
CA ASP A 118 1.35 -8.10 -32.83
C ASP A 118 0.62 -8.00 -34.17
N GLU A 119 0.17 -6.78 -34.46
CA GLU A 119 -0.56 -6.52 -35.70
C GLU A 119 -0.94 -5.05 -35.80
N SER A 120 -1.11 -4.59 -37.02
CA SER A 120 -1.48 -3.21 -37.27
C SER A 120 -1.86 -3.02 -38.73
N GLY A 121 -2.41 -1.85 -39.03
CA GLY A 121 -2.82 -1.53 -40.38
C GLY A 121 -2.97 -0.01 -40.57
N PRO A 122 -2.86 0.42 -41.86
CA PRO A 122 -2.99 1.83 -42.17
C PRO A 122 -4.45 2.27 -42.11
N SER A 123 -4.66 3.56 -42.41
CA SER A 123 -6.00 4.12 -42.39
C SER A 123 -5.98 5.54 -42.95
N SER A 124 -7.17 6.08 -43.16
CA SER A 124 -7.30 7.42 -43.69
C SER A 124 -8.26 8.24 -42.84
N GLY A 125 -8.31 9.53 -43.11
CA GLY A 125 -9.18 10.43 -42.38
C GLY A 125 -8.75 11.88 -42.55
N GLY A 1 28.59 7.47 -24.96
CA GLY A 1 27.31 7.08 -24.42
C GLY A 1 26.46 8.30 -24.09
N SER A 2 25.39 8.06 -23.34
CA SER A 2 24.48 9.13 -22.95
C SER A 2 23.60 8.67 -21.79
N SER A 3 22.98 9.65 -21.14
CA SER A 3 22.10 9.36 -20.01
C SER A 3 21.08 10.47 -19.85
N GLY A 4 19.91 10.09 -19.35
CA GLY A 4 18.83 11.05 -19.14
C GLY A 4 18.84 11.58 -17.72
N SER A 5 17.64 11.80 -17.19
CA SER A 5 17.51 12.31 -15.84
C SER A 5 16.03 12.28 -15.42
N SER A 6 15.82 12.20 -14.11
CA SER A 6 14.47 12.16 -13.57
C SER A 6 14.50 12.43 -12.07
N GLY A 7 13.32 12.66 -11.51
CA GLY A 7 13.20 12.93 -10.09
C GLY A 7 11.74 13.10 -9.68
N ALA A 8 11.46 14.22 -9.04
CA ALA A 8 10.11 14.52 -8.59
C ALA A 8 9.67 13.47 -7.56
N GLY A 9 8.71 13.86 -6.74
CA GLY A 9 8.19 12.97 -5.72
C GLY A 9 6.80 12.47 -6.09
N SER A 10 6.51 11.25 -5.64
CA SER A 10 5.22 10.64 -5.93
C SER A 10 5.08 9.33 -5.14
N ALA A 11 3.89 8.76 -5.21
CA ALA A 11 3.62 7.51 -4.52
C ALA A 11 4.73 6.51 -4.82
N THR A 12 5.25 5.93 -3.74
CA THR A 12 6.33 4.95 -3.87
C THR A 12 5.76 3.53 -3.79
N ILE A 13 4.72 3.39 -3.00
CA ILE A 13 4.07 2.09 -2.83
C ILE A 13 2.57 2.23 -3.04
N THR A 14 1.97 1.15 -3.52
CA THR A 14 0.54 1.14 -3.78
C THR A 14 -0.08 -0.16 -3.27
N TYR A 15 -0.98 0.00 -2.31
CA TYR A 15 -1.65 -1.15 -1.73
C TYR A 15 -3.06 -1.31 -2.31
N SER A 16 -3.65 -2.47 -2.05
CA SER A 16 -4.99 -2.76 -2.54
C SER A 16 -5.84 -3.33 -1.40
N VAL A 17 -6.89 -2.59 -1.07
CA VAL A 17 -7.79 -3.01 -0.01
C VAL A 17 -9.23 -2.70 -0.42
N LEU A 18 -10.12 -3.63 -0.11
CA LEU A 18 -11.52 -3.47 -0.43
C LEU A 18 -12.14 -2.42 0.50
N GLU A 19 -13.47 -2.36 0.47
CA GLU A 19 -14.19 -1.42 1.31
C GLU A 19 -14.77 -2.13 2.53
N GLU A 20 -14.62 -3.45 2.54
CA GLU A 20 -15.12 -4.25 3.64
C GLU A 20 -14.01 -4.49 4.67
N THR A 21 -13.31 -3.41 4.98
CA THR A 21 -12.22 -3.49 5.95
C THR A 21 -12.76 -3.36 7.38
N ASP A 22 -11.84 -3.32 8.33
CA ASP A 22 -12.21 -3.20 9.72
C ASP A 22 -10.97 -3.41 10.60
N ARG A 23 -11.21 -3.65 11.87
CA ARG A 23 -10.13 -3.86 12.82
C ARG A 23 -9.60 -5.29 12.69
N GLY A 24 -9.22 -5.64 11.47
CA GLY A 24 -8.69 -6.97 11.20
C GLY A 24 -8.74 -7.27 9.70
N SER A 25 -8.38 -6.28 8.90
CA SER A 25 -8.38 -6.44 7.46
C SER A 25 -6.95 -6.33 6.92
N LEU A 26 -6.63 -7.21 6.00
CA LEU A 26 -5.30 -7.22 5.40
C LEU A 26 -5.26 -6.20 4.26
N VAL A 27 -4.46 -5.16 4.47
CA VAL A 27 -4.32 -4.11 3.48
C VAL A 27 -3.31 -4.55 2.42
N GLY A 28 -2.24 -5.18 2.89
CA GLY A 28 -1.20 -5.66 2.00
C GLY A 28 0.07 -6.01 2.78
N ASN A 29 1.13 -6.24 2.03
CA ASN A 29 2.41 -6.59 2.65
C ASN A 29 3.37 -5.41 2.53
N LEU A 30 4.12 -5.19 3.59
CA LEU A 30 5.08 -4.10 3.62
C LEU A 30 6.50 -4.65 3.46
N ALA A 31 6.88 -5.49 4.41
CA ALA A 31 8.20 -6.10 4.39
C ALA A 31 8.40 -6.81 3.05
N LYS A 32 7.35 -7.49 2.61
CA LYS A 32 7.39 -8.21 1.35
C LYS A 32 7.38 -7.21 0.18
N ASP A 33 6.50 -6.23 0.30
CA ASP A 33 6.39 -5.21 -0.73
C ASP A 33 7.78 -4.82 -1.22
N LEU A 34 8.51 -4.14 -0.35
CA LEU A 34 9.85 -3.71 -0.69
C LEU A 34 10.74 -4.93 -0.92
N GLY A 35 10.35 -6.03 -0.30
CA GLY A 35 11.09 -7.27 -0.43
C GLY A 35 12.10 -7.42 0.70
N LEU A 36 11.88 -6.65 1.77
CA LEU A 36 12.76 -6.70 2.91
C LEU A 36 12.35 -7.85 3.83
N SER A 37 13.24 -8.18 4.76
CA SER A 37 12.98 -9.26 5.70
C SER A 37 12.37 -8.70 6.99
N LEU A 38 11.64 -9.55 7.68
CA LEU A 38 11.00 -9.15 8.92
C LEU A 38 12.03 -8.49 9.83
N ARG A 39 13.07 -9.26 10.16
CA ARG A 39 14.13 -8.76 11.01
C ARG A 39 14.51 -7.32 10.62
N GLU A 40 14.63 -7.10 9.32
CA GLU A 40 14.97 -5.80 8.81
C GLU A 40 13.89 -4.78 9.16
N LEU A 41 12.64 -5.18 8.91
CA LEU A 41 11.51 -4.31 9.20
C LEU A 41 11.44 -4.07 10.70
N ILE A 42 11.99 -5.01 11.45
CA ILE A 42 11.98 -4.92 12.90
C ILE A 42 13.15 -4.03 13.35
N THR A 43 14.33 -4.38 12.88
CA THR A 43 15.53 -3.62 13.22
C THR A 43 15.36 -2.16 12.84
N ARG A 44 14.84 -1.94 11.64
CA ARG A 44 14.62 -0.60 11.15
C ARG A 44 13.34 -0.01 11.75
N GLY A 45 12.69 -0.82 12.57
CA GLY A 45 11.46 -0.40 13.22
C GLY A 45 10.55 0.34 12.23
N ALA A 46 9.99 -0.43 11.31
CA ALA A 46 9.10 0.14 10.31
C ALA A 46 7.67 0.16 10.86
N GLN A 47 7.14 1.36 11.00
CA GLN A 47 5.79 1.53 11.50
C GLN A 47 4.95 2.34 10.51
N ILE A 48 3.64 2.24 10.69
CA ILE A 48 2.72 2.95 9.82
C ILE A 48 2.34 4.28 10.46
N LEU A 49 2.35 5.32 9.63
CA LEU A 49 2.01 6.66 10.11
C LEU A 49 0.80 7.18 9.33
N SER A 50 -0.32 7.27 10.03
CA SER A 50 -1.55 7.75 9.41
C SER A 50 -2.24 8.76 10.33
N LYS A 51 -2.58 9.90 9.77
CA LYS A 51 -3.25 10.94 10.52
C LYS A 51 -2.31 11.44 11.62
N GLY A 52 -2.24 12.76 11.74
CA GLY A 52 -1.39 13.38 12.75
C GLY A 52 -1.42 12.59 14.05
N ASN A 53 -2.60 12.55 14.66
CA ASN A 53 -2.78 11.83 15.91
C ASN A 53 -3.77 10.69 15.70
N LYS A 54 -3.40 9.54 16.24
CA LYS A 54 -4.24 8.35 16.12
C LYS A 54 -4.14 7.81 14.70
N GLN A 55 -3.51 6.64 14.59
CA GLN A 55 -3.33 6.00 13.30
C GLN A 55 -4.43 4.96 13.08
N LEU A 56 -4.84 4.83 11.81
CA LEU A 56 -5.87 3.88 11.46
C LEU A 56 -5.23 2.67 10.78
N LEU A 57 -3.93 2.53 10.99
CA LEU A 57 -3.19 1.42 10.41
C LEU A 57 -2.31 0.78 11.49
N GLN A 58 -2.05 -0.51 11.31
CA GLN A 58 -1.23 -1.25 12.25
C GLN A 58 -0.59 -2.45 11.56
N LEU A 59 0.69 -2.31 11.27
CA LEU A 59 1.43 -3.37 10.61
C LEU A 59 1.90 -4.38 11.66
N GLU A 60 1.71 -5.65 11.33
CA GLU A 60 2.09 -6.73 12.23
C GLU A 60 3.53 -7.18 11.94
N GLN A 61 4.39 -6.96 12.91
CA GLN A 61 5.80 -7.33 12.77
C GLN A 61 5.99 -8.80 13.14
N LYS A 62 4.87 -9.50 13.28
CA LYS A 62 4.90 -10.91 13.64
C LYS A 62 4.77 -11.75 12.37
N SER A 63 4.74 -11.06 11.24
CA SER A 63 4.62 -11.73 9.96
C SER A 63 5.02 -10.79 8.83
N GLY A 64 4.51 -9.56 8.91
CA GLY A 64 4.81 -8.55 7.91
C GLY A 64 3.59 -8.26 7.04
N ASN A 65 2.59 -7.67 7.66
CA ASN A 65 1.36 -7.34 6.96
C ASN A 65 0.82 -6.00 7.48
N LEU A 66 0.09 -5.32 6.63
CA LEU A 66 -0.49 -4.03 6.99
C LEU A 66 -1.95 -4.24 7.38
N LEU A 67 -2.20 -4.17 8.68
CA LEU A 67 -3.55 -4.34 9.20
C LEU A 67 -4.13 -2.98 9.55
N LEU A 68 -5.44 -2.88 9.41
CA LEU A 68 -6.15 -1.63 9.71
C LEU A 68 -6.48 -1.58 11.20
N LYS A 69 -6.46 -0.37 11.74
CA LYS A 69 -6.75 -0.17 13.14
C LYS A 69 -8.19 -0.62 13.43
N GLU A 70 -9.11 -0.07 12.66
CA GLU A 70 -10.51 -0.41 12.81
C GLU A 70 -11.32 0.09 11.60
N LYS A 71 -12.63 -0.08 11.70
CA LYS A 71 -13.51 0.33 10.63
C LYS A 71 -13.11 1.74 10.16
N LEU A 72 -12.81 1.83 8.87
CA LEU A 72 -12.42 3.11 8.29
C LEU A 72 -13.64 4.02 8.19
N ASP A 73 -13.48 5.23 8.70
CA ASP A 73 -14.55 6.21 8.66
C ASP A 73 -14.70 6.76 7.25
N ARG A 74 -15.93 6.70 6.74
CA ARG A 74 -16.21 7.19 5.41
C ARG A 74 -16.04 8.71 5.36
N GLU A 75 -16.73 9.39 6.25
CA GLU A 75 -16.67 10.83 6.32
C GLU A 75 -15.22 11.29 6.47
N GLU A 76 -14.61 10.89 7.58
CA GLU A 76 -13.24 11.25 7.86
C GLU A 76 -12.41 11.21 6.57
N LEU A 77 -12.34 10.03 5.98
CA LEU A 77 -11.59 9.84 4.76
C LEU A 77 -12.25 10.65 3.63
N CYS A 78 -13.37 10.13 3.15
CA CYS A 78 -14.10 10.79 2.08
C CYS A 78 -15.56 10.37 2.17
N GLY A 79 -15.82 9.15 1.76
CA GLY A 79 -17.18 8.62 1.79
C GLY A 79 -17.60 8.10 0.41
N SER A 80 -17.61 9.01 -0.54
CA SER A 80 -17.99 8.68 -1.91
C SER A 80 -17.28 9.59 -2.89
N THR A 81 -15.95 9.60 -2.79
CA THR A 81 -15.15 10.44 -3.67
C THR A 81 -14.02 9.60 -4.30
N ASN A 82 -13.53 10.09 -5.43
CA ASN A 82 -12.46 9.40 -6.13
C ASN A 82 -11.48 10.44 -6.68
N PRO A 83 -10.17 10.05 -6.68
CA PRO A 83 -9.78 8.75 -6.16
C PRO A 83 -9.84 8.71 -4.63
N CYS A 84 -9.95 7.50 -4.11
CA CYS A 84 -10.01 7.32 -2.67
C CYS A 84 -8.79 6.52 -2.23
N ILE A 85 -7.70 7.25 -1.97
CA ILE A 85 -6.46 6.62 -1.55
C ILE A 85 -6.12 7.08 -0.13
N LEU A 86 -5.75 6.12 0.70
CA LEU A 86 -5.39 6.42 2.07
C LEU A 86 -4.04 7.14 2.11
N HIS A 87 -3.86 7.95 3.14
CA HIS A 87 -2.63 8.70 3.30
C HIS A 87 -1.85 8.16 4.49
N PHE A 88 -0.73 7.53 4.19
CA PHE A 88 0.11 6.96 5.23
C PHE A 88 1.59 7.08 4.87
N GLN A 89 2.43 6.76 5.84
CA GLN A 89 3.87 6.85 5.64
C GLN A 89 4.59 5.86 6.56
N VAL A 90 5.69 5.31 6.05
CA VAL A 90 6.47 4.36 6.81
C VAL A 90 7.60 5.09 7.54
N LEU A 91 7.68 4.86 8.84
CA LEU A 91 8.69 5.50 9.66
C LEU A 91 9.85 4.52 9.88
N LEU A 92 11.06 5.03 9.71
CA LEU A 92 12.25 4.22 9.88
C LEU A 92 13.21 4.92 10.85
N LYS A 93 13.94 4.10 11.59
CA LYS A 93 14.89 4.63 12.56
C LYS A 93 16.31 4.51 11.99
N SER A 94 17.25 5.07 12.72
CA SER A 94 18.65 5.04 12.31
C SER A 94 18.92 3.75 11.53
N PRO A 95 19.13 3.92 10.19
CA PRO A 95 19.06 5.24 9.59
C PRO A 95 17.62 5.73 9.48
N VAL A 96 17.36 6.88 10.08
CA VAL A 96 16.03 7.47 10.05
C VAL A 96 15.66 7.82 8.61
N GLN A 97 14.45 7.46 8.24
CA GLN A 97 13.97 7.73 6.89
C GLN A 97 12.46 7.47 6.80
N PHE A 98 11.80 8.28 5.99
CA PHE A 98 10.36 8.14 5.81
C PHE A 98 10.03 7.80 4.35
N ILE A 99 8.84 7.23 4.17
CA ILE A 99 8.39 6.84 2.84
C ILE A 99 6.99 7.41 2.61
N GLN A 100 6.66 7.56 1.33
CA GLN A 100 5.35 8.08 0.96
C GLN A 100 4.57 7.04 0.18
N GLY A 101 4.11 6.02 0.90
CA GLY A 101 3.34 4.94 0.29
C GLY A 101 1.93 5.41 -0.04
N GLU A 102 1.14 4.48 -0.58
CA GLU A 102 -0.23 4.79 -0.95
C GLU A 102 -1.11 3.55 -0.76
N ILE A 103 -2.41 3.80 -0.63
CA ILE A 103 -3.37 2.73 -0.45
C ILE A 103 -4.52 2.89 -1.43
N GLN A 104 -4.54 2.01 -2.41
CA GLN A 104 -5.59 2.05 -3.43
C GLN A 104 -6.76 1.17 -3.02
N LEU A 105 -7.96 1.73 -3.16
CA LEU A 105 -9.18 1.02 -2.80
C LEU A 105 -9.57 0.10 -3.96
N GLN A 106 -9.51 -1.20 -3.69
CA GLN A 106 -9.87 -2.18 -4.69
C GLN A 106 -11.07 -1.71 -5.51
N ASP A 107 -10.87 -1.65 -6.82
CA ASP A 107 -11.92 -1.21 -7.71
C ASP A 107 -13.15 -2.11 -7.54
N VAL A 108 -14.12 -1.60 -6.80
CA VAL A 108 -15.34 -2.34 -6.55
C VAL A 108 -16.42 -1.90 -7.53
N ASN A 109 -16.61 -2.72 -8.55
CA ASN A 109 -17.61 -2.43 -9.57
C ASN A 109 -17.53 -3.48 -10.68
N ASP A 110 -18.45 -4.43 -10.63
CA ASP A 110 -18.48 -5.49 -11.62
C ASP A 110 -19.61 -6.47 -11.26
N HIS A 111 -20.56 -6.58 -12.17
CA HIS A 111 -21.69 -7.48 -11.95
C HIS A 111 -22.18 -7.99 -13.31
N ALA A 112 -21.28 -8.66 -14.02
CA ALA A 112 -21.61 -9.22 -15.32
C ALA A 112 -20.45 -10.10 -15.79
N PRO A 113 -20.82 -11.16 -16.57
CA PRO A 113 -19.82 -12.08 -17.10
C PRO A 113 -19.05 -11.45 -18.26
N GLU A 114 -17.75 -11.65 -18.25
CA GLU A 114 -16.90 -11.11 -19.28
C GLU A 114 -16.43 -12.22 -20.22
N PHE A 115 -16.18 -11.85 -21.46
CA PHE A 115 -15.73 -12.81 -22.47
C PHE A 115 -14.60 -12.22 -23.31
N MET A 116 -13.94 -13.10 -24.06
CA MET A 116 -12.85 -12.69 -24.91
C MET A 116 -13.20 -12.86 -26.39
N GLU A 117 -14.49 -13.02 -26.64
CA GLU A 117 -14.97 -13.19 -27.99
C GLU A 117 -15.79 -11.97 -28.42
N ASP A 118 -15.45 -11.45 -29.59
CA ASP A 118 -16.15 -10.28 -30.12
C ASP A 118 -15.49 -9.87 -31.44
N GLU A 119 -16.19 -9.01 -32.17
CA GLU A 119 -15.68 -8.51 -33.44
C GLU A 119 -15.51 -9.67 -34.42
N SER A 120 -16.07 -9.51 -35.60
CA SER A 120 -16.00 -10.53 -36.63
C SER A 120 -16.03 -9.87 -38.01
N GLY A 121 -15.51 -10.61 -38.99
CA GLY A 121 -15.47 -10.11 -40.36
C GLY A 121 -16.77 -9.38 -40.71
N PRO A 122 -16.61 -8.07 -41.05
CA PRO A 122 -17.75 -7.25 -41.41
C PRO A 122 -18.26 -7.60 -42.82
N SER A 123 -19.36 -6.97 -43.19
CA SER A 123 -19.95 -7.19 -44.50
C SER A 123 -20.85 -6.01 -44.88
N SER A 124 -20.96 -5.79 -46.17
CA SER A 124 -21.77 -4.70 -46.69
C SER A 124 -22.40 -5.10 -48.02
N GLY A 125 -23.35 -4.28 -48.46
CA GLY A 125 -24.03 -4.53 -49.72
C GLY A 125 -25.32 -3.72 -49.81
N GLY A 1 5.04 1.36 -35.91
CA GLY A 1 4.57 1.34 -34.54
C GLY A 1 4.96 2.62 -33.80
N SER A 2 4.33 2.82 -32.65
CA SER A 2 4.60 4.00 -31.84
C SER A 2 3.76 3.97 -30.57
N SER A 3 4.43 3.70 -29.46
CA SER A 3 3.75 3.63 -28.18
C SER A 3 4.77 3.38 -27.06
N GLY A 4 4.58 4.10 -25.96
CA GLY A 4 5.46 3.96 -24.82
C GLY A 4 5.75 5.33 -24.19
N SER A 5 5.09 5.59 -23.08
CA SER A 5 5.27 6.85 -22.37
C SER A 5 4.84 6.69 -20.91
N SER A 6 5.76 7.02 -20.01
CA SER A 6 5.49 6.92 -18.60
C SER A 6 6.70 7.42 -17.80
N GLY A 7 6.43 7.82 -16.56
CA GLY A 7 7.47 8.33 -15.70
C GLY A 7 6.95 9.45 -14.80
N ALA A 8 7.81 9.88 -13.89
CA ALA A 8 7.44 10.95 -12.96
C ALA A 8 6.30 10.48 -12.07
N GLY A 9 6.53 10.57 -10.76
CA GLY A 9 5.54 10.15 -9.80
C GLY A 9 6.09 10.26 -8.37
N SER A 10 5.17 10.47 -7.43
CA SER A 10 5.55 10.58 -6.04
C SER A 10 5.34 9.24 -5.32
N ALA A 11 4.11 8.76 -5.39
CA ALA A 11 3.76 7.50 -4.76
C ALA A 11 4.85 6.46 -5.06
N THR A 12 5.31 5.80 -4.02
CA THR A 12 6.34 4.79 -4.16
C THR A 12 5.73 3.39 -4.08
N ILE A 13 4.68 3.29 -3.29
CA ILE A 13 4.00 2.02 -3.11
C ILE A 13 2.48 2.23 -3.27
N THR A 14 1.83 1.18 -3.75
CA THR A 14 0.39 1.24 -3.96
C THR A 14 -0.27 -0.04 -3.46
N TYR A 15 -1.13 0.11 -2.46
CA TYR A 15 -1.83 -1.01 -1.87
C TYR A 15 -3.24 -1.15 -2.47
N SER A 16 -3.84 -2.31 -2.23
CA SER A 16 -5.17 -2.58 -2.73
C SER A 16 -6.04 -3.16 -1.61
N VAL A 17 -6.95 -2.34 -1.12
CA VAL A 17 -7.85 -2.77 -0.05
C VAL A 17 -9.29 -2.42 -0.44
N LEU A 18 -10.15 -3.42 -0.32
CA LEU A 18 -11.55 -3.24 -0.66
C LEU A 18 -12.14 -2.13 0.23
N GLU A 19 -13.46 -2.18 0.37
CA GLU A 19 -14.15 -1.19 1.20
C GLU A 19 -14.72 -1.84 2.45
N GLU A 20 -14.95 -3.14 2.35
CA GLU A 20 -15.48 -3.90 3.47
C GLU A 20 -14.37 -4.29 4.44
N THR A 21 -13.64 -3.28 4.88
CA THR A 21 -12.54 -3.49 5.80
C THR A 21 -13.00 -3.27 7.24
N ASP A 22 -12.74 -4.27 8.08
CA ASP A 22 -13.12 -4.19 9.48
C ASP A 22 -11.87 -4.22 10.35
N ARG A 23 -12.08 -4.51 11.63
CA ARG A 23 -10.98 -4.57 12.57
C ARG A 23 -10.17 -5.85 12.35
N GLY A 24 -8.97 -5.68 11.81
CA GLY A 24 -8.09 -6.80 11.55
C GLY A 24 -8.17 -7.23 10.08
N SER A 25 -7.99 -6.26 9.20
CA SER A 25 -8.05 -6.52 7.78
C SER A 25 -6.67 -6.29 7.15
N LEU A 26 -6.25 -7.26 6.34
CA LEU A 26 -4.96 -7.18 5.68
C LEU A 26 -5.05 -6.18 4.52
N VAL A 27 -4.31 -5.08 4.68
CA VAL A 27 -4.30 -4.05 3.65
C VAL A 27 -3.35 -4.46 2.53
N GLY A 28 -2.22 -5.02 2.93
CA GLY A 28 -1.22 -5.46 1.97
C GLY A 28 0.09 -5.84 2.67
N ASN A 29 1.10 -6.12 1.86
CA ASN A 29 2.39 -6.50 2.37
C ASN A 29 3.35 -5.31 2.29
N LEU A 30 4.21 -5.20 3.28
CA LEU A 30 5.17 -4.11 3.33
C LEU A 30 6.58 -4.68 3.26
N ALA A 31 6.88 -5.58 4.19
CA ALA A 31 8.18 -6.21 4.24
C ALA A 31 8.38 -7.08 2.99
N LYS A 32 7.26 -7.50 2.41
CA LYS A 32 7.29 -8.32 1.23
C LYS A 32 7.20 -7.43 -0.02
N ASP A 33 6.63 -6.25 0.18
CA ASP A 33 6.48 -5.30 -0.90
C ASP A 33 7.86 -4.79 -1.33
N LEU A 34 8.63 -4.38 -0.34
CA LEU A 34 9.97 -3.87 -0.60
C LEU A 34 10.96 -5.04 -0.64
N GLY A 35 10.40 -6.24 -0.68
CA GLY A 35 11.22 -7.44 -0.72
C GLY A 35 12.20 -7.48 0.45
N LEU A 36 11.84 -6.75 1.50
CA LEU A 36 12.68 -6.69 2.68
C LEU A 36 12.40 -7.92 3.56
N SER A 37 13.16 -8.03 4.64
CA SER A 37 13.00 -9.13 5.56
C SER A 37 12.43 -8.63 6.89
N LEU A 38 11.66 -9.50 7.53
CA LEU A 38 11.04 -9.16 8.80
C LEU A 38 12.09 -8.51 9.71
N ARG A 39 13.09 -9.30 10.05
CA ARG A 39 14.15 -8.82 10.92
C ARG A 39 14.54 -7.39 10.53
N GLU A 40 14.67 -7.17 9.24
CA GLU A 40 15.04 -5.85 8.73
C GLU A 40 13.96 -4.84 9.09
N LEU A 41 12.72 -5.20 8.81
CA LEU A 41 11.59 -4.33 9.10
C LEU A 41 11.51 -4.09 10.60
N ILE A 42 12.07 -5.03 11.34
CA ILE A 42 12.07 -4.95 12.80
C ILE A 42 13.25 -4.09 13.25
N THR A 43 14.44 -4.50 12.84
CA THR A 43 15.65 -3.78 13.19
C THR A 43 15.55 -2.31 12.76
N ARG A 44 14.94 -2.12 11.60
CA ARG A 44 14.78 -0.78 11.06
C ARG A 44 13.54 -0.11 11.68
N GLY A 45 12.93 -0.83 12.61
CA GLY A 45 11.75 -0.32 13.28
C GLY A 45 10.81 0.39 12.29
N ALA A 46 10.11 -0.42 11.51
CA ALA A 46 9.19 0.11 10.52
C ALA A 46 7.78 0.13 11.11
N GLN A 47 7.17 1.30 11.08
CA GLN A 47 5.82 1.46 11.60
C GLN A 47 4.95 2.24 10.61
N ILE A 48 3.65 2.08 10.77
CA ILE A 48 2.71 2.76 9.89
C ILE A 48 2.28 4.08 10.54
N LEU A 49 2.23 5.12 9.71
CA LEU A 49 1.84 6.44 10.20
C LEU A 49 0.53 6.86 9.52
N SER A 50 -0.53 6.86 10.31
CA SER A 50 -1.84 7.23 9.79
C SER A 50 -2.51 8.23 10.75
N LYS A 51 -2.60 9.47 10.27
CA LYS A 51 -3.22 10.52 11.06
C LYS A 51 -2.25 10.92 12.19
N GLY A 52 -2.10 10.03 13.15
CA GLY A 52 -1.23 10.27 14.28
C GLY A 52 -1.65 9.46 15.50
N ASN A 53 -1.90 10.17 16.59
CA ASN A 53 -2.32 9.53 17.82
C ASN A 53 -3.39 8.48 17.51
N LYS A 54 -4.38 8.90 16.74
CA LYS A 54 -5.47 8.01 16.37
C LYS A 54 -4.89 6.71 15.80
N GLN A 55 -4.40 6.81 14.58
CA GLN A 55 -3.80 5.66 13.92
C GLN A 55 -4.90 4.72 13.42
N LEU A 56 -4.98 4.60 12.10
CA LEU A 56 -5.98 3.74 11.48
C LEU A 56 -5.28 2.54 10.84
N LEU A 57 -3.97 2.48 11.04
CA LEU A 57 -3.18 1.40 10.48
C LEU A 57 -2.25 0.84 11.57
N GLN A 58 -1.86 -0.41 11.38
CA GLN A 58 -0.97 -1.06 12.34
C GLN A 58 -0.21 -2.20 11.66
N LEU A 59 1.10 -1.99 11.52
CA LEU A 59 1.95 -2.99 10.89
C LEU A 59 2.24 -4.10 11.89
N GLU A 60 1.68 -5.27 11.62
CA GLU A 60 1.88 -6.42 12.48
C GLU A 60 3.32 -6.45 13.00
N GLN A 61 4.26 -6.45 12.07
CA GLN A 61 5.66 -6.47 12.42
C GLN A 61 6.13 -7.92 12.64
N LYS A 62 5.33 -8.66 13.38
CA LYS A 62 5.65 -10.04 13.66
C LYS A 62 5.36 -10.90 12.44
N SER A 63 4.71 -10.27 11.46
CA SER A 63 4.37 -10.95 10.23
C SER A 63 4.90 -10.18 9.02
N GLY A 64 4.71 -8.87 9.08
CA GLY A 64 5.17 -8.00 8.00
C GLY A 64 4.02 -7.65 7.05
N ASN A 65 2.86 -7.41 7.64
CA ASN A 65 1.68 -7.06 6.87
C ASN A 65 1.09 -5.75 7.41
N LEU A 66 0.37 -5.07 6.53
CA LEU A 66 -0.26 -3.81 6.90
C LEU A 66 -1.68 -4.07 7.38
N LEU A 67 -1.86 -4.00 8.70
CA LEU A 67 -3.17 -4.23 9.29
C LEU A 67 -3.81 -2.88 9.63
N LEU A 68 -5.14 -2.89 9.67
CA LEU A 68 -5.89 -1.69 9.98
C LEU A 68 -6.05 -1.55 11.49
N LYS A 69 -6.66 -0.45 11.91
CA LYS A 69 -6.88 -0.20 13.32
C LYS A 69 -8.35 -0.45 13.64
N GLU A 70 -9.21 -0.03 12.73
CA GLU A 70 -10.65 -0.20 12.92
C GLU A 70 -11.38 0.07 11.61
N LYS A 71 -12.71 -0.02 11.68
CA LYS A 71 -13.54 0.21 10.51
C LYS A 71 -13.27 1.62 9.97
N LEU A 72 -12.90 1.66 8.70
CA LEU A 72 -12.61 2.94 8.05
C LEU A 72 -13.87 3.79 8.04
N ASP A 73 -13.69 5.06 8.39
CA ASP A 73 -14.81 5.99 8.42
C ASP A 73 -14.92 6.69 7.06
N ARG A 74 -16.02 6.42 6.38
CA ARG A 74 -16.26 7.02 5.08
C ARG A 74 -16.11 8.53 5.14
N GLU A 75 -16.81 9.12 6.11
CA GLU A 75 -16.76 10.55 6.29
C GLU A 75 -15.32 11.02 6.51
N GLU A 76 -14.75 10.57 7.63
CA GLU A 76 -13.39 10.92 7.97
C GLU A 76 -12.51 10.94 6.71
N LEU A 77 -12.56 9.83 5.99
CA LEU A 77 -11.77 9.70 4.77
C LEU A 77 -12.35 10.64 3.70
N CYS A 78 -13.48 10.24 3.15
CA CYS A 78 -14.14 11.02 2.13
C CYS A 78 -15.61 10.59 2.05
N GLY A 79 -15.81 9.39 1.52
CA GLY A 79 -17.15 8.84 1.39
C GLY A 79 -17.58 8.81 -0.07
N SER A 80 -17.51 9.97 -0.70
CA SER A 80 -17.89 10.10 -2.10
C SER A 80 -16.75 10.74 -2.90
N THR A 81 -16.23 11.82 -2.36
CA THR A 81 -15.14 12.54 -3.01
C THR A 81 -14.08 11.55 -3.50
N ASN A 82 -13.42 11.94 -4.59
CA ASN A 82 -12.39 11.11 -5.17
C ASN A 82 -11.13 11.94 -5.41
N PRO A 83 -9.96 11.24 -5.41
CA PRO A 83 -9.96 9.80 -5.20
C PRO A 83 -10.20 9.45 -3.73
N CYS A 84 -10.03 8.18 -3.42
CA CYS A 84 -10.22 7.70 -2.06
C CYS A 84 -9.00 6.87 -1.66
N ILE A 85 -7.84 7.51 -1.77
CA ILE A 85 -6.60 6.84 -1.42
C ILE A 85 -6.22 7.21 0.02
N LEU A 86 -5.80 6.20 0.76
CA LEU A 86 -5.41 6.41 2.15
C LEU A 86 -4.04 7.11 2.19
N HIS A 87 -3.82 7.84 3.26
CA HIS A 87 -2.58 8.56 3.44
C HIS A 87 -1.78 7.95 4.59
N PHE A 88 -0.63 7.38 4.24
CA PHE A 88 0.22 6.76 5.24
C PHE A 88 1.70 6.91 4.86
N GLN A 89 2.56 6.57 5.81
CA GLN A 89 3.99 6.66 5.59
C GLN A 89 4.73 5.63 6.45
N VAL A 90 5.80 5.08 5.89
CA VAL A 90 6.59 4.09 6.60
C VAL A 90 7.72 4.80 7.35
N LEU A 91 7.59 4.85 8.66
CA LEU A 91 8.59 5.48 9.50
C LEU A 91 9.69 4.47 9.83
N LEU A 92 10.92 4.95 9.74
CA LEU A 92 12.07 4.10 10.03
C LEU A 92 12.97 4.79 11.05
N LYS A 93 13.61 3.99 11.88
CA LYS A 93 14.50 4.50 12.90
C LYS A 93 15.94 4.44 12.40
N SER A 94 16.84 4.98 13.20
CA SER A 94 18.25 4.99 12.86
C SER A 94 18.61 3.71 12.10
N PRO A 95 18.92 3.87 10.79
CA PRO A 95 18.92 5.19 10.18
C PRO A 95 17.48 5.66 9.94
N VAL A 96 17.17 6.82 10.50
CA VAL A 96 15.85 7.39 10.35
C VAL A 96 15.54 7.58 8.86
N GLN A 97 14.41 7.03 8.45
CA GLN A 97 13.99 7.12 7.06
C GLN A 97 12.47 7.06 6.96
N PHE A 98 11.95 7.65 5.88
CA PHE A 98 10.51 7.66 5.66
C PHE A 98 10.19 7.36 4.19
N ILE A 99 8.96 6.91 3.98
CA ILE A 99 8.51 6.58 2.63
C ILE A 99 7.12 7.18 2.41
N GLN A 100 6.75 7.26 1.14
CA GLN A 100 5.45 7.80 0.77
C GLN A 100 4.67 6.80 -0.08
N GLY A 101 3.99 5.90 0.60
CA GLY A 101 3.21 4.88 -0.07
C GLY A 101 1.78 5.39 -0.37
N GLU A 102 0.96 4.47 -0.87
CA GLU A 102 -0.41 4.82 -1.20
C GLU A 102 -1.32 3.60 -0.98
N ILE A 103 -2.61 3.90 -0.81
CA ILE A 103 -3.59 2.84 -0.58
C ILE A 103 -4.75 3.04 -1.55
N GLN A 104 -4.82 2.15 -2.54
CA GLN A 104 -5.87 2.21 -3.53
C GLN A 104 -7.00 1.25 -3.16
N LEU A 105 -8.22 1.66 -3.49
CA LEU A 105 -9.39 0.85 -3.19
C LEU A 105 -9.71 -0.03 -4.42
N GLN A 106 -10.28 -1.19 -4.13
CA GLN A 106 -10.64 -2.12 -5.19
C GLN A 106 -11.78 -1.56 -6.02
N ASP A 107 -11.44 -0.60 -6.87
CA ASP A 107 -12.42 0.03 -7.73
C ASP A 107 -12.19 -0.42 -9.17
N VAL A 108 -12.19 -1.73 -9.36
CA VAL A 108 -11.99 -2.30 -10.68
C VAL A 108 -12.95 -1.64 -11.67
N ASN A 109 -12.42 -0.62 -12.36
CA ASN A 109 -13.21 0.11 -13.33
C ASN A 109 -12.40 1.27 -13.88
N ASP A 110 -11.65 0.99 -14.93
CA ASP A 110 -10.82 2.00 -15.56
C ASP A 110 -9.94 1.35 -16.63
N HIS A 111 -10.45 1.39 -17.86
CA HIS A 111 -9.73 0.81 -18.98
C HIS A 111 -9.35 -0.63 -18.65
N ALA A 112 -8.76 -1.29 -19.64
CA ALA A 112 -8.34 -2.68 -19.47
C ALA A 112 -6.85 -2.71 -19.09
N PRO A 113 -6.48 -3.78 -18.33
CA PRO A 113 -5.10 -3.94 -17.90
C PRO A 113 -4.22 -4.40 -19.06
N GLU A 114 -3.07 -3.75 -19.18
CA GLU A 114 -2.13 -4.08 -20.23
C GLU A 114 -0.69 -3.91 -19.74
N PHE A 115 0.23 -4.47 -20.50
CA PHE A 115 1.64 -4.39 -20.15
C PHE A 115 2.53 -4.62 -21.37
N MET A 116 3.82 -4.43 -21.17
CA MET A 116 4.78 -4.62 -22.25
C MET A 116 6.21 -4.75 -21.71
N GLU A 117 7.11 -5.12 -22.59
CA GLU A 117 8.51 -5.28 -22.21
C GLU A 117 9.35 -5.68 -23.43
N ASP A 118 10.65 -5.41 -23.31
CA ASP A 118 11.56 -5.73 -24.40
C ASP A 118 13.00 -5.75 -23.86
N GLU A 119 13.90 -6.27 -24.68
CA GLU A 119 15.30 -6.34 -24.29
C GLU A 119 16.19 -6.05 -25.50
N SER A 120 17.48 -5.90 -25.22
CA SER A 120 18.45 -5.62 -26.26
C SER A 120 19.58 -6.64 -26.21
N GLY A 121 20.42 -6.60 -27.24
CA GLY A 121 21.55 -7.50 -27.32
C GLY A 121 22.78 -6.80 -27.89
N PRO A 122 23.97 -7.37 -27.56
CA PRO A 122 25.22 -6.80 -28.03
C PRO A 122 25.44 -7.11 -29.52
N SER A 123 26.59 -6.67 -30.02
CA SER A 123 26.93 -6.89 -31.41
C SER A 123 28.39 -6.49 -31.67
N SER A 124 29.02 -7.22 -32.58
CA SER A 124 30.41 -6.94 -32.92
C SER A 124 30.48 -6.15 -34.23
N GLY A 125 31.67 -5.69 -34.54
CA GLY A 125 31.89 -4.92 -35.76
C GLY A 125 33.14 -5.42 -36.50
N GLY A 1 23.31 3.60 -24.12
CA GLY A 1 22.51 2.80 -23.21
C GLY A 1 21.54 3.68 -22.43
N SER A 2 20.32 3.77 -22.95
CA SER A 2 19.28 4.58 -22.30
C SER A 2 17.90 3.99 -22.63
N SER A 3 17.15 3.74 -21.57
CA SER A 3 15.81 3.19 -21.73
C SER A 3 15.07 3.20 -20.39
N GLY A 4 13.92 3.84 -20.39
CA GLY A 4 13.11 3.93 -19.19
C GLY A 4 13.15 5.36 -18.61
N SER A 5 12.13 6.13 -18.96
CA SER A 5 12.03 7.49 -18.50
C SER A 5 10.96 7.61 -17.42
N SER A 6 11.04 8.68 -16.65
CA SER A 6 10.07 8.92 -15.59
C SER A 6 10.28 10.31 -14.99
N GLY A 7 9.41 11.23 -15.39
CA GLY A 7 9.50 12.60 -14.91
C GLY A 7 8.31 12.92 -14.00
N ALA A 8 8.62 13.25 -12.76
CA ALA A 8 7.60 13.59 -11.79
C ALA A 8 6.74 12.35 -11.51
N GLY A 9 6.40 12.19 -10.23
CA GLY A 9 5.59 11.05 -9.82
C GLY A 9 5.54 10.95 -8.30
N SER A 10 4.33 11.01 -7.77
CA SER A 10 4.13 10.93 -6.34
C SER A 10 3.79 9.48 -5.94
N ALA A 11 3.87 9.22 -4.64
CA ALA A 11 3.56 7.91 -4.13
C ALA A 11 4.62 6.91 -4.64
N THR A 12 5.14 6.13 -3.70
CA THR A 12 6.16 5.15 -4.04
C THR A 12 5.57 3.73 -4.00
N ILE A 13 4.60 3.56 -3.11
CA ILE A 13 3.96 2.28 -2.96
C ILE A 13 2.44 2.45 -3.10
N THR A 14 1.80 1.41 -3.61
CA THR A 14 0.36 1.43 -3.81
C THR A 14 -0.27 0.12 -3.35
N TYR A 15 -1.12 0.22 -2.35
CA TYR A 15 -1.79 -0.95 -1.81
C TYR A 15 -3.18 -1.11 -2.41
N SER A 16 -3.69 -2.33 -2.34
CA SER A 16 -5.02 -2.63 -2.88
C SER A 16 -5.87 -3.30 -1.80
N VAL A 17 -6.82 -2.54 -1.28
CA VAL A 17 -7.71 -3.05 -0.26
C VAL A 17 -9.16 -2.73 -0.64
N LEU A 18 -10.00 -3.76 -0.60
CA LEU A 18 -11.40 -3.60 -0.94
C LEU A 18 -12.04 -2.60 0.03
N GLU A 19 -13.36 -2.61 0.04
CA GLU A 19 -14.11 -1.70 0.91
C GLU A 19 -14.54 -2.44 2.18
N GLU A 20 -14.74 -3.74 2.04
CA GLU A 20 -15.15 -4.57 3.16
C GLU A 20 -13.99 -4.75 4.15
N THR A 21 -13.49 -3.62 4.63
CA THR A 21 -12.38 -3.65 5.57
C THR A 21 -12.89 -3.36 6.99
N ASP A 22 -12.60 -4.29 7.89
CA ASP A 22 -13.01 -4.14 9.27
C ASP A 22 -11.77 -4.17 10.17
N ARG A 23 -12.02 -4.03 11.47
CA ARG A 23 -10.95 -4.04 12.44
C ARG A 23 -10.19 -5.36 12.38
N GLY A 24 -9.04 -5.33 11.71
CA GLY A 24 -8.22 -6.51 11.58
C GLY A 24 -8.19 -7.00 10.13
N SER A 25 -8.23 -6.04 9.22
CA SER A 25 -8.21 -6.36 7.79
C SER A 25 -6.79 -6.21 7.25
N LEU A 26 -6.41 -7.16 6.41
CA LEU A 26 -5.09 -7.14 5.81
C LEU A 26 -5.09 -6.19 4.61
N VAL A 27 -4.31 -5.12 4.75
CA VAL A 27 -4.21 -4.13 3.69
C VAL A 27 -3.12 -4.55 2.71
N GLY A 28 -2.06 -5.13 3.26
CA GLY A 28 -0.94 -5.57 2.44
C GLY A 28 0.33 -5.72 3.28
N ASN A 29 1.34 -6.31 2.66
CA ASN A 29 2.61 -6.51 3.34
C ASN A 29 3.57 -5.37 2.98
N LEU A 30 4.27 -4.89 3.99
CA LEU A 30 5.22 -3.80 3.80
C LEU A 30 6.61 -4.38 3.55
N ALA A 31 6.96 -5.38 4.35
CA ALA A 31 8.25 -6.02 4.23
C ALA A 31 8.32 -6.77 2.90
N LYS A 32 7.20 -7.42 2.57
CA LYS A 32 7.11 -8.18 1.34
C LYS A 32 7.04 -7.21 0.15
N ASP A 33 6.43 -6.07 0.41
CA ASP A 33 6.28 -5.06 -0.63
C ASP A 33 7.67 -4.68 -1.16
N LEU A 34 8.44 -4.05 -0.30
CA LEU A 34 9.79 -3.62 -0.67
C LEU A 34 10.67 -4.85 -0.83
N GLY A 35 10.13 -5.99 -0.45
CA GLY A 35 10.86 -7.25 -0.55
C GLY A 35 11.92 -7.35 0.54
N LEU A 36 11.77 -6.51 1.56
CA LEU A 36 12.71 -6.50 2.67
C LEU A 36 12.46 -7.72 3.55
N SER A 37 13.39 -7.95 4.47
CA SER A 37 13.29 -9.08 5.37
C SER A 37 12.74 -8.62 6.72
N LEU A 38 11.86 -9.44 7.29
CA LEU A 38 11.27 -9.12 8.57
C LEU A 38 12.33 -8.51 9.49
N ARG A 39 13.39 -9.26 9.68
CA ARG A 39 14.49 -8.82 10.53
C ARG A 39 14.78 -7.33 10.27
N GLU A 40 14.91 -7.00 8.99
CA GLU A 40 15.19 -5.63 8.60
C GLU A 40 14.07 -4.70 9.07
N LEU A 41 12.86 -5.09 8.73
CA LEU A 41 11.69 -4.29 9.12
C LEU A 41 11.64 -4.18 10.65
N ILE A 42 12.24 -5.16 11.30
CA ILE A 42 12.26 -5.19 12.76
C ILE A 42 13.37 -4.26 13.25
N THR A 43 14.58 -4.51 12.74
CA THR A 43 15.72 -3.70 13.12
C THR A 43 15.44 -2.21 12.90
N ARG A 44 15.04 -1.90 11.69
CA ARG A 44 14.73 -0.52 11.34
C ARG A 44 13.37 -0.12 11.90
N GLY A 45 12.73 -1.08 12.56
CA GLY A 45 11.43 -0.84 13.15
C GLY A 45 10.54 -0.03 12.21
N ALA A 46 10.05 -0.69 11.17
CA ALA A 46 9.20 -0.04 10.20
C ALA A 46 7.75 -0.06 10.70
N GLN A 47 7.22 1.14 10.91
CA GLN A 47 5.85 1.28 11.39
C GLN A 47 5.00 2.02 10.36
N ILE A 48 3.69 2.03 10.62
CA ILE A 48 2.77 2.69 9.72
C ILE A 48 2.37 4.05 10.32
N LEU A 49 2.38 5.06 9.48
CA LEU A 49 2.02 6.40 9.91
C LEU A 49 0.82 6.88 9.11
N SER A 50 -0.30 7.01 9.81
CA SER A 50 -1.53 7.46 9.19
C SER A 50 -2.22 8.51 10.06
N LYS A 51 -2.45 9.67 9.48
CA LYS A 51 -3.10 10.76 10.20
C LYS A 51 -2.29 11.08 11.45
N GLY A 52 -2.65 12.20 12.08
CA GLY A 52 -1.97 12.63 13.29
C GLY A 52 -2.95 12.73 14.46
N ASN A 53 -3.34 11.57 14.97
CA ASN A 53 -4.26 11.50 16.09
C ASN A 53 -4.48 10.04 16.48
N LYS A 54 -4.86 9.24 15.50
CA LYS A 54 -5.10 7.83 15.73
C LYS A 54 -4.85 7.05 14.44
N GLN A 55 -3.64 6.52 14.34
CA GLN A 55 -3.26 5.76 13.17
C GLN A 55 -4.31 4.69 12.86
N LEU A 56 -4.76 4.69 11.62
CA LEU A 56 -5.77 3.73 11.19
C LEU A 56 -5.07 2.53 10.55
N LEU A 57 -3.78 2.42 10.81
CA LEU A 57 -2.99 1.33 10.27
C LEU A 57 -1.99 0.84 11.33
N GLN A 58 -1.85 -0.48 11.40
CA GLN A 58 -0.94 -1.06 12.37
C GLN A 58 -0.23 -2.27 11.75
N LEU A 59 1.03 -2.07 11.40
CA LEU A 59 1.82 -3.13 10.81
C LEU A 59 2.33 -4.06 11.91
N GLU A 60 1.61 -5.15 12.09
CA GLU A 60 1.98 -6.12 13.11
C GLU A 60 3.50 -6.24 13.20
N GLN A 61 4.13 -6.41 12.05
CA GLN A 61 5.57 -6.53 12.00
C GLN A 61 6.01 -7.90 12.51
N LYS A 62 5.02 -8.72 12.83
CA LYS A 62 5.29 -10.05 13.34
C LYS A 62 5.46 -11.01 12.16
N SER A 63 4.96 -10.59 11.01
CA SER A 63 5.06 -11.40 9.81
C SER A 63 5.30 -10.50 8.59
N GLY A 64 4.52 -9.43 8.52
CA GLY A 64 4.63 -8.50 7.42
C GLY A 64 3.28 -8.27 6.75
N ASN A 65 2.34 -7.78 7.54
CA ASN A 65 1.00 -7.51 7.04
C ASN A 65 0.46 -6.24 7.70
N LEU A 66 -0.23 -5.43 6.90
CA LEU A 66 -0.80 -4.20 7.38
C LEU A 66 -2.20 -4.47 7.93
N LEU A 67 -2.40 -4.07 9.18
CA LEU A 67 -3.68 -4.27 9.83
C LEU A 67 -4.32 -2.91 10.13
N LEU A 68 -5.59 -2.80 9.78
CA LEU A 68 -6.31 -1.56 10.00
C LEU A 68 -6.62 -1.41 11.49
N LYS A 69 -6.54 -0.18 11.96
CA LYS A 69 -6.80 0.12 13.35
C LYS A 69 -8.28 -0.18 13.66
N GLU A 70 -9.14 0.36 12.81
CA GLU A 70 -10.57 0.16 12.98
C GLU A 70 -11.28 0.22 11.63
N LYS A 71 -12.61 0.15 11.68
CA LYS A 71 -13.41 0.19 10.47
C LYS A 71 -13.28 1.57 9.83
N LEU A 72 -12.74 1.58 8.62
CA LEU A 72 -12.55 2.82 7.88
C LEU A 72 -13.87 3.59 7.86
N ASP A 73 -13.78 4.87 8.18
CA ASP A 73 -14.95 5.72 8.18
C ASP A 73 -15.02 6.52 6.88
N ARG A 74 -16.22 6.61 6.33
CA ARG A 74 -16.43 7.33 5.10
C ARG A 74 -16.11 8.82 5.28
N GLU A 75 -16.88 9.45 6.15
CA GLU A 75 -16.70 10.86 6.44
C GLU A 75 -15.21 11.16 6.68
N GLU A 76 -14.66 10.47 7.67
CA GLU A 76 -13.26 10.65 8.01
C GLU A 76 -12.41 10.77 6.74
N LEU A 77 -12.41 9.69 5.98
CA LEU A 77 -11.64 9.66 4.73
C LEU A 77 -12.25 10.65 3.75
N CYS A 78 -13.37 10.24 3.15
CA CYS A 78 -14.05 11.08 2.18
C CYS A 78 -15.54 10.74 2.22
N GLY A 79 -15.85 9.50 1.84
CA GLY A 79 -17.23 9.05 1.83
C GLY A 79 -17.81 9.11 0.43
N SER A 80 -17.57 10.24 -0.24
CA SER A 80 -18.07 10.43 -1.59
C SER A 80 -16.96 10.99 -2.48
N THR A 81 -16.32 12.05 -1.99
CA THR A 81 -15.25 12.69 -2.73
C THR A 81 -14.31 11.63 -3.31
N ASN A 82 -13.50 12.06 -4.26
CA ASN A 82 -12.55 11.17 -4.90
C ASN A 82 -11.26 11.94 -5.21
N PRO A 83 -10.15 11.17 -5.33
CA PRO A 83 -10.21 9.73 -5.18
C PRO A 83 -10.37 9.34 -3.70
N CYS A 84 -10.28 8.05 -3.45
CA CYS A 84 -10.40 7.53 -2.10
C CYS A 84 -9.15 6.71 -1.78
N ILE A 85 -8.03 7.40 -1.71
CA ILE A 85 -6.76 6.74 -1.41
C ILE A 85 -6.30 7.15 -0.02
N LEU A 86 -5.93 6.14 0.76
CA LEU A 86 -5.46 6.38 2.12
C LEU A 86 -4.07 7.02 2.07
N HIS A 87 -3.86 7.95 2.99
CA HIS A 87 -2.58 8.64 3.07
C HIS A 87 -1.80 8.14 4.28
N PHE A 88 -0.68 7.49 3.99
CA PHE A 88 0.17 6.95 5.04
C PHE A 88 1.65 7.07 4.66
N GLN A 89 2.50 6.72 5.62
CA GLN A 89 3.93 6.79 5.39
C GLN A 89 4.65 5.79 6.30
N VAL A 90 5.71 5.20 5.77
CA VAL A 90 6.49 4.23 6.53
C VAL A 90 7.59 4.97 7.30
N LEU A 91 7.62 4.71 8.60
CA LEU A 91 8.61 5.34 9.47
C LEU A 91 9.75 4.36 9.71
N LEU A 92 10.97 4.87 9.57
CA LEU A 92 12.16 4.06 9.76
C LEU A 92 13.03 4.69 10.85
N LYS A 93 13.66 3.83 11.64
CA LYS A 93 14.52 4.29 12.71
C LYS A 93 15.98 4.26 12.23
N SER A 94 16.86 4.77 13.08
CA SER A 94 18.27 4.81 12.76
C SER A 94 18.66 3.56 11.95
N PRO A 95 18.99 3.79 10.67
CA PRO A 95 18.98 5.14 10.12
C PRO A 95 17.54 5.61 9.87
N VAL A 96 17.21 6.73 10.50
CA VAL A 96 15.87 7.30 10.35
C VAL A 96 15.58 7.52 8.87
N GLN A 97 14.45 6.98 8.44
CA GLN A 97 14.04 7.12 7.04
C GLN A 97 12.51 7.10 6.94
N PHE A 98 12.02 7.58 5.81
CA PHE A 98 10.59 7.63 5.57
C PHE A 98 10.27 7.30 4.11
N ILE A 99 9.07 6.80 3.89
CA ILE A 99 8.62 6.44 2.56
C ILE A 99 7.21 6.99 2.33
N GLN A 100 6.93 7.29 1.08
CA GLN A 100 5.62 7.82 0.71
C GLN A 100 4.80 6.74 0.00
N GLY A 101 4.05 6.00 0.79
CA GLY A 101 3.21 4.94 0.26
C GLY A 101 1.78 5.43 0.05
N GLU A 102 1.00 4.63 -0.68
CA GLU A 102 -0.37 4.97 -0.96
C GLU A 102 -1.27 3.74 -0.79
N ILE A 103 -2.56 3.99 -0.63
CA ILE A 103 -3.52 2.92 -0.45
C ILE A 103 -4.67 3.10 -1.44
N GLN A 104 -4.76 2.18 -2.39
CA GLN A 104 -5.81 2.24 -3.39
C GLN A 104 -6.89 1.20 -3.08
N LEU A 105 -8.12 1.57 -3.42
CA LEU A 105 -9.25 0.69 -3.19
C LEU A 105 -9.47 -0.19 -4.41
N GLN A 106 -9.59 -1.49 -4.16
CA GLN A 106 -9.80 -2.45 -5.23
C GLN A 106 -10.91 -1.97 -6.17
N ASP A 107 -10.99 -2.61 -7.32
CA ASP A 107 -12.00 -2.26 -8.30
C ASP A 107 -13.35 -2.82 -7.87
N VAL A 108 -14.36 -1.97 -7.89
CA VAL A 108 -15.70 -2.36 -7.51
C VAL A 108 -16.46 -2.87 -8.73
N ASN A 109 -16.68 -4.17 -8.75
CA ASN A 109 -17.39 -4.79 -9.86
C ASN A 109 -17.68 -6.26 -9.52
N ASP A 110 -18.96 -6.56 -9.39
CA ASP A 110 -19.39 -7.90 -9.06
C ASP A 110 -18.77 -8.88 -10.07
N HIS A 111 -19.03 -8.62 -11.34
CA HIS A 111 -18.52 -9.47 -12.40
C HIS A 111 -19.05 -10.89 -12.23
N ALA A 112 -20.27 -11.09 -12.72
CA ALA A 112 -20.90 -12.40 -12.63
C ALA A 112 -19.88 -13.48 -12.95
N PRO A 113 -20.10 -14.68 -12.35
CA PRO A 113 -19.20 -15.81 -12.57
C PRO A 113 -19.41 -16.42 -13.96
N GLU A 114 -18.43 -17.20 -14.37
CA GLU A 114 -18.49 -17.85 -15.68
C GLU A 114 -17.42 -18.94 -15.78
N PHE A 115 -17.83 -20.05 -16.38
CA PHE A 115 -16.92 -21.18 -16.54
C PHE A 115 -17.12 -21.85 -17.90
N MET A 116 -16.22 -21.52 -18.82
CA MET A 116 -16.28 -22.08 -20.16
C MET A 116 -15.05 -21.67 -20.98
N GLU A 117 -14.33 -22.67 -21.44
CA GLU A 117 -13.14 -22.43 -22.24
C GLU A 117 -12.53 -23.76 -22.71
N ASP A 118 -12.00 -23.74 -23.92
CA ASP A 118 -11.38 -24.93 -24.49
C ASP A 118 -10.89 -24.61 -25.90
N GLU A 119 -10.04 -25.49 -26.41
CA GLU A 119 -9.48 -25.32 -27.74
C GLU A 119 -9.99 -26.42 -28.68
N SER A 120 -9.86 -26.16 -29.96
CA SER A 120 -10.30 -27.13 -30.96
C SER A 120 -9.79 -26.69 -32.35
N GLY A 121 -9.85 -27.64 -33.28
CA GLY A 121 -9.41 -27.38 -34.64
C GLY A 121 -10.60 -27.07 -35.55
N PRO A 122 -10.35 -26.16 -36.53
CA PRO A 122 -11.38 -25.78 -37.47
C PRO A 122 -11.63 -26.89 -38.50
N SER A 123 -12.47 -26.56 -39.47
CA SER A 123 -12.80 -27.52 -40.53
C SER A 123 -13.44 -28.77 -39.91
N SER A 124 -14.31 -29.39 -40.70
CA SER A 124 -14.98 -30.60 -40.25
C SER A 124 -15.83 -31.18 -41.39
N GLY A 125 -16.76 -30.35 -41.87
CA GLY A 125 -17.63 -30.77 -42.95
C GLY A 125 -17.83 -29.63 -43.95
N GLY A 1 17.92 21.71 -30.13
CA GLY A 1 16.66 21.55 -29.42
C GLY A 1 16.71 20.37 -28.45
N SER A 2 16.19 19.24 -28.92
CA SER A 2 16.18 18.03 -28.11
C SER A 2 15.28 18.24 -26.88
N SER A 3 14.81 17.13 -26.34
CA SER A 3 13.95 17.17 -25.17
C SER A 3 14.36 16.08 -24.18
N GLY A 4 13.84 16.20 -22.97
CA GLY A 4 14.15 15.23 -21.92
C GLY A 4 13.27 15.46 -20.69
N SER A 5 13.53 14.67 -19.66
CA SER A 5 12.78 14.79 -18.42
C SER A 5 13.46 13.96 -17.33
N SER A 6 13.14 14.31 -16.08
CA SER A 6 13.70 13.61 -14.95
C SER A 6 12.65 12.72 -14.29
N GLY A 7 11.56 13.34 -13.88
CA GLY A 7 10.47 12.62 -13.25
C GLY A 7 10.26 13.09 -11.80
N ALA A 8 9.01 13.35 -11.48
CA ALA A 8 8.67 13.79 -10.14
C ALA A 8 8.21 12.60 -9.30
N GLY A 9 8.15 12.82 -7.99
CA GLY A 9 7.72 11.77 -7.08
C GLY A 9 6.35 12.07 -6.50
N SER A 10 5.82 11.09 -5.77
CA SER A 10 4.51 11.24 -5.16
C SER A 10 4.14 9.97 -4.39
N ALA A 11 4.10 8.87 -5.12
CA ALA A 11 3.78 7.58 -4.52
C ALA A 11 4.83 6.56 -4.91
N THR A 12 5.35 5.87 -3.90
CA THR A 12 6.36 4.85 -4.13
C THR A 12 5.75 3.45 -4.06
N ILE A 13 4.72 3.33 -3.22
CA ILE A 13 4.04 2.06 -3.06
C ILE A 13 2.53 2.27 -3.22
N THR A 14 1.87 1.23 -3.70
CA THR A 14 0.43 1.29 -3.90
C THR A 14 -0.22 0.00 -3.41
N TYR A 15 -1.08 0.16 -2.41
CA TYR A 15 -1.79 -0.98 -1.84
C TYR A 15 -3.21 -1.09 -2.40
N SER A 16 -3.85 -2.21 -2.11
CA SER A 16 -5.20 -2.45 -2.58
C SER A 16 -6.07 -2.95 -1.42
N VAL A 17 -7.13 -2.21 -1.16
CA VAL A 17 -8.05 -2.57 -0.09
C VAL A 17 -9.44 -2.03 -0.42
N LEU A 18 -10.44 -2.80 -0.03
CA LEU A 18 -11.83 -2.43 -0.27
C LEU A 18 -12.16 -1.16 0.53
N GLU A 19 -13.45 -0.89 0.64
CA GLU A 19 -13.90 0.27 1.38
C GLU A 19 -14.52 -0.15 2.71
N GLU A 20 -15.03 -1.37 2.74
CA GLU A 20 -15.64 -1.91 3.94
C GLU A 20 -14.62 -2.72 4.74
N THR A 21 -13.51 -2.08 5.03
CA THR A 21 -12.44 -2.72 5.79
C THR A 21 -12.64 -2.49 7.28
N ASP A 22 -12.56 -3.58 8.03
CA ASP A 22 -12.74 -3.51 9.48
C ASP A 22 -11.46 -4.03 10.16
N ARG A 23 -11.33 -3.67 11.43
CA ARG A 23 -10.17 -4.09 12.20
C ARG A 23 -9.90 -5.58 11.98
N GLY A 24 -8.65 -5.88 11.66
CA GLY A 24 -8.24 -7.25 11.44
C GLY A 24 -8.33 -7.61 9.95
N SER A 25 -7.95 -6.64 9.12
CA SER A 25 -7.98 -6.83 7.68
C SER A 25 -6.59 -6.58 7.10
N LEU A 26 -6.16 -7.51 6.26
CA LEU A 26 -4.86 -7.40 5.63
C LEU A 26 -4.92 -6.37 4.50
N VAL A 27 -4.24 -5.26 4.71
CA VAL A 27 -4.21 -4.19 3.72
C VAL A 27 -3.19 -4.54 2.63
N GLY A 28 -2.09 -5.13 3.07
CA GLY A 28 -1.03 -5.51 2.15
C GLY A 28 0.27 -5.80 2.90
N ASN A 29 1.29 -6.17 2.13
CA ASN A 29 2.58 -6.48 2.72
C ASN A 29 3.54 -5.31 2.49
N LEU A 30 4.33 -5.03 3.52
CA LEU A 30 5.29 -3.94 3.44
C LEU A 30 6.70 -4.52 3.41
N ALA A 31 6.89 -5.60 4.16
CA ALA A 31 8.19 -6.25 4.24
C ALA A 31 8.46 -6.98 2.92
N LYS A 32 7.40 -7.56 2.37
CA LYS A 32 7.51 -8.29 1.12
C LYS A 32 7.54 -7.30 -0.05
N ASP A 33 6.64 -6.33 0.02
CA ASP A 33 6.55 -5.32 -1.02
C ASP A 33 7.97 -4.89 -1.43
N LEU A 34 8.63 -4.19 -0.52
CA LEU A 34 9.98 -3.73 -0.76
C LEU A 34 10.91 -4.93 -0.94
N GLY A 35 10.47 -6.06 -0.40
CA GLY A 35 11.24 -7.28 -0.51
C GLY A 35 12.22 -7.41 0.68
N LEU A 36 11.97 -6.58 1.69
CA LEU A 36 12.82 -6.59 2.87
C LEU A 36 12.39 -7.75 3.79
N SER A 37 13.38 -8.36 4.41
CA SER A 37 13.13 -9.48 5.31
C SER A 37 12.52 -8.97 6.61
N LEU A 38 11.69 -9.82 7.21
CA LEU A 38 11.02 -9.47 8.45
C LEU A 38 12.02 -8.79 9.39
N ARG A 39 13.07 -9.53 9.72
CA ARG A 39 14.11 -9.02 10.60
C ARG A 39 14.38 -7.54 10.29
N GLU A 40 14.72 -7.28 9.05
CA GLU A 40 15.01 -5.92 8.62
C GLU A 40 13.88 -4.98 9.05
N LEU A 41 12.68 -5.33 8.63
CA LEU A 41 11.50 -4.54 8.97
C LEU A 41 11.43 -4.35 10.49
N ILE A 42 11.96 -5.35 11.19
CA ILE A 42 11.96 -5.31 12.65
C ILE A 42 13.09 -4.40 13.13
N THR A 43 14.30 -4.78 12.77
CA THR A 43 15.48 -4.01 13.16
C THR A 43 15.31 -2.54 12.74
N ARG A 44 14.95 -2.35 11.48
CA ARG A 44 14.76 -1.02 10.94
C ARG A 44 13.50 -0.38 11.55
N GLY A 45 12.76 -1.19 12.29
CA GLY A 45 11.55 -0.71 12.94
C GLY A 45 10.70 0.08 11.96
N ALA A 46 9.73 -0.61 11.36
CA ALA A 46 8.83 0.03 10.41
C ALA A 46 7.43 0.12 11.02
N GLN A 47 6.82 1.29 10.84
CA GLN A 47 5.48 1.52 11.37
C GLN A 47 4.64 2.29 10.35
N ILE A 48 3.34 2.30 10.58
CA ILE A 48 2.42 2.99 9.70
C ILE A 48 2.05 4.34 10.32
N LEU A 49 2.16 5.38 9.50
CA LEU A 49 1.84 6.72 9.94
C LEU A 49 0.54 7.19 9.28
N SER A 50 -0.52 7.20 10.06
CA SER A 50 -1.81 7.61 9.56
C SER A 50 -2.50 8.52 10.58
N LYS A 51 -2.95 9.67 10.09
CA LYS A 51 -3.63 10.64 10.94
C LYS A 51 -2.67 11.08 12.06
N GLY A 52 -2.92 12.29 12.56
CA GLY A 52 -2.10 12.84 13.62
C GLY A 52 -2.06 11.91 14.83
N ASN A 53 -3.20 11.80 15.49
CA ASN A 53 -3.30 10.95 16.67
C ASN A 53 -4.17 9.74 16.33
N LYS A 54 -4.09 8.73 17.19
CA LYS A 54 -4.86 7.52 16.99
C LYS A 54 -4.83 7.14 15.51
N GLN A 55 -3.80 6.40 15.14
CA GLN A 55 -3.66 5.97 13.76
C GLN A 55 -4.80 5.02 13.37
N LEU A 56 -4.87 4.71 12.09
CA LEU A 56 -5.90 3.83 11.58
C LEU A 56 -5.25 2.59 10.95
N LEU A 57 -3.94 2.52 11.10
CA LEU A 57 -3.18 1.40 10.56
C LEU A 57 -2.21 0.88 11.62
N GLN A 58 -1.78 -0.36 11.43
CA GLN A 58 -0.85 -0.98 12.36
C GLN A 58 -0.06 -2.09 11.65
N LEU A 59 1.23 -1.85 11.50
CA LEU A 59 2.10 -2.82 10.85
C LEU A 59 2.50 -3.90 11.86
N GLU A 60 1.95 -5.08 11.67
CA GLU A 60 2.24 -6.19 12.56
C GLU A 60 3.72 -6.18 12.95
N GLN A 61 4.56 -6.21 11.93
CA GLN A 61 6.00 -6.20 12.17
C GLN A 61 6.51 -7.62 12.42
N LYS A 62 5.81 -8.30 13.32
CA LYS A 62 6.19 -9.67 13.68
C LYS A 62 5.90 -10.59 12.48
N SER A 63 5.12 -10.07 11.55
CA SER A 63 4.77 -10.83 10.36
C SER A 63 5.23 -10.08 9.11
N GLY A 64 4.87 -8.81 9.06
CA GLY A 64 5.24 -7.97 7.93
C GLY A 64 4.03 -7.68 7.04
N ASN A 65 2.91 -7.40 7.70
CA ASN A 65 1.68 -7.10 6.99
C ASN A 65 1.07 -5.82 7.56
N LEU A 66 0.34 -5.12 6.71
CA LEU A 66 -0.30 -3.87 7.10
C LEU A 66 -1.71 -4.18 7.61
N LEU A 67 -1.86 -4.13 8.93
CA LEU A 67 -3.15 -4.40 9.54
C LEU A 67 -3.79 -3.08 9.98
N LEU A 68 -5.07 -2.96 9.67
CA LEU A 68 -5.81 -1.75 10.01
C LEU A 68 -5.90 -1.64 11.53
N LYS A 69 -6.63 -0.63 11.97
CA LYS A 69 -6.81 -0.40 13.40
C LYS A 69 -8.29 -0.52 13.75
N GLU A 70 -9.11 0.20 13.01
CA GLU A 70 -10.55 0.18 13.23
C GLU A 70 -11.29 0.35 11.91
N LYS A 71 -12.61 0.48 12.02
CA LYS A 71 -13.45 0.65 10.84
C LYS A 71 -13.24 2.05 10.26
N LEU A 72 -12.77 2.08 9.02
CA LEU A 72 -12.53 3.35 8.35
C LEU A 72 -13.84 4.12 8.23
N ASP A 73 -13.79 5.38 8.67
CA ASP A 73 -14.96 6.23 8.62
C ASP A 73 -15.27 6.58 7.17
N ARG A 74 -16.05 5.71 6.53
CA ARG A 74 -16.41 5.92 5.14
C ARG A 74 -16.81 7.39 4.91
N GLU A 75 -17.80 7.83 5.68
CA GLU A 75 -18.27 9.19 5.56
C GLU A 75 -17.12 10.17 5.72
N GLU A 76 -16.55 10.19 6.91
CA GLU A 76 -15.43 11.08 7.20
C GLU A 76 -14.47 11.13 6.01
N LEU A 77 -13.77 10.02 5.81
CA LEU A 77 -12.83 9.93 4.71
C LEU A 77 -13.55 10.21 3.40
N CYS A 78 -14.24 9.19 2.90
CA CYS A 78 -14.97 9.33 1.65
C CYS A 78 -15.84 8.06 1.48
N GLY A 79 -15.15 6.94 1.33
CA GLY A 79 -15.82 5.67 1.14
C GLY A 79 -17.00 5.81 0.16
N SER A 80 -16.69 6.40 -0.99
CA SER A 80 -17.70 6.60 -2.01
C SER A 80 -17.06 7.25 -3.25
N THR A 81 -16.64 8.49 -3.07
CA THR A 81 -16.02 9.23 -4.15
C THR A 81 -14.67 8.61 -4.51
N ASN A 82 -14.20 8.97 -5.70
CA ASN A 82 -12.92 8.46 -6.18
C ASN A 82 -11.91 9.60 -6.23
N PRO A 83 -10.61 9.21 -6.26
CA PRO A 83 -10.25 7.80 -6.26
C PRO A 83 -10.43 7.20 -4.87
N CYS A 84 -10.05 7.98 -3.87
CA CYS A 84 -10.17 7.54 -2.49
C CYS A 84 -8.92 6.70 -2.15
N ILE A 85 -7.88 7.39 -1.73
CA ILE A 85 -6.64 6.73 -1.37
C ILE A 85 -6.20 7.20 0.02
N LEU A 86 -5.92 6.22 0.87
CA LEU A 86 -5.49 6.52 2.23
C LEU A 86 -4.06 7.08 2.19
N HIS A 87 -3.84 8.09 3.02
CA HIS A 87 -2.53 8.72 3.09
C HIS A 87 -1.76 8.15 4.29
N PHE A 88 -0.65 7.50 3.97
CA PHE A 88 0.18 6.90 5.00
C PHE A 88 1.67 6.94 4.60
N GLN A 89 2.52 6.63 5.57
CA GLN A 89 3.95 6.62 5.32
C GLN A 89 4.64 5.62 6.25
N VAL A 90 5.73 5.05 5.76
CA VAL A 90 6.48 4.07 6.52
C VAL A 90 7.58 4.79 7.30
N LEU A 91 7.44 4.77 8.61
CA LEU A 91 8.41 5.41 9.48
C LEU A 91 9.53 4.42 9.82
N LEU A 92 10.76 4.90 9.72
CA LEU A 92 11.91 4.06 10.00
C LEU A 92 12.76 4.73 11.08
N LYS A 93 13.40 3.90 11.88
CA LYS A 93 14.26 4.39 12.95
C LYS A 93 15.71 4.38 12.49
N SER A 94 16.57 4.92 13.35
CA SER A 94 18.00 4.98 13.03
C SER A 94 18.41 3.74 12.25
N PRO A 95 18.76 3.96 10.96
CA PRO A 95 18.73 5.31 10.40
C PRO A 95 17.30 5.74 10.12
N VAL A 96 16.92 6.86 10.73
CA VAL A 96 15.58 7.40 10.57
C VAL A 96 15.32 7.63 9.08
N GLN A 97 14.19 7.09 8.62
CA GLN A 97 13.81 7.23 7.23
C GLN A 97 12.29 7.20 7.08
N PHE A 98 11.82 7.67 5.94
CA PHE A 98 10.39 7.70 5.66
C PHE A 98 10.11 7.38 4.20
N ILE A 99 8.93 6.82 3.97
CA ILE A 99 8.53 6.46 2.62
C ILE A 99 7.12 6.99 2.36
N GLN A 100 6.81 7.17 1.08
CA GLN A 100 5.50 7.67 0.69
C GLN A 100 4.71 6.57 -0.02
N GLY A 101 3.91 5.86 0.77
CA GLY A 101 3.09 4.78 0.24
C GLY A 101 1.69 5.28 -0.12
N GLU A 102 0.88 4.37 -0.63
CA GLU A 102 -0.48 4.70 -1.02
C GLU A 102 -1.39 3.48 -0.86
N ILE A 103 -2.68 3.76 -0.74
CA ILE A 103 -3.66 2.70 -0.57
C ILE A 103 -4.78 2.89 -1.60
N GLN A 104 -4.76 2.04 -2.61
CA GLN A 104 -5.77 2.10 -3.66
C GLN A 104 -7.01 1.32 -3.25
N LEU A 105 -8.16 1.85 -3.62
CA LEU A 105 -9.43 1.20 -3.30
C LEU A 105 -9.66 0.04 -4.28
N GLN A 106 -9.79 -1.14 -3.72
CA GLN A 106 -10.02 -2.34 -4.52
C GLN A 106 -11.02 -2.03 -5.64
N ASP A 107 -10.50 -1.99 -6.85
CA ASP A 107 -11.34 -1.71 -8.01
C ASP A 107 -11.98 -3.01 -8.50
N VAL A 108 -13.29 -2.99 -8.61
CA VAL A 108 -14.04 -4.15 -9.07
C VAL A 108 -13.29 -4.80 -10.24
N ASN A 109 -13.11 -6.10 -10.14
CA ASN A 109 -12.42 -6.85 -11.18
C ASN A 109 -12.58 -8.35 -10.93
N ASP A 110 -13.27 -9.01 -11.84
CA ASP A 110 -13.51 -10.43 -11.71
C ASP A 110 -12.49 -11.18 -12.59
N HIS A 111 -11.96 -12.26 -12.02
CA HIS A 111 -10.98 -13.07 -12.73
C HIS A 111 -10.70 -14.34 -11.94
N ALA A 112 -9.99 -15.26 -12.57
CA ALA A 112 -9.64 -16.52 -11.94
C ALA A 112 -8.16 -16.48 -11.52
N PRO A 113 -7.88 -17.15 -10.37
CA PRO A 113 -6.52 -17.20 -9.86
C PRO A 113 -5.66 -18.16 -10.68
N GLU A 114 -4.38 -18.19 -10.35
CA GLU A 114 -3.44 -19.07 -11.04
C GLU A 114 -2.90 -20.13 -10.08
N PHE A 115 -3.03 -21.38 -10.50
CA PHE A 115 -2.56 -22.49 -9.70
C PHE A 115 -1.06 -22.71 -9.89
N MET A 116 -0.50 -23.54 -9.02
CA MET A 116 0.92 -23.85 -9.09
C MET A 116 1.24 -24.68 -10.32
N GLU A 117 2.54 -24.72 -10.64
CA GLU A 117 3.00 -25.48 -11.79
C GLU A 117 4.53 -25.54 -11.81
N ASP A 118 5.03 -26.73 -12.14
CA ASP A 118 6.47 -26.94 -12.19
C ASP A 118 6.88 -27.21 -13.65
N GLU A 119 8.13 -26.88 -13.93
CA GLU A 119 8.66 -27.07 -15.27
C GLU A 119 9.96 -27.90 -15.21
N SER A 120 10.08 -28.80 -16.17
CA SER A 120 11.26 -29.65 -16.24
C SER A 120 11.95 -29.48 -17.60
N GLY A 121 12.97 -28.63 -17.60
CA GLY A 121 13.71 -28.37 -18.82
C GLY A 121 14.67 -29.52 -19.14
N PRO A 122 14.91 -29.73 -20.46
CA PRO A 122 15.80 -30.79 -20.90
C PRO A 122 17.26 -30.41 -20.66
N SER A 123 18.12 -31.42 -20.74
CA SER A 123 19.55 -31.21 -20.53
C SER A 123 20.29 -31.36 -21.85
N SER A 124 21.49 -30.78 -21.89
CA SER A 124 22.31 -30.85 -23.09
C SER A 124 23.69 -31.40 -22.74
N GLY A 125 24.32 -32.01 -23.74
CA GLY A 125 25.65 -32.58 -23.55
C GLY A 125 25.64 -34.08 -23.84
N GLY A 1 16.12 20.90 -33.64
CA GLY A 1 15.64 19.80 -32.82
C GLY A 1 14.73 20.31 -31.70
N SER A 2 14.58 19.48 -30.68
CA SER A 2 13.75 19.83 -29.55
C SER A 2 13.73 18.68 -28.53
N SER A 3 13.68 19.06 -27.26
CA SER A 3 13.67 18.08 -26.19
C SER A 3 12.91 18.64 -24.98
N GLY A 4 12.69 17.77 -24.01
CA GLY A 4 11.99 18.16 -22.80
C GLY A 4 12.53 17.41 -21.58
N SER A 5 11.79 17.51 -20.49
CA SER A 5 12.18 16.85 -19.25
C SER A 5 11.17 17.15 -18.15
N SER A 6 11.02 16.20 -17.25
CA SER A 6 10.09 16.34 -16.14
C SER A 6 10.25 15.19 -15.15
N GLY A 7 9.87 15.45 -13.92
CA GLY A 7 9.97 14.44 -12.87
C GLY A 7 9.91 15.08 -11.48
N ALA A 8 9.44 14.29 -10.52
CA ALA A 8 9.33 14.77 -9.15
C ALA A 8 8.81 13.63 -8.27
N GLY A 9 8.98 13.82 -6.97
CA GLY A 9 8.53 12.83 -6.00
C GLY A 9 7.10 12.38 -6.30
N SER A 10 6.83 11.11 -6.00
CA SER A 10 5.51 10.55 -6.22
C SER A 10 5.34 9.27 -5.41
N ALA A 11 4.13 8.72 -5.47
CA ALA A 11 3.84 7.49 -4.75
C ALA A 11 4.92 6.46 -5.04
N THR A 12 5.45 5.88 -3.97
CA THR A 12 6.49 4.88 -4.09
C THR A 12 5.89 3.48 -4.05
N ILE A 13 4.81 3.35 -3.28
CA ILE A 13 4.13 2.08 -3.15
C ILE A 13 2.62 2.29 -3.30
N THR A 14 1.96 1.26 -3.82
CA THR A 14 0.52 1.32 -4.02
C THR A 14 -0.13 0.04 -3.53
N TYR A 15 -0.99 0.19 -2.51
CA TYR A 15 -1.68 -0.94 -1.94
C TYR A 15 -3.07 -1.10 -2.56
N SER A 16 -3.62 -2.30 -2.42
CA SER A 16 -4.93 -2.59 -2.96
C SER A 16 -5.79 -3.29 -1.91
N VAL A 17 -6.73 -2.53 -1.36
CA VAL A 17 -7.62 -3.06 -0.34
C VAL A 17 -9.06 -2.78 -0.73
N LEU A 18 -9.91 -3.78 -0.52
CA LEU A 18 -11.31 -3.65 -0.85
C LEU A 18 -11.99 -2.70 0.15
N GLU A 19 -13.31 -2.68 0.10
CA GLU A 19 -14.08 -1.83 0.99
C GLU A 19 -14.63 -2.65 2.16
N GLU A 20 -14.47 -3.96 2.05
CA GLU A 20 -14.94 -4.86 3.09
C GLU A 20 -13.86 -5.06 4.16
N THR A 21 -13.22 -3.95 4.52
CA THR A 21 -12.17 -3.99 5.53
C THR A 21 -12.75 -3.72 6.92
N ASP A 22 -12.47 -4.65 7.83
CA ASP A 22 -12.96 -4.52 9.19
C ASP A 22 -11.76 -4.52 10.15
N ARG A 23 -12.07 -4.38 11.43
CA ARG A 23 -11.05 -4.37 12.46
C ARG A 23 -10.20 -5.63 12.38
N GLY A 24 -9.02 -5.49 11.81
CA GLY A 24 -8.11 -6.62 11.67
C GLY A 24 -8.11 -7.16 10.24
N SER A 25 -8.01 -6.23 9.30
CA SER A 25 -8.00 -6.60 7.90
C SER A 25 -6.61 -6.38 7.31
N LEU A 26 -6.22 -7.30 6.43
CA LEU A 26 -4.92 -7.21 5.79
C LEU A 26 -5.00 -6.26 4.60
N VAL A 27 -4.33 -5.13 4.74
CA VAL A 27 -4.32 -4.13 3.68
C VAL A 27 -3.34 -4.55 2.60
N GLY A 28 -2.22 -5.10 3.04
CA GLY A 28 -1.19 -5.55 2.12
C GLY A 28 0.13 -5.79 2.85
N ASN A 29 1.12 -6.26 2.09
CA ASN A 29 2.44 -6.53 2.65
C ASN A 29 3.32 -5.28 2.49
N LEU A 30 4.11 -5.03 3.52
CA LEU A 30 5.01 -3.88 3.51
C LEU A 30 6.44 -4.36 3.35
N ALA A 31 6.84 -5.25 4.24
CA ALA A 31 8.19 -5.80 4.20
C ALA A 31 8.39 -6.54 2.87
N LYS A 32 7.39 -7.33 2.50
CA LYS A 32 7.45 -8.08 1.27
C LYS A 32 7.29 -7.14 0.08
N ASP A 33 6.63 -6.01 0.35
CA ASP A 33 6.40 -5.02 -0.69
C ASP A 33 7.74 -4.52 -1.22
N LEU A 34 8.60 -4.09 -0.29
CA LEU A 34 9.91 -3.58 -0.65
C LEU A 34 10.87 -4.76 -0.81
N GLY A 35 10.32 -5.95 -0.71
CA GLY A 35 11.11 -7.16 -0.83
C GLY A 35 12.07 -7.32 0.35
N LEU A 36 11.79 -6.55 1.40
CA LEU A 36 12.60 -6.59 2.60
C LEU A 36 12.16 -7.77 3.48
N SER A 37 12.92 -8.01 4.54
CA SER A 37 12.62 -9.08 5.45
C SER A 37 12.15 -8.52 6.79
N LEU A 38 11.36 -9.32 7.50
CA LEU A 38 10.84 -8.91 8.78
C LEU A 38 11.98 -8.33 9.63
N ARG A 39 12.94 -9.19 9.95
CA ARG A 39 14.08 -8.76 10.75
C ARG A 39 14.52 -7.35 10.34
N GLU A 40 14.74 -7.18 9.05
CA GLU A 40 15.15 -5.89 8.53
C GLU A 40 14.14 -4.81 8.92
N LEU A 41 12.88 -5.08 8.62
CA LEU A 41 11.81 -4.15 8.93
C LEU A 41 11.77 -3.92 10.44
N ILE A 42 12.24 -4.91 11.17
CA ILE A 42 12.27 -4.83 12.63
C ILE A 42 13.47 -3.98 13.07
N THR A 43 14.63 -4.36 12.57
CA THR A 43 15.85 -3.66 12.90
C THR A 43 15.72 -2.17 12.58
N ARG A 44 15.13 -1.90 11.42
CA ARG A 44 14.92 -0.53 10.99
C ARG A 44 13.63 0.03 11.58
N GLY A 45 13.06 -0.74 12.50
CA GLY A 45 11.82 -0.32 13.15
C GLY A 45 10.86 0.31 12.13
N ALA A 46 10.03 -0.54 11.55
CA ALA A 46 9.06 -0.08 10.56
C ALA A 46 7.69 0.03 11.22
N GLN A 47 7.07 1.19 11.05
CA GLN A 47 5.75 1.44 11.63
C GLN A 47 4.91 2.28 10.67
N ILE A 48 3.60 2.21 10.87
CA ILE A 48 2.67 2.95 10.04
C ILE A 48 2.38 4.30 10.68
N LEU A 49 2.47 5.35 9.86
CA LEU A 49 2.22 6.70 10.33
C LEU A 49 0.71 6.93 10.42
N SER A 50 0.35 8.01 11.10
CA SER A 50 -1.05 8.35 11.26
C SER A 50 -1.59 8.97 9.97
N LYS A 51 -2.88 8.75 9.74
CA LYS A 51 -3.53 9.27 8.54
C LYS A 51 -3.89 10.74 8.77
N GLY A 52 -2.86 11.56 8.91
CA GLY A 52 -3.07 12.99 9.12
C GLY A 52 -3.06 13.31 10.61
N ASN A 53 -3.98 12.69 11.34
CA ASN A 53 -4.09 12.91 12.77
C ASN A 53 -4.26 11.56 13.47
N LYS A 54 -5.37 10.91 13.16
CA LYS A 54 -5.67 9.62 13.76
C LYS A 54 -4.93 8.53 13.00
N GLN A 55 -4.82 7.37 13.64
CA GLN A 55 -4.13 6.24 13.04
C GLN A 55 -5.11 5.10 12.78
N LEU A 56 -5.32 4.82 11.50
CA LEU A 56 -6.22 3.76 11.11
C LEU A 56 -5.42 2.60 10.50
N LEU A 57 -4.13 2.60 10.80
CA LEU A 57 -3.25 1.57 10.28
C LEU A 57 -2.29 1.12 11.41
N GLN A 58 -1.92 -0.15 11.34
CA GLN A 58 -1.02 -0.71 12.34
C GLN A 58 -0.25 -1.89 11.75
N LEU A 59 1.07 -1.76 11.73
CA LEU A 59 1.93 -2.81 11.20
C LEU A 59 2.18 -3.84 12.29
N GLU A 60 1.81 -5.09 11.97
CA GLU A 60 2.00 -6.17 12.92
C GLU A 60 3.44 -6.20 13.44
N GLN A 61 4.37 -6.25 12.50
CA GLN A 61 5.78 -6.27 12.84
C GLN A 61 6.26 -7.71 13.04
N LYS A 62 5.33 -8.56 13.43
CA LYS A 62 5.63 -9.97 13.65
C LYS A 62 5.28 -10.77 12.40
N SER A 63 4.54 -10.13 11.51
CA SER A 63 4.13 -10.77 10.27
C SER A 63 4.69 -10.00 9.08
N GLY A 64 4.65 -8.68 9.19
CA GLY A 64 5.15 -7.83 8.13
C GLY A 64 4.03 -7.46 7.15
N ASN A 65 2.87 -7.16 7.71
CA ASN A 65 1.72 -6.80 6.90
C ASN A 65 1.10 -5.52 7.44
N LEU A 66 0.29 -4.88 6.59
CA LEU A 66 -0.36 -3.64 6.97
C LEU A 66 -1.77 -3.95 7.49
N LEU A 67 -1.93 -3.82 8.79
CA LEU A 67 -3.22 -4.08 9.41
C LEU A 67 -3.91 -2.75 9.72
N LEU A 68 -5.24 -2.78 9.71
CA LEU A 68 -6.02 -1.59 9.98
C LEU A 68 -6.28 -1.51 11.49
N LYS A 69 -6.71 -0.32 11.90
CA LYS A 69 -7.00 -0.09 13.32
C LYS A 69 -8.46 -0.45 13.60
N GLU A 70 -9.34 0.04 12.74
CA GLU A 70 -10.76 -0.21 12.88
C GLU A 70 -11.47 0.01 11.54
N LYS A 71 -12.80 -0.10 11.59
CA LYS A 71 -13.60 0.09 10.39
C LYS A 71 -13.36 1.49 9.83
N LEU A 72 -12.91 1.51 8.58
CA LEU A 72 -12.65 2.77 7.91
C LEU A 72 -13.91 3.63 7.91
N ASP A 73 -13.69 4.94 8.00
CA ASP A 73 -14.81 5.87 8.01
C ASP A 73 -14.90 6.56 6.65
N ARG A 74 -16.11 6.58 6.12
CA ARG A 74 -16.35 7.21 4.82
C ARG A 74 -16.04 8.71 4.89
N GLU A 75 -16.63 9.36 5.89
CA GLU A 75 -16.42 10.78 6.08
C GLU A 75 -14.93 11.09 6.18
N GLU A 76 -14.33 10.62 7.26
CA GLU A 76 -12.91 10.83 7.49
C GLU A 76 -12.14 10.73 6.18
N LEU A 77 -12.23 9.57 5.56
CA LEU A 77 -11.54 9.33 4.30
C LEU A 77 -12.10 10.27 3.23
N CYS A 78 -13.29 9.92 2.75
CA CYS A 78 -13.94 10.72 1.73
C CYS A 78 -15.42 10.34 1.69
N GLY A 79 -15.66 9.07 1.34
CA GLY A 79 -17.02 8.56 1.26
C GLY A 79 -17.57 8.70 -0.16
N SER A 80 -17.44 9.91 -0.69
CA SER A 80 -17.91 10.19 -2.04
C SER A 80 -16.82 10.86 -2.86
N THR A 81 -16.17 11.84 -2.24
CA THR A 81 -15.10 12.57 -2.90
C THR A 81 -14.00 11.60 -3.34
N ASN A 82 -13.34 11.96 -4.43
CA ASN A 82 -12.26 11.15 -4.96
C ASN A 82 -11.01 12.01 -5.15
N PRO A 83 -9.85 11.32 -5.27
CA PRO A 83 -9.83 9.87 -5.21
C PRO A 83 -10.03 9.37 -3.77
N CYS A 84 -10.15 8.05 -3.65
CA CYS A 84 -10.35 7.44 -2.35
C CYS A 84 -9.10 6.62 -2.02
N ILE A 85 -8.02 7.33 -1.73
CA ILE A 85 -6.76 6.69 -1.41
C ILE A 85 -6.40 7.00 0.05
N LEU A 86 -5.97 5.98 0.76
CA LEU A 86 -5.59 6.13 2.16
C LEU A 86 -4.24 6.85 2.24
N HIS A 87 -4.04 7.53 3.35
CA HIS A 87 -2.80 8.26 3.56
C HIS A 87 -2.00 7.61 4.68
N PHE A 88 -0.82 7.12 4.34
CA PHE A 88 0.04 6.46 5.30
C PHE A 88 1.52 6.62 4.91
N GLN A 89 2.38 6.17 5.81
CA GLN A 89 3.80 6.25 5.58
C GLN A 89 4.54 5.18 6.38
N VAL A 90 5.80 4.98 6.03
CA VAL A 90 6.63 3.99 6.71
C VAL A 90 7.79 4.69 7.41
N LEU A 91 7.77 4.65 8.73
CA LEU A 91 8.82 5.27 9.53
C LEU A 91 9.89 4.23 9.85
N LEU A 92 11.14 4.64 9.71
CA LEU A 92 12.25 3.75 9.99
C LEU A 92 13.18 4.41 11.01
N LYS A 93 13.82 3.56 11.81
CA LYS A 93 14.73 4.04 12.84
C LYS A 93 16.16 3.96 12.32
N SER A 94 17.08 4.48 13.12
CA SER A 94 18.48 4.48 12.76
C SER A 94 18.82 3.20 11.99
N PRO A 95 19.13 3.37 10.68
CA PRO A 95 19.12 4.70 10.09
C PRO A 95 17.70 5.20 9.85
N VAL A 96 17.40 6.34 10.46
CA VAL A 96 16.08 6.93 10.33
C VAL A 96 15.75 7.11 8.84
N GLN A 97 14.52 6.78 8.50
CA GLN A 97 14.06 6.91 7.12
C GLN A 97 12.53 6.96 7.06
N PHE A 98 12.04 7.47 5.95
CA PHE A 98 10.60 7.59 5.76
C PHE A 98 10.21 7.30 4.30
N ILE A 99 8.97 6.88 4.12
CA ILE A 99 8.47 6.56 2.80
C ILE A 99 7.06 7.14 2.65
N GLN A 100 6.61 7.17 1.40
CA GLN A 100 5.28 7.70 1.10
C GLN A 100 4.57 6.80 0.09
N GLY A 101 3.80 5.86 0.63
CA GLY A 101 3.07 4.92 -0.21
C GLY A 101 1.63 5.41 -0.43
N GLU A 102 0.82 4.52 -0.99
CA GLU A 102 -0.56 4.85 -1.27
C GLU A 102 -1.44 3.60 -1.10
N ILE A 103 -2.72 3.85 -0.85
CA ILE A 103 -3.67 2.76 -0.68
C ILE A 103 -4.82 2.92 -1.67
N GLN A 104 -4.80 2.07 -2.68
CA GLN A 104 -5.83 2.11 -3.70
C GLN A 104 -6.99 1.18 -3.33
N LEU A 105 -8.20 1.71 -3.45
CA LEU A 105 -9.39 0.95 -3.13
C LEU A 105 -9.81 0.13 -4.35
N GLN A 106 -9.83 -1.18 -4.17
CA GLN A 106 -10.22 -2.08 -5.25
C GLN A 106 -11.50 -1.58 -5.92
N ASP A 107 -11.44 -1.54 -7.25
CA ASP A 107 -12.58 -1.08 -8.01
C ASP A 107 -13.81 -1.92 -7.66
N VAL A 108 -14.94 -1.25 -7.54
CA VAL A 108 -16.19 -1.90 -7.20
C VAL A 108 -16.26 -3.25 -7.93
N ASN A 109 -16.98 -4.18 -7.33
CA ASN A 109 -17.14 -5.50 -7.92
C ASN A 109 -18.60 -5.70 -8.32
N ASP A 110 -18.78 -6.22 -9.53
CA ASP A 110 -20.12 -6.47 -10.04
C ASP A 110 -20.02 -7.10 -11.43
N HIS A 111 -20.86 -8.09 -11.66
CA HIS A 111 -20.88 -8.78 -12.94
C HIS A 111 -22.26 -8.64 -13.58
N ALA A 112 -22.28 -7.97 -14.72
CA ALA A 112 -23.53 -7.76 -15.45
C ALA A 112 -23.22 -7.13 -16.80
N PRO A 113 -23.68 -7.82 -17.88
CA PRO A 113 -23.46 -7.34 -19.23
C PRO A 113 -24.40 -6.17 -19.55
N GLU A 114 -23.95 -5.35 -20.49
CA GLU A 114 -24.72 -4.19 -20.89
C GLU A 114 -25.09 -4.28 -22.38
N PHE A 115 -26.05 -5.14 -22.66
CA PHE A 115 -26.50 -5.34 -24.03
C PHE A 115 -26.65 -4.00 -24.76
N MET A 116 -25.87 -3.84 -25.80
CA MET A 116 -25.90 -2.61 -26.59
C MET A 116 -26.20 -2.91 -28.05
N GLU A 117 -27.23 -2.24 -28.56
CA GLU A 117 -27.64 -2.42 -29.95
C GLU A 117 -26.75 -1.60 -30.87
N ASP A 118 -26.40 -2.20 -32.01
CA ASP A 118 -25.55 -1.54 -32.98
C ASP A 118 -25.53 -2.35 -34.27
N GLU A 119 -25.72 -1.66 -35.38
CA GLU A 119 -25.72 -2.31 -36.68
C GLU A 119 -25.38 -1.30 -37.78
N SER A 120 -24.63 -1.77 -38.76
CA SER A 120 -24.22 -0.93 -39.87
C SER A 120 -23.89 -1.78 -41.09
N GLY A 121 -24.64 -1.56 -42.16
CA GLY A 121 -24.42 -2.31 -43.39
C GLY A 121 -24.54 -1.39 -44.61
N PRO A 122 -23.45 -1.37 -45.41
CA PRO A 122 -23.41 -0.54 -46.62
C PRO A 122 -24.26 -1.16 -47.73
N SER A 123 -24.46 -0.37 -48.78
CA SER A 123 -25.25 -0.83 -49.91
C SER A 123 -24.59 -0.37 -51.22
N SER A 124 -24.44 0.94 -51.33
CA SER A 124 -23.84 1.53 -52.53
C SER A 124 -22.49 0.86 -52.79
N GLY A 125 -22.08 0.93 -54.06
CA GLY A 125 -20.81 0.34 -54.46
C GLY A 125 -21.03 -0.89 -55.33
N GLY A 1 15.96 12.02 -32.50
CA GLY A 1 14.94 11.93 -31.47
C GLY A 1 15.56 12.00 -30.07
N SER A 2 14.95 12.83 -29.24
CA SER A 2 15.44 13.00 -27.87
C SER A 2 14.39 13.72 -27.03
N SER A 3 14.09 13.13 -25.89
CA SER A 3 13.10 13.71 -24.98
C SER A 3 13.31 13.17 -23.57
N GLY A 4 12.60 13.77 -22.63
CA GLY A 4 12.69 13.37 -21.23
C GLY A 4 11.30 13.18 -20.62
N SER A 5 11.27 13.18 -19.30
CA SER A 5 10.02 13.01 -18.59
C SER A 5 10.13 13.60 -17.18
N SER A 6 11.09 13.09 -16.43
CA SER A 6 11.32 13.55 -15.07
C SER A 6 10.15 13.14 -14.17
N GLY A 7 10.41 13.12 -12.87
CA GLY A 7 9.40 12.76 -11.90
C GLY A 7 9.93 12.85 -10.48
N ALA A 8 10.62 11.79 -10.07
CA ALA A 8 11.19 11.73 -8.73
C ALA A 8 10.05 11.73 -7.70
N GLY A 9 10.41 11.32 -6.50
CA GLY A 9 9.43 11.26 -5.41
C GLY A 9 8.14 10.59 -5.87
N SER A 10 7.03 11.14 -5.41
CA SER A 10 5.73 10.61 -5.76
C SER A 10 5.50 9.26 -5.07
N ALA A 11 4.29 8.75 -5.21
CA ALA A 11 3.94 7.48 -4.60
C ALA A 11 5.04 6.46 -4.89
N THR A 12 5.48 5.81 -3.82
CA THR A 12 6.53 4.80 -3.93
C THR A 12 5.93 3.40 -3.87
N ILE A 13 4.87 3.28 -3.11
CA ILE A 13 4.19 2.00 -2.95
C ILE A 13 2.69 2.18 -3.18
N THR A 14 2.05 1.11 -3.63
CA THR A 14 0.62 1.14 -3.90
C THR A 14 -0.05 -0.11 -3.33
N TYR A 15 -0.93 0.12 -2.37
CA TYR A 15 -1.65 -0.98 -1.74
C TYR A 15 -3.05 -1.12 -2.33
N SER A 16 -3.60 -2.33 -2.17
CA SER A 16 -4.93 -2.61 -2.68
C SER A 16 -5.76 -3.31 -1.61
N VAL A 17 -6.70 -2.55 -1.05
CA VAL A 17 -7.57 -3.08 -0.02
C VAL A 17 -9.03 -2.85 -0.41
N LEU A 18 -9.82 -3.89 -0.26
CA LEU A 18 -11.24 -3.81 -0.60
C LEU A 18 -11.93 -2.82 0.35
N GLU A 19 -13.25 -2.83 0.30
CA GLU A 19 -14.04 -1.94 1.13
C GLU A 19 -14.44 -2.66 2.42
N GLU A 20 -14.54 -3.98 2.33
CA GLU A 20 -14.92 -4.78 3.47
C GLU A 20 -13.75 -4.90 4.45
N THR A 21 -13.33 -3.75 4.96
CA THR A 21 -12.24 -3.70 5.91
C THR A 21 -12.76 -3.51 7.34
N ASP A 22 -11.83 -3.45 8.27
CA ASP A 22 -12.18 -3.26 9.67
C ASP A 22 -10.95 -3.52 10.54
N ARG A 23 -11.20 -3.77 11.82
CA ARG A 23 -10.13 -4.02 12.75
C ARG A 23 -9.62 -5.46 12.60
N GLY A 24 -9.16 -5.77 11.40
CA GLY A 24 -8.65 -7.10 11.11
C GLY A 24 -8.68 -7.38 9.61
N SER A 25 -8.27 -6.38 8.84
CA SER A 25 -8.24 -6.51 7.39
C SER A 25 -6.81 -6.32 6.88
N LEU A 26 -6.44 -7.19 5.95
CA LEU A 26 -5.11 -7.14 5.37
C LEU A 26 -5.09 -6.13 4.23
N VAL A 27 -4.37 -5.05 4.44
CA VAL A 27 -4.27 -4.00 3.44
C VAL A 27 -3.30 -4.45 2.34
N GLY A 28 -2.22 -5.09 2.76
CA GLY A 28 -1.21 -5.57 1.83
C GLY A 28 0.08 -5.93 2.55
N ASN A 29 1.15 -6.01 1.77
CA ASN A 29 2.46 -6.32 2.33
C ASN A 29 3.34 -5.07 2.32
N LEU A 30 4.14 -4.95 3.37
CA LEU A 30 5.03 -3.80 3.50
C LEU A 30 6.47 -4.26 3.30
N ALA A 31 6.85 -5.27 4.08
CA ALA A 31 8.20 -5.81 4.00
C ALA A 31 8.31 -6.70 2.75
N LYS A 32 7.27 -7.48 2.53
CA LYS A 32 7.24 -8.38 1.38
C LYS A 32 7.13 -7.56 0.10
N ASP A 33 6.71 -6.31 0.27
CA ASP A 33 6.55 -5.42 -0.87
C ASP A 33 7.93 -5.13 -1.47
N LEU A 34 8.69 -4.32 -0.76
CA LEU A 34 10.02 -3.95 -1.22
C LEU A 34 10.89 -5.21 -1.30
N GLY A 35 10.42 -6.26 -0.64
CA GLY A 35 11.13 -7.53 -0.64
C GLY A 35 12.04 -7.63 0.59
N LEU A 36 11.78 -6.76 1.56
CA LEU A 36 12.56 -6.75 2.78
C LEU A 36 12.01 -7.79 3.75
N SER A 37 12.88 -8.22 4.65
CA SER A 37 12.49 -9.22 5.64
C SER A 37 12.02 -8.53 6.93
N LEU A 38 11.23 -9.27 7.70
CA LEU A 38 10.71 -8.74 8.95
C LEU A 38 11.85 -8.13 9.76
N ARG A 39 12.81 -8.98 10.10
CA ARG A 39 13.95 -8.54 10.87
C ARG A 39 14.40 -7.15 10.42
N GLU A 40 14.71 -7.05 9.14
CA GLU A 40 15.15 -5.79 8.57
C GLU A 40 14.14 -4.68 8.90
N LEU A 41 12.88 -4.98 8.68
CA LEU A 41 11.82 -4.03 8.94
C LEU A 41 11.74 -3.77 10.46
N ILE A 42 12.21 -4.76 11.21
CA ILE A 42 12.19 -4.65 12.66
C ILE A 42 13.37 -3.79 13.12
N THR A 43 14.55 -4.19 12.67
CA THR A 43 15.77 -3.47 13.02
C THR A 43 15.58 -1.96 12.80
N ARG A 44 15.02 -1.64 11.64
CA ARG A 44 14.78 -0.25 11.28
C ARG A 44 13.44 0.21 11.86
N GLY A 45 12.89 -0.60 12.74
CA GLY A 45 11.61 -0.28 13.37
C GLY A 45 10.66 0.37 12.36
N ALA A 46 9.92 -0.48 11.65
CA ALA A 46 8.98 0.00 10.66
C ALA A 46 7.59 0.11 11.29
N GLN A 47 7.02 1.30 11.21
CA GLN A 47 5.70 1.55 11.76
C GLN A 47 4.86 2.39 10.80
N ILE A 48 3.56 2.32 10.99
CA ILE A 48 2.64 3.07 10.15
C ILE A 48 2.34 4.42 10.81
N LEU A 49 2.46 5.47 10.00
CA LEU A 49 2.21 6.81 10.49
C LEU A 49 0.70 7.05 10.59
N SER A 50 0.33 8.00 11.44
CA SER A 50 -1.07 8.32 11.63
C SER A 50 -1.57 9.21 10.48
N LYS A 51 -2.87 9.11 10.22
CA LYS A 51 -3.48 9.88 9.16
C LYS A 51 -3.35 11.38 9.49
N GLY A 52 -4.13 11.79 10.49
CA GLY A 52 -4.12 13.17 10.91
C GLY A 52 -4.75 13.33 12.30
N ASN A 53 -5.89 12.68 12.47
CA ASN A 53 -6.60 12.73 13.74
C ASN A 53 -6.27 11.49 14.55
N LYS A 54 -6.62 10.33 13.99
CA LYS A 54 -6.37 9.07 14.67
C LYS A 54 -5.73 8.09 13.67
N GLN A 55 -5.09 7.08 14.23
CA GLN A 55 -4.43 6.07 13.41
C GLN A 55 -5.43 4.98 13.01
N LEU A 56 -5.42 4.66 11.72
CA LEU A 56 -6.32 3.64 11.19
C LEU A 56 -5.48 2.54 10.54
N LEU A 57 -4.21 2.48 10.91
CA LEU A 57 -3.31 1.49 10.35
C LEU A 57 -2.42 0.94 11.47
N GLN A 58 -2.00 -0.31 11.29
CA GLN A 58 -1.14 -0.95 12.27
C GLN A 58 -0.33 -2.06 11.61
N LEU A 59 0.99 -1.87 11.64
CA LEU A 59 1.88 -2.84 11.04
C LEU A 59 2.25 -3.90 12.09
N GLU A 60 1.59 -5.05 11.96
CA GLU A 60 1.84 -6.14 12.89
C GLU A 60 3.33 -6.23 13.24
N GLN A 61 4.14 -6.36 12.20
CA GLN A 61 5.58 -6.44 12.40
C GLN A 61 5.99 -7.90 12.65
N LYS A 62 4.99 -8.72 12.93
CA LYS A 62 5.24 -10.12 13.20
C LYS A 62 5.10 -10.92 11.89
N SER A 63 4.24 -10.42 11.02
CA SER A 63 4.00 -11.06 9.74
C SER A 63 4.53 -10.18 8.60
N GLY A 64 4.53 -8.88 8.86
CA GLY A 64 5.00 -7.92 7.88
C GLY A 64 3.88 -7.54 6.91
N ASN A 65 2.70 -7.30 7.48
CA ASN A 65 1.55 -6.91 6.69
C ASN A 65 0.94 -5.64 7.27
N LEU A 66 0.30 -4.88 6.39
CA LEU A 66 -0.33 -3.63 6.79
C LEU A 66 -1.78 -3.91 7.20
N LEU A 67 -2.00 -3.85 8.51
CA LEU A 67 -3.33 -4.08 9.05
C LEU A 67 -3.97 -2.74 9.44
N LEU A 68 -5.29 -2.71 9.36
CA LEU A 68 -6.03 -1.50 9.70
C LEU A 68 -6.33 -1.50 11.21
N LYS A 69 -6.67 -0.32 11.70
CA LYS A 69 -6.98 -0.15 13.11
C LYS A 69 -8.40 -0.66 13.37
N GLU A 70 -9.32 -0.21 12.54
CA GLU A 70 -10.71 -0.60 12.67
C GLU A 70 -11.54 -0.08 11.49
N LYS A 71 -12.84 -0.30 11.58
CA LYS A 71 -13.73 0.14 10.52
C LYS A 71 -13.34 1.55 10.08
N LEU A 72 -12.98 1.66 8.81
CA LEU A 72 -12.59 2.94 8.25
C LEU A 72 -13.79 3.89 8.24
N ASP A 73 -13.60 5.03 8.88
CA ASP A 73 -14.66 6.03 8.95
C ASP A 73 -14.74 6.78 7.62
N ARG A 74 -15.94 6.80 7.06
CA ARG A 74 -16.16 7.47 5.79
C ARG A 74 -15.61 8.90 5.85
N GLU A 75 -16.40 9.77 6.47
CA GLU A 75 -16.01 11.16 6.60
C GLU A 75 -14.51 11.27 6.88
N GLU A 76 -14.08 10.59 7.94
CA GLU A 76 -12.68 10.59 8.31
C GLU A 76 -11.79 10.51 7.08
N LEU A 77 -12.13 9.57 6.20
CA LEU A 77 -11.37 9.37 4.99
C LEU A 77 -11.83 10.39 3.93
N CYS A 78 -13.00 10.14 3.39
CA CYS A 78 -13.56 11.03 2.38
C CYS A 78 -15.09 10.98 2.49
N GLY A 79 -15.65 9.89 1.99
CA GLY A 79 -17.09 9.70 2.02
C GLY A 79 -17.70 9.95 0.65
N SER A 80 -17.61 8.94 -0.19
CA SER A 80 -18.16 9.03 -1.54
C SER A 80 -17.16 9.74 -2.46
N THR A 81 -16.80 10.95 -2.05
CA THR A 81 -15.87 11.75 -2.82
C THR A 81 -14.68 10.90 -3.28
N ASN A 82 -14.06 11.33 -4.36
CA ASN A 82 -12.91 10.62 -4.90
C ASN A 82 -11.78 11.61 -5.16
N PRO A 83 -10.54 11.05 -5.23
CA PRO A 83 -10.34 9.63 -5.05
C PRO A 83 -10.48 9.23 -3.59
N CYS A 84 -10.21 7.97 -3.32
CA CYS A 84 -10.30 7.45 -1.96
C CYS A 84 -9.01 6.67 -1.66
N ILE A 85 -7.93 7.42 -1.51
CA ILE A 85 -6.64 6.82 -1.22
C ILE A 85 -6.19 7.23 0.19
N LEU A 86 -5.95 6.22 1.01
CA LEU A 86 -5.51 6.46 2.37
C LEU A 86 -4.07 6.96 2.37
N HIS A 87 -3.86 8.07 3.05
CA HIS A 87 -2.53 8.66 3.14
C HIS A 87 -1.79 8.10 4.36
N PHE A 88 -0.68 7.43 4.08
CA PHE A 88 0.13 6.85 5.13
C PHE A 88 1.61 6.93 4.80
N GLN A 89 2.42 6.49 5.74
CA GLN A 89 3.87 6.51 5.56
C GLN A 89 4.53 5.42 6.41
N VAL A 90 5.79 5.17 6.11
CA VAL A 90 6.54 4.16 6.83
C VAL A 90 7.74 4.81 7.53
N LEU A 91 7.71 4.79 8.85
CA LEU A 91 8.77 5.37 9.64
C LEU A 91 9.84 4.31 9.92
N LEU A 92 11.09 4.71 9.75
CA LEU A 92 12.21 3.81 9.97
C LEU A 92 13.19 4.45 10.95
N LYS A 93 13.90 3.60 11.68
CA LYS A 93 14.87 4.07 12.65
C LYS A 93 16.28 3.96 12.05
N SER A 94 17.24 4.45 12.81
CA SER A 94 18.63 4.42 12.37
C SER A 94 18.88 3.17 11.51
N PRO A 95 19.06 3.42 10.19
CA PRO A 95 19.04 4.76 9.66
C PRO A 95 17.60 5.29 9.58
N VAL A 96 17.37 6.41 10.25
CA VAL A 96 16.05 7.02 10.27
C VAL A 96 15.68 7.45 8.85
N GLN A 97 14.46 7.14 8.47
CA GLN A 97 13.96 7.49 7.15
C GLN A 97 12.45 7.26 7.06
N PHE A 98 11.83 7.95 6.13
CA PHE A 98 10.39 7.82 5.93
C PHE A 98 10.06 7.52 4.47
N ILE A 99 8.89 6.96 4.26
CA ILE A 99 8.45 6.62 2.92
C ILE A 99 7.05 7.21 2.68
N GLN A 100 6.69 7.29 1.41
CA GLN A 100 5.39 7.82 1.03
C GLN A 100 4.67 6.85 0.11
N GLY A 101 3.92 5.94 0.71
CA GLY A 101 3.17 4.95 -0.05
C GLY A 101 1.73 5.42 -0.28
N GLU A 102 0.95 4.54 -0.90
CA GLU A 102 -0.44 4.85 -1.19
C GLU A 102 -1.32 3.64 -0.86
N ILE A 103 -2.62 3.90 -0.80
CA ILE A 103 -3.57 2.85 -0.50
C ILE A 103 -4.79 2.99 -1.43
N GLN A 104 -4.84 2.13 -2.42
CA GLN A 104 -5.93 2.14 -3.38
C GLN A 104 -6.98 1.09 -3.01
N LEU A 105 -8.20 1.36 -3.41
CA LEU A 105 -9.30 0.44 -3.13
C LEU A 105 -9.42 -0.58 -4.27
N GLN A 106 -9.41 -1.84 -3.89
CA GLN A 106 -9.50 -2.92 -4.87
C GLN A 106 -10.51 -2.54 -5.96
N ASP A 107 -9.98 -2.24 -7.13
CA ASP A 107 -10.82 -1.86 -8.26
C ASP A 107 -9.94 -1.67 -9.50
N VAL A 108 -10.41 -2.23 -10.61
CA VAL A 108 -9.69 -2.12 -11.86
C VAL A 108 -9.13 -0.71 -12.00
N ASN A 109 -8.14 -0.57 -12.89
CA ASN A 109 -7.52 0.72 -13.13
C ASN A 109 -7.99 1.26 -14.47
N ASP A 110 -9.05 2.06 -14.41
CA ASP A 110 -9.61 2.66 -15.62
C ASP A 110 -10.23 4.01 -15.27
N HIS A 111 -10.05 4.95 -16.18
CA HIS A 111 -10.59 6.30 -15.99
C HIS A 111 -10.46 7.09 -17.29
N ALA A 112 -11.62 7.43 -17.85
CA ALA A 112 -11.65 8.19 -19.09
C ALA A 112 -13.08 8.65 -19.35
N PRO A 113 -13.22 9.97 -19.64
CA PRO A 113 -14.53 10.55 -19.92
C PRO A 113 -15.01 10.16 -21.31
N GLU A 114 -16.27 10.49 -21.57
CA GLU A 114 -16.88 10.18 -22.85
C GLU A 114 -16.98 11.45 -23.72
N PHE A 115 -16.75 11.26 -25.00
CA PHE A 115 -16.80 12.37 -25.94
C PHE A 115 -17.01 11.88 -27.38
N MET A 116 -16.98 12.82 -28.30
CA MET A 116 -17.16 12.49 -29.71
C MET A 116 -16.36 13.44 -30.60
N GLU A 117 -15.80 12.87 -31.66
CA GLU A 117 -15.02 13.66 -32.60
C GLU A 117 -14.62 12.81 -33.80
N ASP A 118 -14.60 13.45 -34.96
CA ASP A 118 -14.23 12.76 -36.19
C ASP A 118 -13.84 13.80 -37.25
N GLU A 119 -12.53 13.90 -37.46
CA GLU A 119 -12.01 14.84 -38.44
C GLU A 119 -10.53 14.56 -38.71
N SER A 120 -10.19 14.51 -40.00
CA SER A 120 -8.83 14.25 -40.41
C SER A 120 -8.73 14.26 -41.94
N GLY A 121 -8.09 15.31 -42.44
CA GLY A 121 -7.93 15.45 -43.89
C GLY A 121 -6.86 16.50 -44.20
N PRO A 122 -5.93 16.12 -45.11
CA PRO A 122 -4.86 17.02 -45.51
C PRO A 122 -5.39 18.11 -46.46
N SER A 123 -4.57 19.15 -46.63
CA SER A 123 -4.94 20.25 -47.50
C SER A 123 -3.71 20.74 -48.26
N SER A 124 -3.93 21.10 -49.52
CA SER A 124 -2.86 21.59 -50.36
C SER A 124 -1.80 20.50 -50.56
N GLY A 125 -0.95 20.71 -51.54
CA GLY A 125 0.10 19.77 -51.84
C GLY A 125 0.62 19.94 -53.27
N GLY A 1 22.83 19.68 -22.01
CA GLY A 1 21.63 18.88 -22.22
C GLY A 1 20.38 19.75 -22.20
N SER A 2 19.24 19.09 -22.06
CA SER A 2 17.97 19.79 -22.02
C SER A 2 16.83 18.79 -21.78
N SER A 3 15.96 19.15 -20.85
CA SER A 3 14.83 18.30 -20.51
C SER A 3 13.84 19.06 -19.63
N GLY A 4 12.66 18.49 -19.49
CA GLY A 4 11.62 19.10 -18.68
C GLY A 4 11.68 18.60 -17.23
N SER A 5 10.60 18.85 -16.51
CA SER A 5 10.51 18.43 -15.12
C SER A 5 9.15 18.79 -14.54
N SER A 6 8.85 18.21 -13.39
CA SER A 6 7.58 18.47 -12.73
C SER A 6 7.79 18.58 -11.22
N GLY A 7 6.74 18.98 -10.53
CA GLY A 7 6.80 19.13 -9.09
C GLY A 7 5.42 18.89 -8.45
N ALA A 8 5.22 17.65 -8.01
CA ALA A 8 3.96 17.28 -7.39
C ALA A 8 4.16 16.02 -6.56
N GLY A 9 3.11 15.64 -5.85
CA GLY A 9 3.16 14.46 -5.01
C GLY A 9 3.60 13.23 -5.82
N SER A 10 4.08 12.23 -5.10
CA SER A 10 4.53 11.00 -5.73
C SER A 10 4.21 9.80 -4.84
N ALA A 11 4.09 8.65 -5.48
CA ALA A 11 3.79 7.42 -4.77
C ALA A 11 4.82 6.36 -5.12
N THR A 12 5.37 5.74 -4.09
CA THR A 12 6.37 4.70 -4.28
C THR A 12 5.74 3.31 -4.15
N ILE A 13 4.73 3.25 -3.29
CA ILE A 13 4.03 1.99 -3.07
C ILE A 13 2.52 2.21 -3.23
N THR A 14 1.85 1.18 -3.71
CA THR A 14 0.41 1.25 -3.92
C THR A 14 -0.26 -0.03 -3.43
N TYR A 15 -1.12 0.12 -2.43
CA TYR A 15 -1.83 -1.01 -1.87
C TYR A 15 -3.24 -1.12 -2.44
N SER A 16 -3.89 -2.23 -2.14
CA SER A 16 -5.25 -2.45 -2.61
C SER A 16 -6.14 -2.90 -1.46
N VAL A 17 -7.15 -2.08 -1.18
CA VAL A 17 -8.08 -2.37 -0.11
C VAL A 17 -9.36 -1.56 -0.32
N LEU A 18 -10.48 -2.21 -0.04
CA LEU A 18 -11.78 -1.56 -0.19
C LEU A 18 -11.82 -0.31 0.67
N GLU A 19 -13.03 0.17 0.92
CA GLU A 19 -13.23 1.36 1.72
C GLU A 19 -13.85 0.99 3.07
N GLU A 20 -14.55 -0.13 3.07
CA GLU A 20 -15.20 -0.60 4.29
C GLU A 20 -14.46 -1.82 4.85
N THR A 21 -13.14 -1.79 4.70
CA THR A 21 -12.31 -2.88 5.17
C THR A 21 -12.66 -3.21 6.63
N ASP A 22 -12.83 -4.50 6.88
CA ASP A 22 -13.17 -4.98 8.21
C ASP A 22 -12.00 -4.67 9.16
N ARG A 23 -12.31 -4.69 10.45
CA ARG A 23 -11.30 -4.42 11.46
C ARG A 23 -10.27 -5.56 11.50
N GLY A 24 -9.01 -5.15 11.56
CA GLY A 24 -7.92 -6.12 11.59
C GLY A 24 -7.83 -6.90 10.29
N SER A 25 -7.82 -6.16 9.19
CA SER A 25 -7.74 -6.77 7.87
C SER A 25 -6.40 -6.43 7.23
N LEU A 26 -5.81 -7.45 6.62
CA LEU A 26 -4.52 -7.29 5.95
C LEU A 26 -4.69 -6.35 4.75
N VAL A 27 -4.08 -5.18 4.87
CA VAL A 27 -4.15 -4.19 3.81
C VAL A 27 -3.18 -4.58 2.69
N GLY A 28 -2.00 -5.01 3.10
CA GLY A 28 -0.98 -5.41 2.15
C GLY A 28 0.35 -5.69 2.85
N ASN A 29 1.30 -6.20 2.08
CA ASN A 29 2.61 -6.51 2.63
C ASN A 29 3.54 -5.31 2.43
N LEU A 30 4.29 -5.01 3.47
CA LEU A 30 5.22 -3.89 3.44
C LEU A 30 6.66 -4.42 3.39
N ALA A 31 6.87 -5.49 4.14
CA ALA A 31 8.20 -6.11 4.18
C ALA A 31 8.41 -6.94 2.92
N LYS A 32 7.30 -7.44 2.38
CA LYS A 32 7.36 -8.25 1.18
C LYS A 32 7.20 -7.36 -0.05
N ASP A 33 6.72 -6.15 0.20
CA ASP A 33 6.51 -5.19 -0.87
C ASP A 33 7.87 -4.66 -1.35
N LEU A 34 8.66 -4.20 -0.40
CA LEU A 34 9.98 -3.67 -0.71
C LEU A 34 10.97 -4.83 -0.80
N GLY A 35 10.44 -6.04 -0.73
CA GLY A 35 11.27 -7.24 -0.81
C GLY A 35 12.19 -7.33 0.41
N LEU A 36 11.86 -6.57 1.44
CA LEU A 36 12.65 -6.56 2.65
C LEU A 36 12.31 -7.80 3.48
N SER A 37 13.11 -8.01 4.52
CA SER A 37 12.91 -9.16 5.40
C SER A 37 12.35 -8.69 6.74
N LEU A 38 11.65 -9.60 7.40
CA LEU A 38 11.05 -9.30 8.70
C LEU A 38 12.12 -8.67 9.60
N ARG A 39 13.15 -9.45 9.88
CA ARG A 39 14.23 -8.99 10.73
C ARG A 39 14.61 -7.55 10.37
N GLU A 40 14.74 -7.32 9.08
CA GLU A 40 15.10 -5.99 8.59
C GLU A 40 14.04 -4.97 9.00
N LEU A 41 12.78 -5.35 8.78
CA LEU A 41 11.67 -4.47 9.13
C LEU A 41 11.61 -4.31 10.65
N ILE A 42 12.15 -5.30 11.34
CA ILE A 42 12.17 -5.28 12.79
C ILE A 42 13.33 -4.40 13.27
N THR A 43 14.48 -4.62 12.68
CA THR A 43 15.67 -3.86 13.03
C THR A 43 15.45 -2.37 12.75
N ARG A 44 14.88 -2.10 11.58
CA ARG A 44 14.61 -0.73 11.19
C ARG A 44 13.30 -0.24 11.79
N GLY A 45 12.66 -1.13 12.54
CA GLY A 45 11.40 -0.81 13.18
C GLY A 45 10.51 0.02 12.25
N ALA A 46 9.86 -0.69 11.33
CA ALA A 46 8.98 -0.02 10.38
C ALA A 46 7.56 0.05 10.96
N GLN A 47 7.05 1.27 11.03
CA GLN A 47 5.72 1.48 11.55
C GLN A 47 4.86 2.28 10.56
N ILE A 48 3.57 2.09 10.65
CA ILE A 48 2.64 2.79 9.77
C ILE A 48 2.21 4.11 10.42
N LEU A 49 2.15 5.14 9.60
CA LEU A 49 1.77 6.46 10.07
C LEU A 49 0.46 6.87 9.40
N SER A 50 -0.61 6.82 10.18
CA SER A 50 -1.92 7.19 9.67
C SER A 50 -2.66 8.04 10.72
N LYS A 51 -2.61 9.34 10.51
CA LYS A 51 -3.27 10.27 11.41
C LYS A 51 -2.60 10.19 12.78
N GLY A 52 -1.96 11.29 13.15
CA GLY A 52 -1.29 11.37 14.44
C GLY A 52 -2.25 11.76 15.55
N ASN A 53 -3.35 11.02 15.63
CA ASN A 53 -4.37 11.28 16.63
C ASN A 53 -5.54 10.32 16.43
N LYS A 54 -5.21 9.09 16.10
CA LYS A 54 -6.22 8.08 15.87
C LYS A 54 -5.54 6.75 15.52
N GLN A 55 -4.88 6.74 14.37
CA GLN A 55 -4.18 5.55 13.91
C GLN A 55 -5.18 4.55 13.33
N LEU A 56 -5.25 4.51 12.02
CA LEU A 56 -6.16 3.61 11.33
C LEU A 56 -5.34 2.53 10.61
N LEU A 57 -4.07 2.47 10.95
CA LEU A 57 -3.17 1.50 10.35
C LEU A 57 -2.09 1.10 11.35
N GLN A 58 -1.70 -0.16 11.29
CA GLN A 58 -0.67 -0.67 12.19
C GLN A 58 0.04 -1.87 11.56
N LEU A 59 1.33 -1.73 11.37
CA LEU A 59 2.13 -2.79 10.78
C LEU A 59 2.57 -3.75 11.88
N GLU A 60 2.05 -4.97 11.81
CA GLU A 60 2.39 -5.99 12.79
C GLU A 60 3.88 -5.93 13.13
N GLN A 61 4.70 -5.93 12.08
CA GLN A 61 6.13 -5.87 12.25
C GLN A 61 6.69 -7.28 12.46
N LYS A 62 6.04 -8.02 13.34
CA LYS A 62 6.46 -9.37 13.65
C LYS A 62 6.02 -10.31 12.52
N SER A 63 5.25 -9.75 11.60
CA SER A 63 4.76 -10.51 10.47
C SER A 63 5.14 -9.82 9.16
N GLY A 64 4.93 -8.50 9.14
CA GLY A 64 5.24 -7.72 7.96
C GLY A 64 4.00 -7.51 7.10
N ASN A 65 2.94 -7.06 7.74
CA ASN A 65 1.69 -6.81 7.04
C ASN A 65 0.97 -5.63 7.69
N LEU A 66 0.15 -4.96 6.88
CA LEU A 66 -0.60 -3.80 7.37
C LEU A 66 -1.91 -4.29 8.01
N LEU A 67 -2.05 -3.99 9.29
CA LEU A 67 -3.24 -4.38 10.02
C LEU A 67 -4.06 -3.14 10.35
N LEU A 68 -5.36 -3.25 10.10
CA LEU A 68 -6.26 -2.14 10.37
C LEU A 68 -6.49 -2.02 11.87
N LYS A 69 -6.77 -0.80 12.31
CA LYS A 69 -7.01 -0.54 13.72
C LYS A 69 -8.52 -0.60 13.99
N GLU A 70 -9.28 -0.18 13.00
CA GLU A 70 -10.73 -0.18 13.13
C GLU A 70 -11.39 -0.02 11.75
N LYS A 71 -12.70 0.11 11.77
CA LYS A 71 -13.45 0.28 10.54
C LYS A 71 -13.19 1.68 9.97
N LEU A 72 -12.66 1.69 8.75
CA LEU A 72 -12.35 2.94 8.09
C LEU A 72 -13.65 3.73 7.87
N ASP A 73 -13.83 4.74 8.72
CA ASP A 73 -15.03 5.58 8.63
C ASP A 73 -15.25 5.98 7.17
N ARG A 74 -16.52 5.98 6.79
CA ARG A 74 -16.90 6.34 5.43
C ARG A 74 -16.88 7.87 5.27
N GLU A 75 -17.89 8.50 5.87
CA GLU A 75 -18.00 9.94 5.80
C GLU A 75 -16.69 10.60 6.20
N GLU A 76 -16.18 10.23 7.36
CA GLU A 76 -14.93 10.77 7.86
C GLU A 76 -13.91 10.87 6.72
N LEU A 77 -13.50 9.71 6.23
CA LEU A 77 -12.52 9.66 5.16
C LEU A 77 -13.17 10.19 3.87
N CYS A 78 -14.00 9.36 3.28
CA CYS A 78 -14.69 9.73 2.05
C CYS A 78 -15.70 8.63 1.71
N GLY A 79 -16.94 8.90 2.03
CA GLY A 79 -18.01 7.95 1.77
C GLY A 79 -18.07 7.59 0.27
N SER A 80 -17.64 6.37 -0.01
CA SER A 80 -17.63 5.89 -1.39
C SER A 80 -17.14 6.99 -2.32
N THR A 81 -15.83 7.02 -2.53
CA THR A 81 -15.23 8.02 -3.40
C THR A 81 -14.09 7.40 -4.20
N ASN A 82 -13.62 8.15 -5.19
CA ASN A 82 -12.54 7.70 -6.04
C ASN A 82 -11.63 8.87 -6.38
N PRO A 83 -10.31 8.57 -6.49
CA PRO A 83 -9.84 7.19 -6.29
C PRO A 83 -9.84 6.82 -4.81
N CYS A 84 -10.13 7.82 -3.98
CA CYS A 84 -10.17 7.60 -2.54
C CYS A 84 -8.95 6.77 -2.15
N ILE A 85 -7.85 7.47 -1.91
CA ILE A 85 -6.62 6.80 -1.52
C ILE A 85 -6.28 7.17 -0.08
N LEU A 86 -5.86 6.17 0.68
CA LEU A 86 -5.51 6.37 2.07
C LEU A 86 -4.17 7.13 2.15
N HIS A 87 -4.01 7.87 3.23
CA HIS A 87 -2.79 8.64 3.43
C HIS A 87 -1.97 8.02 4.56
N PHE A 88 -0.85 7.44 4.19
CA PHE A 88 0.03 6.80 5.15
C PHE A 88 1.49 6.94 4.74
N GLN A 89 2.38 6.57 5.65
CA GLN A 89 3.80 6.65 5.39
C GLN A 89 4.56 5.64 6.27
N VAL A 90 5.60 5.07 5.68
CA VAL A 90 6.41 4.09 6.40
C VAL A 90 7.52 4.82 7.16
N LEU A 91 7.47 4.70 8.48
CA LEU A 91 8.46 5.33 9.32
C LEU A 91 9.56 4.32 9.66
N LEU A 92 10.79 4.80 9.60
CA LEU A 92 11.93 3.94 9.90
C LEU A 92 12.79 4.61 10.98
N LYS A 93 13.38 3.77 11.81
CA LYS A 93 14.23 4.27 12.89
C LYS A 93 15.70 4.16 12.47
N SER A 94 16.56 4.70 13.31
CA SER A 94 17.99 4.68 13.04
C SER A 94 18.36 3.38 12.31
N PRO A 95 18.74 3.54 11.02
CA PRO A 95 18.78 4.85 10.40
C PRO A 95 17.36 5.34 10.08
N VAL A 96 17.04 6.51 10.63
CA VAL A 96 15.73 7.10 10.42
C VAL A 96 15.49 7.26 8.91
N GLN A 97 14.29 6.89 8.49
CA GLN A 97 13.92 6.99 7.09
C GLN A 97 12.40 6.95 6.94
N PHE A 98 11.93 7.56 5.87
CA PHE A 98 10.50 7.61 5.59
C PHE A 98 10.22 7.33 4.11
N ILE A 99 9.04 6.76 3.86
CA ILE A 99 8.64 6.45 2.51
C ILE A 99 7.25 7.03 2.24
N GLN A 100 6.91 7.12 0.96
CA GLN A 100 5.62 7.66 0.56
C GLN A 100 4.83 6.61 -0.21
N GLY A 101 3.98 5.91 0.53
CA GLY A 101 3.15 4.86 -0.07
C GLY A 101 1.73 5.37 -0.31
N GLU A 102 0.94 4.52 -0.93
CA GLU A 102 -0.45 4.86 -1.23
C GLU A 102 -1.35 3.64 -1.05
N ILE A 103 -2.62 3.92 -0.80
CA ILE A 103 -3.59 2.86 -0.61
C ILE A 103 -4.74 3.04 -1.60
N GLN A 104 -4.71 2.24 -2.65
CA GLN A 104 -5.73 2.30 -3.68
C GLN A 104 -6.99 1.58 -3.21
N LEU A 105 -8.13 2.07 -3.68
CA LEU A 105 -9.42 1.49 -3.32
C LEU A 105 -9.72 0.31 -4.24
N GLN A 106 -10.05 -0.81 -3.63
CA GLN A 106 -10.35 -2.01 -4.38
C GLN A 106 -11.14 -1.66 -5.64
N ASP A 107 -10.41 -1.56 -6.74
CA ASP A 107 -11.02 -1.23 -8.01
C ASP A 107 -12.00 -2.33 -8.41
N VAL A 108 -13.28 -2.01 -8.34
CA VAL A 108 -14.32 -2.96 -8.69
C VAL A 108 -14.64 -2.85 -10.18
N ASN A 109 -13.92 -3.62 -10.97
CA ASN A 109 -14.12 -3.62 -12.41
C ASN A 109 -13.17 -4.62 -13.05
N ASP A 110 -13.42 -4.91 -14.32
CA ASP A 110 -12.60 -5.85 -15.07
C ASP A 110 -11.30 -5.16 -15.48
N HIS A 111 -10.26 -5.42 -14.68
CA HIS A 111 -8.95 -4.84 -14.96
C HIS A 111 -7.86 -5.85 -14.61
N ALA A 112 -6.64 -5.48 -14.95
CA ALA A 112 -5.49 -6.35 -14.68
C ALA A 112 -4.56 -5.66 -13.67
N PRO A 113 -3.99 -6.49 -12.77
CA PRO A 113 -3.09 -5.98 -11.75
C PRO A 113 -1.72 -5.63 -12.36
N GLU A 114 -0.80 -5.23 -11.49
CA GLU A 114 0.53 -4.87 -11.92
C GLU A 114 1.13 -5.98 -12.79
N PHE A 115 1.99 -5.56 -13.70
CA PHE A 115 2.63 -6.51 -14.61
C PHE A 115 3.99 -6.95 -14.06
N MET A 116 4.34 -8.19 -14.36
CA MET A 116 5.60 -8.74 -13.90
C MET A 116 6.74 -7.73 -14.07
N GLU A 117 7.76 -7.89 -13.25
CA GLU A 117 8.91 -7.00 -13.30
C GLU A 117 10.09 -7.70 -13.98
N ASP A 118 11.01 -6.88 -14.48
CA ASP A 118 12.19 -7.41 -15.15
C ASP A 118 13.42 -7.15 -14.27
N GLU A 119 14.06 -8.24 -13.90
CA GLU A 119 15.25 -8.15 -13.07
C GLU A 119 16.51 -8.09 -13.95
N SER A 120 17.48 -7.32 -13.48
CA SER A 120 18.73 -7.17 -14.21
C SER A 120 19.91 -7.31 -13.25
N GLY A 121 21.09 -7.53 -13.83
CA GLY A 121 22.29 -7.69 -13.05
C GLY A 121 23.47 -6.95 -13.69
N PRO A 122 24.02 -5.96 -12.93
CA PRO A 122 25.14 -5.17 -13.42
C PRO A 122 26.44 -5.98 -13.37
N SER A 123 27.45 -5.46 -14.05
CA SER A 123 28.74 -6.12 -14.08
C SER A 123 29.85 -5.12 -13.79
N SER A 124 31.04 -5.65 -13.53
CA SER A 124 32.19 -4.81 -13.23
C SER A 124 33.47 -5.65 -13.23
N GLY A 125 34.59 -4.95 -13.25
CA GLY A 125 35.88 -5.62 -13.24
C GLY A 125 36.59 -5.44 -14.58
N GLY A 1 29.08 14.50 -19.79
CA GLY A 1 27.93 14.10 -18.98
C GLY A 1 26.84 15.16 -19.02
N SER A 2 26.70 15.87 -17.91
CA SER A 2 25.70 16.91 -17.79
C SER A 2 24.30 16.32 -17.95
N SER A 3 23.33 17.00 -17.36
CA SER A 3 21.96 16.55 -17.44
C SER A 3 21.04 17.54 -16.70
N GLY A 4 19.75 17.39 -16.93
CA GLY A 4 18.77 18.26 -16.30
C GLY A 4 18.60 17.91 -14.82
N SER A 5 17.61 18.54 -14.21
CA SER A 5 17.32 18.31 -12.81
C SER A 5 15.86 18.61 -12.51
N SER A 6 15.35 17.97 -11.46
CA SER A 6 13.97 18.16 -11.06
C SER A 6 13.67 17.35 -9.80
N GLY A 7 13.39 18.07 -8.73
CA GLY A 7 13.08 17.42 -7.46
C GLY A 7 12.04 16.31 -7.64
N ALA A 8 12.10 15.34 -6.75
CA ALA A 8 11.18 14.22 -6.79
C ALA A 8 10.31 14.22 -5.53
N GLY A 9 9.25 13.42 -5.58
CA GLY A 9 8.34 13.33 -4.45
C GLY A 9 6.95 12.88 -4.92
N SER A 10 6.77 11.57 -4.97
CA SER A 10 5.50 11.00 -5.40
C SER A 10 5.30 9.63 -4.75
N ALA A 11 4.09 9.12 -4.88
CA ALA A 11 3.75 7.82 -4.32
C ALA A 11 4.81 6.80 -4.75
N THR A 12 5.29 6.06 -3.76
CA THR A 12 6.31 5.05 -4.02
C THR A 12 5.69 3.66 -3.96
N ILE A 13 4.69 3.52 -3.11
CA ILE A 13 4.01 2.25 -2.94
C ILE A 13 2.50 2.45 -3.12
N THR A 14 1.86 1.41 -3.62
CA THR A 14 0.42 1.46 -3.85
C THR A 14 -0.23 0.16 -3.38
N TYR A 15 -1.11 0.29 -2.39
CA TYR A 15 -1.81 -0.86 -1.84
C TYR A 15 -3.23 -0.94 -2.40
N SER A 16 -3.80 -2.13 -2.32
CA SER A 16 -5.14 -2.36 -2.81
C SER A 16 -5.99 -3.04 -1.73
N VAL A 17 -7.00 -2.32 -1.27
CA VAL A 17 -7.87 -2.84 -0.23
C VAL A 17 -9.32 -2.46 -0.57
N LEU A 18 -10.19 -3.46 -0.49
CA LEU A 18 -11.60 -3.26 -0.77
C LEU A 18 -12.18 -2.23 0.21
N GLU A 19 -13.49 -2.17 0.26
CA GLU A 19 -14.17 -1.25 1.14
C GLU A 19 -14.64 -1.98 2.41
N GLU A 20 -14.90 -3.27 2.25
CA GLU A 20 -15.35 -4.09 3.37
C GLU A 20 -14.18 -4.36 4.31
N THR A 21 -13.58 -3.29 4.81
CA THR A 21 -12.46 -3.42 5.72
C THR A 21 -12.89 -3.07 7.15
N ASP A 22 -12.60 -3.99 8.05
CA ASP A 22 -12.95 -3.79 9.45
C ASP A 22 -11.76 -4.17 10.33
N ARG A 23 -11.78 -3.65 11.55
CA ARG A 23 -10.71 -3.93 12.50
C ARG A 23 -10.25 -5.39 12.37
N GLY A 24 -9.17 -5.57 11.64
CA GLY A 24 -8.63 -6.91 11.44
C GLY A 24 -8.66 -7.29 9.95
N SER A 25 -8.32 -6.32 9.12
CA SER A 25 -8.30 -6.54 7.68
C SER A 25 -6.88 -6.39 7.15
N LEU A 26 -6.51 -7.30 6.26
CA LEU A 26 -5.18 -7.29 5.66
C LEU A 26 -5.17 -6.30 4.49
N VAL A 27 -4.41 -5.23 4.67
CA VAL A 27 -4.30 -4.21 3.64
C VAL A 27 -3.25 -4.63 2.62
N GLY A 28 -2.20 -5.25 3.13
CA GLY A 28 -1.12 -5.71 2.27
C GLY A 28 0.18 -5.86 3.07
N ASN A 29 1.14 -6.53 2.45
CA ASN A 29 2.44 -6.74 3.08
C ASN A 29 3.38 -5.60 2.71
N LEU A 30 4.23 -5.25 3.66
CA LEU A 30 5.19 -4.16 3.44
C LEU A 30 6.60 -4.75 3.36
N ALA A 31 6.92 -5.57 4.34
CA ALA A 31 8.23 -6.20 4.40
C ALA A 31 8.43 -7.06 3.14
N LYS A 32 7.32 -7.44 2.54
CA LYS A 32 7.35 -8.26 1.34
C LYS A 32 7.31 -7.35 0.11
N ASP A 33 6.55 -6.27 0.24
CA ASP A 33 6.41 -5.31 -0.85
C ASP A 33 7.79 -4.82 -1.26
N LEU A 34 8.49 -4.23 -0.30
CA LEU A 34 9.82 -3.70 -0.56
C LEU A 34 10.79 -4.88 -0.77
N GLY A 35 10.30 -6.07 -0.48
CA GLY A 35 11.11 -7.26 -0.64
C GLY A 35 12.11 -7.39 0.51
N LEU A 36 11.82 -6.70 1.60
CA LEU A 36 12.69 -6.74 2.76
C LEU A 36 12.36 -7.96 3.61
N SER A 37 13.11 -8.11 4.69
CA SER A 37 12.90 -9.24 5.59
C SER A 37 12.42 -8.74 6.95
N LEU A 38 11.61 -9.57 7.60
CA LEU A 38 11.06 -9.23 8.89
C LEU A 38 12.16 -8.57 9.74
N ARG A 39 13.19 -9.36 10.03
CA ARG A 39 14.30 -8.87 10.82
C ARG A 39 14.69 -7.46 10.39
N GLU A 40 14.85 -7.29 9.09
CA GLU A 40 15.22 -6.00 8.53
C GLU A 40 14.19 -4.95 8.94
N LEU A 41 12.92 -5.29 8.75
CA LEU A 41 11.84 -4.38 9.09
C LEU A 41 11.87 -4.11 10.60
N ILE A 42 12.46 -5.04 11.33
CA ILE A 42 12.55 -4.92 12.77
C ILE A 42 13.77 -4.06 13.12
N THR A 43 14.89 -4.39 12.49
CA THR A 43 16.11 -3.65 12.73
C THR A 43 15.90 -2.16 12.50
N ARG A 44 15.33 -1.85 11.35
CA ARG A 44 15.06 -0.46 10.99
C ARG A 44 13.73 -0.02 11.57
N GLY A 45 13.14 -0.89 12.38
CA GLY A 45 11.87 -0.59 13.00
C GLY A 45 10.95 0.18 12.05
N ALA A 46 10.27 -0.57 11.18
CA ALA A 46 9.38 0.03 10.22
C ALA A 46 7.95 -0.01 10.77
N GLN A 47 7.38 1.18 10.92
CA GLN A 47 6.02 1.29 11.44
C GLN A 47 5.14 2.05 10.45
N ILE A 48 3.84 2.00 10.70
CA ILE A 48 2.88 2.67 9.84
C ILE A 48 2.50 4.02 10.46
N LEU A 49 2.51 5.05 9.63
CA LEU A 49 2.17 6.38 10.09
C LEU A 49 0.92 6.87 9.35
N SER A 50 -0.19 6.91 10.08
CA SER A 50 -1.45 7.35 9.50
C SER A 50 -2.13 8.34 10.45
N LYS A 51 -2.14 9.59 10.04
CA LYS A 51 -2.76 10.64 10.84
C LYS A 51 -1.90 10.92 12.07
N GLY A 52 -1.78 9.91 12.91
CA GLY A 52 -1.00 10.03 14.13
C GLY A 52 -1.89 10.05 15.37
N ASN A 53 -2.75 11.05 15.42
CA ASN A 53 -3.67 11.19 16.54
C ASN A 53 -4.59 9.97 16.60
N LYS A 54 -5.11 9.61 15.44
CA LYS A 54 -6.00 8.47 15.34
C LYS A 54 -5.52 7.53 14.23
N GLN A 55 -4.51 6.75 14.56
CA GLN A 55 -3.94 5.81 13.60
C GLN A 55 -5.01 4.83 13.13
N LEU A 56 -5.08 4.65 11.82
CA LEU A 56 -6.05 3.75 11.23
C LEU A 56 -5.31 2.59 10.55
N LEU A 57 -4.01 2.51 10.84
CA LEU A 57 -3.19 1.45 10.26
C LEU A 57 -2.21 0.94 11.33
N GLN A 58 -1.87 -0.33 11.21
CA GLN A 58 -0.95 -0.95 12.15
C GLN A 58 -0.27 -2.15 11.50
N LEU A 59 1.05 -2.02 11.35
CA LEU A 59 1.84 -3.09 10.75
C LEU A 59 2.09 -4.18 11.79
N GLU A 60 2.09 -5.42 11.31
CA GLU A 60 2.32 -6.55 12.19
C GLU A 60 3.79 -6.99 12.12
N GLN A 61 4.53 -6.64 13.15
CA GLN A 61 5.94 -6.99 13.22
C GLN A 61 6.10 -8.46 13.60
N LYS A 62 4.97 -9.12 13.77
CA LYS A 62 4.96 -10.53 14.13
C LYS A 62 4.69 -11.38 12.88
N SER A 63 4.53 -10.68 11.76
CA SER A 63 4.27 -11.35 10.50
C SER A 63 4.81 -10.52 9.33
N GLY A 64 4.37 -9.27 9.28
CA GLY A 64 4.80 -8.36 8.24
C GLY A 64 3.65 -8.02 7.29
N ASN A 65 2.57 -7.55 7.88
CA ASN A 65 1.38 -7.19 7.11
C ASN A 65 0.78 -5.90 7.66
N LEU A 66 0.04 -5.22 6.81
CA LEU A 66 -0.60 -3.97 7.21
C LEU A 66 -2.01 -4.27 7.71
N LEU A 67 -2.21 -4.04 9.00
CA LEU A 67 -3.50 -4.27 9.62
C LEU A 67 -4.17 -2.93 9.93
N LEU A 68 -5.46 -2.87 9.69
CA LEU A 68 -6.23 -1.67 9.94
C LEU A 68 -6.55 -1.57 11.43
N LYS A 69 -6.93 -0.37 11.84
CA LYS A 69 -7.28 -0.14 13.24
C LYS A 69 -8.77 -0.41 13.45
N GLU A 70 -9.57 0.24 12.62
CA GLU A 70 -11.02 0.08 12.71
C GLU A 70 -11.67 0.37 11.34
N LYS A 71 -12.99 0.30 11.32
CA LYS A 71 -13.73 0.54 10.11
C LYS A 71 -13.36 1.92 9.56
N LEU A 72 -12.93 1.93 8.30
CA LEU A 72 -12.55 3.18 7.66
C LEU A 72 -13.77 4.08 7.52
N ASP A 73 -13.81 5.09 8.38
CA ASP A 73 -14.92 6.04 8.38
C ASP A 73 -15.14 6.54 6.96
N ARG A 74 -16.38 6.42 6.51
CA ARG A 74 -16.74 6.86 5.18
C ARG A 74 -16.83 8.39 5.12
N GLU A 75 -16.87 8.99 6.30
CA GLU A 75 -16.95 10.44 6.41
C GLU A 75 -15.55 11.05 6.39
N GLU A 76 -14.74 10.63 7.36
CA GLU A 76 -13.38 11.13 7.47
C GLU A 76 -12.70 11.14 6.10
N LEU A 77 -12.55 9.96 5.54
CA LEU A 77 -11.93 9.81 4.23
C LEU A 77 -12.89 10.34 3.16
N CYS A 78 -13.86 9.51 2.83
CA CYS A 78 -14.85 9.87 1.82
C CYS A 78 -15.85 8.72 1.68
N GLY A 79 -15.31 7.52 1.70
CA GLY A 79 -16.13 6.32 1.58
C GLY A 79 -15.94 5.66 0.21
N SER A 80 -16.23 6.43 -0.83
CA SER A 80 -16.08 5.93 -2.19
C SER A 80 -16.49 7.02 -3.19
N THR A 81 -15.76 8.12 -3.14
CA THR A 81 -16.03 9.23 -4.04
C THR A 81 -14.82 9.52 -4.92
N ASN A 82 -13.84 8.63 -4.82
CA ASN A 82 -12.62 8.77 -5.61
C ASN A 82 -11.92 10.08 -5.24
N PRO A 83 -10.58 10.01 -5.16
CA PRO A 83 -9.87 8.76 -5.40
C PRO A 83 -10.02 7.79 -4.23
N CYS A 84 -10.23 8.37 -3.06
CA CYS A 84 -10.40 7.58 -1.85
C CYS A 84 -9.12 6.77 -1.63
N ILE A 85 -8.06 7.48 -1.27
CA ILE A 85 -6.78 6.84 -1.02
C ILE A 85 -6.32 7.16 0.41
N LEU A 86 -5.92 6.11 1.11
CA LEU A 86 -5.46 6.25 2.48
C LEU A 86 -4.10 6.94 2.48
N HIS A 87 -3.95 7.91 3.36
CA HIS A 87 -2.71 8.65 3.47
C HIS A 87 -1.88 8.08 4.62
N PHE A 88 -0.73 7.52 4.27
CA PHE A 88 0.16 6.93 5.26
C PHE A 88 1.62 7.02 4.80
N GLN A 89 2.52 6.67 5.71
CA GLN A 89 3.94 6.70 5.42
C GLN A 89 4.69 5.71 6.31
N VAL A 90 5.76 5.17 5.78
CA VAL A 90 6.57 4.21 6.51
C VAL A 90 7.69 4.97 7.25
N LEU A 91 7.70 4.79 8.56
CA LEU A 91 8.70 5.44 9.39
C LEU A 91 9.84 4.46 9.68
N LEU A 92 11.05 4.97 9.57
CA LEU A 92 12.23 4.16 9.81
C LEU A 92 13.10 4.82 10.88
N LYS A 93 13.76 3.99 11.66
CA LYS A 93 14.63 4.49 12.72
C LYS A 93 16.08 4.47 12.23
N SER A 94 16.96 4.99 13.07
CA SER A 94 18.37 5.05 12.74
C SER A 94 18.77 3.81 11.94
N PRO A 95 19.08 4.04 10.64
CA PRO A 95 19.04 5.39 10.09
C PRO A 95 17.60 5.84 9.85
N VAL A 96 17.25 6.94 10.48
CA VAL A 96 15.90 7.49 10.35
C VAL A 96 15.60 7.73 8.87
N GLN A 97 14.37 7.39 8.50
CA GLN A 97 13.94 7.56 7.12
C GLN A 97 12.41 7.44 7.02
N PHE A 98 11.88 8.02 5.96
CA PHE A 98 10.44 7.99 5.73
C PHE A 98 10.12 7.72 4.26
N ILE A 99 9.00 7.04 4.06
CA ILE A 99 8.57 6.70 2.71
C ILE A 99 7.13 7.21 2.50
N GLN A 100 6.78 7.35 1.23
CA GLN A 100 5.45 7.82 0.88
C GLN A 100 4.68 6.73 0.13
N GLY A 101 3.81 6.05 0.87
CA GLY A 101 3.01 4.99 0.29
C GLY A 101 1.59 5.47 0.00
N GLU A 102 0.80 4.58 -0.57
CA GLU A 102 -0.58 4.89 -0.92
C GLU A 102 -1.48 3.66 -0.71
N ILE A 103 -2.77 3.93 -0.62
CA ILE A 103 -3.74 2.86 -0.43
C ILE A 103 -4.90 3.06 -1.40
N GLN A 104 -4.92 2.22 -2.43
CA GLN A 104 -5.98 2.30 -3.42
C GLN A 104 -7.11 1.31 -3.09
N LEU A 105 -8.31 1.67 -3.52
CA LEU A 105 -9.46 0.83 -3.27
C LEU A 105 -9.56 -0.25 -4.35
N GLN A 106 -9.68 -1.49 -3.90
CA GLN A 106 -9.79 -2.61 -4.81
C GLN A 106 -10.82 -2.32 -5.90
N ASP A 107 -10.33 -2.22 -7.14
CA ASP A 107 -11.20 -1.95 -8.26
C ASP A 107 -12.21 -3.08 -8.41
N VAL A 108 -13.43 -2.70 -8.77
CA VAL A 108 -14.50 -3.68 -8.94
C VAL A 108 -14.51 -4.16 -10.40
N ASN A 109 -14.00 -5.37 -10.59
CA ASN A 109 -13.95 -5.95 -11.92
C ASN A 109 -13.52 -7.41 -11.80
N ASP A 110 -13.78 -8.15 -12.88
CA ASP A 110 -13.44 -9.57 -12.91
C ASP A 110 -11.94 -9.71 -13.18
N HIS A 111 -11.24 -10.24 -12.19
CA HIS A 111 -9.81 -10.44 -12.30
C HIS A 111 -9.52 -11.93 -12.53
N ALA A 112 -8.30 -12.19 -12.99
CA ALA A 112 -7.88 -13.56 -13.26
C ALA A 112 -6.36 -13.61 -13.39
N PRO A 113 -5.77 -14.71 -12.84
CA PRO A 113 -4.32 -14.88 -12.89
C PRO A 113 -3.87 -15.29 -14.29
N GLU A 114 -2.60 -15.08 -14.54
CA GLU A 114 -2.01 -15.43 -15.84
C GLU A 114 -0.76 -16.29 -15.65
N PHE A 115 -0.65 -17.30 -16.50
CA PHE A 115 0.48 -18.19 -16.45
C PHE A 115 0.54 -19.09 -17.68
N MET A 116 1.70 -19.71 -17.87
CA MET A 116 1.89 -20.59 -19.01
C MET A 116 3.22 -21.34 -18.91
N GLU A 117 3.36 -22.34 -19.76
CA GLU A 117 4.59 -23.13 -19.78
C GLU A 117 4.72 -23.89 -21.11
N ASP A 118 5.95 -24.10 -21.51
CA ASP A 118 6.23 -24.81 -22.75
C ASP A 118 7.66 -25.33 -22.74
N GLU A 119 7.90 -26.35 -23.56
CA GLU A 119 9.22 -26.94 -23.65
C GLU A 119 9.43 -27.56 -25.03
N SER A 120 10.63 -27.35 -25.56
CA SER A 120 10.96 -27.88 -26.87
C SER A 120 12.42 -27.53 -27.22
N GLY A 121 12.95 -28.25 -28.19
CA GLY A 121 14.33 -28.03 -28.61
C GLY A 121 14.45 -28.15 -30.14
N PRO A 122 14.70 -26.98 -30.79
CA PRO A 122 14.84 -26.94 -32.23
C PRO A 122 16.19 -27.51 -32.66
N SER A 123 16.39 -27.58 -33.98
CA SER A 123 17.62 -28.11 -34.53
C SER A 123 17.79 -27.62 -35.97
N SER A 124 19.04 -27.34 -36.32
CA SER A 124 19.36 -26.88 -37.66
C SER A 124 20.87 -26.97 -37.91
N GLY A 125 21.23 -26.79 -39.16
CA GLY A 125 22.64 -26.86 -39.54
C GLY A 125 22.92 -25.96 -40.76
N GLY A 1 30.57 14.93 -21.94
CA GLY A 1 29.22 15.41 -21.67
C GLY A 1 28.25 14.24 -21.46
N SER A 2 26.98 14.59 -21.32
CA SER A 2 25.96 13.58 -21.10
C SER A 2 24.57 14.21 -21.24
N SER A 3 24.33 15.22 -20.41
CA SER A 3 23.04 15.91 -20.44
C SER A 3 21.92 14.94 -20.06
N GLY A 4 20.80 15.53 -19.65
CA GLY A 4 19.65 14.73 -19.26
C GLY A 4 19.14 15.14 -17.88
N SER A 5 17.84 14.98 -17.69
CA SER A 5 17.23 15.33 -16.42
C SER A 5 15.94 14.52 -16.22
N SER A 6 15.60 14.30 -14.96
CA SER A 6 14.40 13.56 -14.63
C SER A 6 14.28 13.41 -13.11
N GLY A 7 13.03 13.41 -12.65
CA GLY A 7 12.77 13.28 -11.22
C GLY A 7 11.30 12.94 -10.97
N ALA A 8 10.61 13.86 -10.31
CA ALA A 8 9.21 13.68 -10.00
C ALA A 8 9.06 12.52 -9.00
N GLY A 9 7.89 12.46 -8.40
CA GLY A 9 7.61 11.41 -7.43
C GLY A 9 6.50 11.84 -6.46
N SER A 10 5.95 10.86 -5.77
CA SER A 10 4.88 11.12 -4.82
C SER A 10 4.49 9.82 -4.10
N ALA A 11 4.28 8.78 -4.89
CA ALA A 11 3.92 7.49 -4.34
C ALA A 11 4.99 6.45 -4.70
N THR A 12 5.41 5.71 -3.69
CA THR A 12 6.43 4.69 -3.87
C THR A 12 5.81 3.30 -3.87
N ILE A 13 4.74 3.16 -3.09
CA ILE A 13 4.04 1.90 -2.98
C ILE A 13 2.55 2.12 -3.23
N THR A 14 1.91 1.09 -3.76
CA THR A 14 0.49 1.15 -4.05
C THR A 14 -0.21 -0.12 -3.60
N TYR A 15 -1.13 0.04 -2.66
CA TYR A 15 -1.88 -1.09 -2.14
C TYR A 15 -3.29 -1.15 -2.75
N SER A 16 -3.96 -2.27 -2.51
CA SER A 16 -5.30 -2.47 -3.02
C SER A 16 -6.23 -2.92 -1.90
N VAL A 17 -7.06 -2.00 -1.45
CA VAL A 17 -8.00 -2.30 -0.39
C VAL A 17 -9.26 -1.45 -0.57
N LEU A 18 -10.40 -2.03 -0.20
CA LEU A 18 -11.67 -1.35 -0.31
C LEU A 18 -11.62 -0.04 0.47
N GLU A 19 -12.79 0.48 0.78
CA GLU A 19 -12.90 1.73 1.53
C GLU A 19 -13.47 1.46 2.92
N GLU A 20 -14.23 0.37 3.02
CA GLU A 20 -14.84 0.00 4.28
C GLU A 20 -14.20 -1.28 4.82
N THR A 21 -12.87 -1.32 4.76
CA THR A 21 -12.13 -2.47 5.23
C THR A 21 -12.45 -2.75 6.69
N ASP A 22 -12.85 -3.98 6.96
CA ASP A 22 -13.18 -4.38 8.32
C ASP A 22 -11.97 -4.17 9.22
N ARG A 23 -12.21 -4.35 10.52
CA ARG A 23 -11.14 -4.17 11.50
C ARG A 23 -10.22 -5.40 11.50
N GLY A 24 -8.93 -5.12 11.58
CA GLY A 24 -7.93 -6.18 11.60
C GLY A 24 -7.92 -6.93 10.26
N SER A 25 -7.83 -6.16 9.18
CA SER A 25 -7.80 -6.74 7.85
C SER A 25 -6.46 -6.44 7.18
N LEU A 26 -5.95 -7.45 6.49
CA LEU A 26 -4.68 -7.31 5.79
C LEU A 26 -4.84 -6.34 4.62
N VAL A 27 -4.24 -5.17 4.79
CA VAL A 27 -4.31 -4.15 3.75
C VAL A 27 -3.40 -4.54 2.59
N GLY A 28 -2.17 -4.87 2.93
CA GLY A 28 -1.20 -5.28 1.92
C GLY A 28 0.15 -5.61 2.56
N ASN A 29 1.01 -6.20 1.76
CA ASN A 29 2.34 -6.59 2.23
C ASN A 29 3.30 -5.41 2.05
N LEU A 30 4.17 -5.24 3.03
CA LEU A 30 5.14 -4.16 2.99
C LEU A 30 6.55 -4.76 2.94
N ALA A 31 6.90 -5.44 4.02
CA ALA A 31 8.22 -6.06 4.11
C ALA A 31 8.39 -7.06 2.97
N LYS A 32 7.26 -7.60 2.53
CA LYS A 32 7.27 -8.57 1.45
C LYS A 32 7.15 -7.85 0.11
N ASP A 33 6.59 -6.64 0.17
CA ASP A 33 6.41 -5.83 -1.02
C ASP A 33 7.79 -5.46 -1.58
N LEU A 34 8.48 -4.61 -0.84
CA LEU A 34 9.80 -4.16 -1.25
C LEU A 34 10.74 -5.37 -1.31
N GLY A 35 10.29 -6.46 -0.71
CA GLY A 35 11.09 -7.68 -0.68
C GLY A 35 12.05 -7.68 0.51
N LEU A 36 11.72 -6.86 1.49
CA LEU A 36 12.54 -6.76 2.69
C LEU A 36 12.24 -7.94 3.61
N SER A 37 13.09 -8.09 4.62
CA SER A 37 12.93 -9.16 5.58
C SER A 37 12.37 -8.62 6.90
N LEU A 38 11.51 -9.40 7.52
CA LEU A 38 10.90 -9.01 8.78
C LEU A 38 11.97 -8.41 9.68
N ARG A 39 13.05 -9.16 9.87
CA ARG A 39 14.14 -8.70 10.70
C ARG A 39 14.56 -7.28 10.31
N GLU A 40 14.79 -7.09 9.02
CA GLU A 40 15.19 -5.79 8.51
C GLU A 40 14.15 -4.73 8.91
N LEU A 41 12.89 -5.08 8.71
CA LEU A 41 11.80 -4.17 9.04
C LEU A 41 11.75 -3.96 10.55
N ILE A 42 12.23 -4.96 11.27
CA ILE A 42 12.24 -4.91 12.72
C ILE A 42 13.43 -4.05 13.17
N THR A 43 14.60 -4.37 12.64
CA THR A 43 15.81 -3.64 12.98
C THR A 43 15.60 -2.14 12.79
N ARG A 44 15.05 -1.79 11.63
CA ARG A 44 14.79 -0.41 11.31
C ARG A 44 13.44 0.03 11.87
N GLY A 45 12.87 -0.85 12.68
CA GLY A 45 11.58 -0.56 13.30
C GLY A 45 10.67 0.20 12.33
N ALA A 46 9.98 -0.55 11.48
CA ALA A 46 9.09 0.04 10.52
C ALA A 46 7.67 0.05 11.08
N GLN A 47 7.06 1.22 11.05
CA GLN A 47 5.70 1.37 11.56
C GLN A 47 4.86 2.18 10.58
N ILE A 48 3.55 1.94 10.63
CA ILE A 48 2.62 2.64 9.75
C ILE A 48 2.14 3.92 10.44
N LEU A 49 2.21 5.02 9.69
CA LEU A 49 1.78 6.31 10.22
C LEU A 49 0.44 6.68 9.60
N SER A 50 -0.60 6.55 10.41
CA SER A 50 -1.95 6.87 9.94
C SER A 50 -2.70 7.64 11.04
N LYS A 51 -2.75 8.95 10.87
CA LYS A 51 -3.43 9.80 11.82
C LYS A 51 -2.79 9.64 13.20
N GLY A 52 -3.31 10.39 14.16
CA GLY A 52 -2.79 10.33 15.51
C GLY A 52 -3.91 10.02 16.52
N ASN A 53 -3.53 9.30 17.56
CA ASN A 53 -4.49 8.92 18.59
C ASN A 53 -5.39 7.80 18.06
N LYS A 54 -6.23 8.16 17.10
CA LYS A 54 -7.14 7.21 16.49
C LYS A 54 -6.46 6.55 15.29
N GLN A 55 -5.39 5.83 15.59
CA GLN A 55 -4.65 5.14 14.54
C GLN A 55 -5.60 4.42 13.59
N LEU A 56 -5.16 4.27 12.35
CA LEU A 56 -5.97 3.60 11.35
C LEU A 56 -5.26 2.31 10.90
N LEU A 57 -3.98 2.45 10.63
CA LEU A 57 -3.18 1.32 10.19
C LEU A 57 -2.23 0.91 11.33
N GLN A 58 -1.86 -0.37 11.31
CA GLN A 58 -0.96 -0.90 12.32
C GLN A 58 -0.21 -2.12 11.78
N LEU A 59 1.08 -1.94 11.59
CA LEU A 59 1.93 -3.01 11.07
C LEU A 59 2.32 -3.93 12.22
N GLU A 60 2.10 -5.22 12.01
CA GLU A 60 2.42 -6.21 13.02
C GLU A 60 3.92 -6.16 13.36
N GLN A 61 4.73 -6.20 12.31
CA GLN A 61 6.17 -6.14 12.49
C GLN A 61 6.72 -7.55 12.72
N LYS A 62 5.82 -8.47 13.04
CA LYS A 62 6.21 -9.84 13.29
C LYS A 62 5.77 -10.71 12.11
N SER A 63 4.90 -10.13 11.28
CA SER A 63 4.40 -10.84 10.11
C SER A 63 4.85 -10.13 8.83
N GLY A 64 4.90 -8.81 8.92
CA GLY A 64 5.32 -8.01 7.78
C GLY A 64 4.12 -7.67 6.88
N ASN A 65 3.00 -7.40 7.53
CA ASN A 65 1.78 -7.06 6.81
C ASN A 65 1.14 -5.82 7.45
N LEU A 66 0.27 -5.18 6.68
CA LEU A 66 -0.41 -4.00 7.15
C LEU A 66 -1.77 -4.39 7.73
N LEU A 67 -1.92 -4.14 9.02
CA LEU A 67 -3.16 -4.47 9.70
C LEU A 67 -3.92 -3.17 10.02
N LEU A 68 -5.24 -3.26 9.95
CA LEU A 68 -6.08 -2.11 10.23
C LEU A 68 -6.29 -2.00 11.75
N LYS A 69 -6.48 -0.76 12.19
CA LYS A 69 -6.70 -0.50 13.60
C LYS A 69 -8.19 -0.63 13.91
N GLU A 70 -9.00 -0.10 13.02
CA GLU A 70 -10.45 -0.14 13.19
C GLU A 70 -11.15 0.13 11.86
N LYS A 71 -12.47 0.21 11.94
CA LYS A 71 -13.27 0.47 10.75
C LYS A 71 -12.92 1.87 10.20
N LEU A 72 -12.38 1.86 8.99
CA LEU A 72 -11.99 3.11 8.34
C LEU A 72 -13.20 4.05 8.31
N ASP A 73 -13.06 5.17 9.00
CA ASP A 73 -14.13 6.15 9.05
C ASP A 73 -14.49 6.58 7.62
N ARG A 74 -15.77 6.41 7.29
CA ARG A 74 -16.25 6.78 5.98
C ARG A 74 -16.24 8.30 5.81
N GLU A 75 -16.98 8.96 6.68
CA GLU A 75 -17.07 10.41 6.65
C GLU A 75 -15.67 11.04 6.72
N GLU A 76 -14.99 10.72 7.81
CA GLU A 76 -13.64 11.24 8.01
C GLU A 76 -12.85 11.22 6.70
N LEU A 77 -12.59 10.00 6.22
CA LEU A 77 -11.86 9.84 4.99
C LEU A 77 -12.62 10.52 3.84
N CYS A 78 -13.65 9.84 3.38
CA CYS A 78 -14.46 10.36 2.29
C CYS A 78 -15.78 9.57 2.25
N GLY A 79 -15.66 8.32 1.82
CA GLY A 79 -16.83 7.45 1.74
C GLY A 79 -16.74 6.56 0.50
N SER A 80 -17.72 6.73 -0.39
CA SER A 80 -17.78 5.95 -1.60
C SER A 80 -17.38 6.82 -2.80
N THR A 81 -16.17 7.36 -2.72
CA THR A 81 -15.66 8.20 -3.79
C THR A 81 -14.42 7.58 -4.42
N ASN A 82 -13.99 8.19 -5.52
CA ASN A 82 -12.82 7.69 -6.24
C ASN A 82 -11.87 8.87 -6.52
N PRO A 83 -10.55 8.55 -6.51
CA PRO A 83 -10.10 7.20 -6.25
C PRO A 83 -10.22 6.86 -4.77
N CYS A 84 -10.06 7.89 -3.94
CA CYS A 84 -10.15 7.71 -2.50
C CYS A 84 -8.96 6.88 -2.05
N ILE A 85 -7.77 7.45 -2.23
CA ILE A 85 -6.54 6.77 -1.84
C ILE A 85 -6.18 7.17 -0.40
N LEU A 86 -5.83 6.17 0.38
CA LEU A 86 -5.46 6.39 1.77
C LEU A 86 -4.08 7.07 1.82
N HIS A 87 -3.88 7.83 2.88
CA HIS A 87 -2.61 8.54 3.06
C HIS A 87 -1.88 7.98 4.28
N PHE A 88 -0.77 7.31 4.01
CA PHE A 88 0.03 6.72 5.06
C PHE A 88 1.52 6.77 4.73
N GLN A 89 2.33 6.40 5.70
CA GLN A 89 3.77 6.39 5.52
C GLN A 89 4.43 5.35 6.43
N VAL A 90 5.63 4.96 6.05
CA VAL A 90 6.37 3.97 6.83
C VAL A 90 7.50 4.66 7.58
N LEU A 91 7.31 4.78 8.89
CA LEU A 91 8.32 5.42 9.73
C LEU A 91 9.46 4.45 9.98
N LEU A 92 10.68 4.96 9.88
CA LEU A 92 11.86 4.15 10.10
C LEU A 92 12.75 4.83 11.14
N LYS A 93 13.47 4.00 11.88
CA LYS A 93 14.37 4.50 12.90
C LYS A 93 15.81 4.45 12.40
N SER A 94 16.72 4.99 13.20
CA SER A 94 18.12 5.02 12.84
C SER A 94 18.47 3.77 12.02
N PRO A 95 18.73 4.00 10.71
CA PRO A 95 18.67 5.34 10.16
C PRO A 95 17.23 5.80 9.98
N VAL A 96 16.92 6.93 10.60
CA VAL A 96 15.58 7.49 10.53
C VAL A 96 15.26 7.84 9.07
N GLN A 97 14.06 7.45 8.66
CA GLN A 97 13.62 7.72 7.30
C GLN A 97 12.13 7.38 7.15
N PHE A 98 11.51 8.04 6.19
CA PHE A 98 10.09 7.82 5.93
C PHE A 98 9.85 7.46 4.46
N ILE A 99 8.71 6.81 4.22
CA ILE A 99 8.35 6.41 2.88
C ILE A 99 6.98 6.97 2.53
N GLN A 100 6.73 7.10 1.23
CA GLN A 100 5.46 7.61 0.75
C GLN A 100 4.66 6.51 0.07
N GLY A 101 3.87 5.82 0.87
CA GLY A 101 3.05 4.73 0.36
C GLY A 101 1.64 5.23 0.01
N GLU A 102 0.95 4.42 -0.77
CA GLU A 102 -0.40 4.76 -1.19
C GLU A 102 -1.33 3.55 -1.05
N ILE A 103 -2.61 3.83 -0.92
CA ILE A 103 -3.61 2.78 -0.78
C ILE A 103 -4.72 2.99 -1.81
N GLN A 104 -4.67 2.21 -2.88
CA GLN A 104 -5.67 2.31 -3.92
C GLN A 104 -6.96 1.61 -3.49
N LEU A 105 -8.07 2.24 -3.85
CA LEU A 105 -9.38 1.69 -3.50
C LEU A 105 -9.68 0.49 -4.40
N GLN A 106 -9.95 -0.64 -3.76
CA GLN A 106 -10.25 -1.86 -4.48
C GLN A 106 -11.11 -1.55 -5.72
N ASP A 107 -10.54 -1.84 -6.88
CA ASP A 107 -11.24 -1.60 -8.14
C ASP A 107 -12.53 -2.42 -8.17
N VAL A 108 -13.49 -1.93 -8.92
CA VAL A 108 -14.77 -2.62 -9.05
C VAL A 108 -14.53 -4.01 -9.65
N ASN A 109 -15.24 -4.99 -9.09
CA ASN A 109 -15.12 -6.35 -9.55
C ASN A 109 -15.81 -7.28 -8.56
N ASP A 110 -16.17 -8.46 -9.05
CA ASP A 110 -16.83 -9.46 -8.23
C ASP A 110 -17.12 -10.70 -9.05
N HIS A 111 -17.07 -11.84 -8.38
CA HIS A 111 -17.31 -13.12 -9.04
C HIS A 111 -17.52 -14.21 -7.99
N ALA A 112 -18.11 -15.31 -8.44
CA ALA A 112 -18.38 -16.42 -7.55
C ALA A 112 -18.42 -17.72 -8.38
N PRO A 113 -17.44 -18.62 -8.07
CA PRO A 113 -17.36 -19.89 -8.77
C PRO A 113 -18.45 -20.86 -8.29
N GLU A 114 -19.04 -21.56 -9.24
CA GLU A 114 -20.08 -22.51 -8.93
C GLU A 114 -19.62 -23.93 -9.27
N PHE A 115 -20.42 -24.90 -8.81
CA PHE A 115 -20.10 -26.30 -9.05
C PHE A 115 -21.19 -26.96 -9.91
N MET A 116 -20.79 -28.03 -10.58
CA MET A 116 -21.72 -28.75 -11.44
C MET A 116 -21.09 -30.05 -11.95
N GLU A 117 -21.90 -31.10 -11.99
CA GLU A 117 -21.42 -32.38 -12.46
C GLU A 117 -22.45 -33.01 -13.41
N ASP A 118 -22.02 -34.06 -14.09
CA ASP A 118 -22.88 -34.75 -15.04
C ASP A 118 -22.10 -35.88 -15.70
N GLU A 119 -22.84 -36.75 -16.37
CA GLU A 119 -22.23 -37.88 -17.06
C GLU A 119 -23.30 -38.71 -17.78
N SER A 120 -22.91 -39.25 -18.93
CA SER A 120 -23.83 -40.06 -19.71
C SER A 120 -23.13 -40.54 -20.99
N GLY A 121 -23.81 -41.44 -21.69
CA GLY A 121 -23.27 -41.99 -22.91
C GLY A 121 -24.37 -42.16 -23.97
N PRO A 122 -24.07 -41.66 -25.20
CA PRO A 122 -25.03 -41.75 -26.29
C PRO A 122 -25.06 -43.18 -26.85
N SER A 123 -25.95 -43.37 -27.83
CA SER A 123 -26.11 -44.67 -28.45
C SER A 123 -27.09 -44.57 -29.62
N SER A 124 -26.80 -45.35 -30.66
CA SER A 124 -27.65 -45.35 -31.84
C SER A 124 -27.07 -46.30 -32.89
N GLY A 125 -27.88 -46.58 -33.90
CA GLY A 125 -27.46 -47.47 -34.97
C GLY A 125 -26.85 -48.76 -34.42
N GLY A 1 28.23 8.77 -22.65
CA GLY A 1 26.84 8.56 -22.33
C GLY A 1 26.68 7.82 -20.99
N SER A 2 25.80 8.36 -20.16
CA SER A 2 25.55 7.76 -18.86
C SER A 2 24.39 8.49 -18.17
N SER A 3 23.96 7.92 -17.06
CA SER A 3 22.86 8.49 -16.30
C SER A 3 21.61 8.58 -17.17
N GLY A 4 20.46 8.54 -16.51
CA GLY A 4 19.18 8.61 -17.20
C GLY A 4 18.45 9.90 -16.87
N SER A 5 17.27 9.74 -16.29
CA SER A 5 16.45 10.89 -15.92
C SER A 5 15.57 10.53 -14.72
N SER A 6 14.80 9.46 -14.88
CA SER A 6 13.91 9.00 -13.84
C SER A 6 12.92 10.10 -13.48
N GLY A 7 11.92 9.72 -12.69
CA GLY A 7 10.90 10.66 -12.28
C GLY A 7 10.09 10.11 -11.10
N ALA A 8 8.81 9.91 -11.34
CA ALA A 8 7.93 9.38 -10.31
C ALA A 8 8.02 10.26 -9.07
N GLY A 9 7.16 9.97 -8.11
CA GLY A 9 7.13 10.73 -6.87
C GLY A 9 5.73 10.74 -6.26
N SER A 10 5.62 11.40 -5.12
CA SER A 10 4.35 11.50 -4.42
C SER A 10 4.00 10.15 -3.79
N ALA A 11 3.84 9.14 -4.65
CA ALA A 11 3.51 7.81 -4.19
C ALA A 11 4.65 6.86 -4.55
N THR A 12 5.09 6.10 -3.55
CA THR A 12 6.16 5.15 -3.75
C THR A 12 5.62 3.72 -3.74
N ILE A 13 4.57 3.52 -2.96
CA ILE A 13 3.95 2.21 -2.85
C ILE A 13 2.44 2.34 -3.05
N THR A 14 1.85 1.28 -3.57
CA THR A 14 0.42 1.26 -3.82
C THR A 14 -0.19 -0.05 -3.35
N TYR A 15 -1.13 0.06 -2.41
CA TYR A 15 -1.80 -1.10 -1.87
C TYR A 15 -3.20 -1.24 -2.44
N SER A 16 -3.73 -2.46 -2.35
CA SER A 16 -5.06 -2.74 -2.85
C SER A 16 -5.91 -3.39 -1.76
N VAL A 17 -6.90 -2.62 -1.30
CA VAL A 17 -7.79 -3.10 -0.26
C VAL A 17 -9.23 -2.72 -0.61
N LEU A 18 -10.11 -3.71 -0.50
CA LEU A 18 -11.52 -3.49 -0.80
C LEU A 18 -12.10 -2.52 0.22
N GLU A 19 -13.43 -2.43 0.20
CA GLU A 19 -14.13 -1.55 1.12
C GLU A 19 -14.60 -2.32 2.35
N GLU A 20 -14.61 -3.64 2.22
CA GLU A 20 -15.03 -4.50 3.31
C GLU A 20 -13.88 -4.70 4.30
N THR A 21 -13.38 -3.58 4.80
CA THR A 21 -12.29 -3.62 5.76
C THR A 21 -12.77 -3.18 7.14
N ASP A 22 -12.22 -3.81 8.16
CA ASP A 22 -12.58 -3.48 9.53
C ASP A 22 -11.36 -3.66 10.43
N ARG A 23 -11.58 -3.41 11.72
CA ARG A 23 -10.51 -3.53 12.69
C ARG A 23 -9.94 -4.95 12.69
N GLY A 24 -9.01 -5.18 11.76
CA GLY A 24 -8.38 -6.49 11.64
C GLY A 24 -8.43 -6.99 10.20
N SER A 25 -8.08 -6.09 9.29
CA SER A 25 -8.08 -6.42 7.88
C SER A 25 -6.67 -6.26 7.30
N LEU A 26 -6.27 -7.24 6.49
CA LEU A 26 -4.96 -7.21 5.88
C LEU A 26 -4.99 -6.29 4.65
N VAL A 27 -4.25 -5.20 4.75
CA VAL A 27 -4.18 -4.24 3.67
C VAL A 27 -3.10 -4.66 2.68
N GLY A 28 -2.02 -5.20 3.22
CA GLY A 28 -0.91 -5.66 2.40
C GLY A 28 0.38 -5.74 3.23
N ASN A 29 1.37 -6.40 2.64
CA ASN A 29 2.65 -6.55 3.31
C ASN A 29 3.57 -5.41 2.91
N LEU A 30 4.38 -4.97 3.87
CA LEU A 30 5.31 -3.88 3.64
C LEU A 30 6.74 -4.42 3.59
N ALA A 31 6.91 -5.58 4.23
CA ALA A 31 8.21 -6.22 4.26
C ALA A 31 8.41 -7.04 2.99
N LYS A 32 7.31 -7.56 2.48
CA LYS A 32 7.35 -8.36 1.27
C LYS A 32 7.27 -7.44 0.04
N ASP A 33 6.49 -6.37 0.20
CA ASP A 33 6.32 -5.41 -0.88
C ASP A 33 7.69 -4.98 -1.39
N LEU A 34 8.42 -4.27 -0.54
CA LEU A 34 9.74 -3.80 -0.89
C LEU A 34 10.66 -5.00 -1.15
N GLY A 35 10.20 -6.16 -0.70
CA GLY A 35 10.96 -7.38 -0.88
C GLY A 35 11.97 -7.56 0.26
N LEU A 36 11.73 -6.85 1.35
CA LEU A 36 12.60 -6.93 2.50
C LEU A 36 12.18 -8.11 3.38
N SER A 37 12.93 -8.29 4.46
CA SER A 37 12.66 -9.39 5.38
C SER A 37 12.24 -8.82 6.74
N LEU A 38 11.56 -9.66 7.51
CA LEU A 38 11.10 -9.25 8.83
C LEU A 38 12.26 -8.58 9.59
N ARG A 39 13.31 -9.35 9.81
CA ARG A 39 14.48 -8.84 10.50
C ARG A 39 14.82 -7.44 10.02
N GLU A 40 14.97 -7.32 8.70
CA GLU A 40 15.30 -6.04 8.09
C GLU A 40 14.27 -4.98 8.52
N LEU A 41 13.01 -5.35 8.40
CA LEU A 41 11.94 -4.43 8.77
C LEU A 41 11.98 -4.18 10.28
N ILE A 42 12.57 -5.12 10.99
CA ILE A 42 12.68 -5.01 12.44
C ILE A 42 13.85 -4.09 12.78
N THR A 43 14.98 -4.34 12.12
CA THR A 43 16.17 -3.54 12.34
C THR A 43 15.88 -2.06 12.11
N ARG A 44 15.29 -1.79 10.95
CA ARG A 44 14.96 -0.42 10.59
C ARG A 44 13.67 0.01 11.30
N GLY A 45 13.08 -0.93 12.02
CA GLY A 45 11.86 -0.66 12.74
C GLY A 45 10.84 0.07 11.86
N ALA A 46 10.14 -0.71 11.05
CA ALA A 46 9.14 -0.15 10.16
C ALA A 46 7.77 -0.24 10.82
N GLN A 47 7.11 0.92 10.91
CA GLN A 47 5.80 0.98 11.51
C GLN A 47 4.92 1.98 10.76
N ILE A 48 3.61 1.82 10.92
CA ILE A 48 2.65 2.69 10.26
C ILE A 48 2.31 3.86 11.19
N LEU A 49 2.49 5.06 10.68
CA LEU A 49 2.20 6.26 11.44
C LEU A 49 0.75 6.67 11.23
N SER A 50 0.29 7.59 12.07
CA SER A 50 -1.08 8.05 11.98
C SER A 50 -1.21 9.04 10.82
N LYS A 51 -2.37 8.99 10.18
CA LYS A 51 -2.64 9.86 9.04
C LYS A 51 -2.19 11.28 9.39
N GLY A 52 -2.45 11.67 10.62
CA GLY A 52 -2.08 13.00 11.09
C GLY A 52 -2.77 13.32 12.42
N ASN A 53 -4.09 13.19 12.41
CA ASN A 53 -4.88 13.47 13.59
C ASN A 53 -5.23 12.15 14.30
N LYS A 54 -5.34 11.10 13.49
CA LYS A 54 -5.66 9.79 14.02
C LYS A 54 -5.00 8.71 13.14
N GLN A 55 -4.83 7.55 13.73
CA GLN A 55 -4.22 6.44 13.02
C GLN A 55 -5.28 5.39 12.66
N LEU A 56 -5.18 4.90 11.43
CA LEU A 56 -6.12 3.90 10.95
C LEU A 56 -5.35 2.75 10.30
N LEU A 57 -4.07 2.66 10.65
CA LEU A 57 -3.21 1.62 10.10
C LEU A 57 -2.23 1.16 11.18
N GLN A 58 -1.89 -0.11 11.11
CA GLN A 58 -0.96 -0.69 12.07
C GLN A 58 -0.27 -1.91 11.47
N LEU A 59 1.05 -1.81 11.35
CA LEU A 59 1.84 -2.89 10.80
C LEU A 59 2.21 -3.86 11.91
N GLU A 60 2.23 -5.15 11.57
CA GLU A 60 2.57 -6.18 12.52
C GLU A 60 4.04 -6.57 12.38
N GLN A 61 4.85 -6.09 13.31
CA GLN A 61 6.27 -6.38 13.30
C GLN A 61 6.51 -7.86 13.62
N LYS A 62 5.44 -8.54 14.00
CA LYS A 62 5.52 -9.94 14.33
C LYS A 62 5.19 -10.78 13.09
N SER A 63 4.70 -10.10 12.07
CA SER A 63 4.34 -10.77 10.83
C SER A 63 4.92 -9.99 9.64
N GLY A 64 4.41 -8.78 9.46
CA GLY A 64 4.86 -7.93 8.37
C GLY A 64 3.70 -7.59 7.43
N ASN A 65 2.53 -7.41 8.02
CA ASN A 65 1.34 -7.08 7.25
C ASN A 65 0.72 -5.80 7.80
N LEU A 66 0.01 -5.09 6.93
CA LEU A 66 -0.64 -3.86 7.32
C LEU A 66 -2.03 -4.17 7.86
N LEU A 67 -2.23 -3.84 9.12
CA LEU A 67 -3.51 -4.09 9.77
C LEU A 67 -4.22 -2.75 9.99
N LEU A 68 -5.51 -2.73 9.69
CA LEU A 68 -6.31 -1.53 9.86
C LEU A 68 -6.74 -1.42 11.32
N LYS A 69 -6.92 -0.17 11.75
CA LYS A 69 -7.33 0.09 13.12
C LYS A 69 -8.83 -0.19 13.26
N GLU A 70 -9.58 0.17 12.23
CA GLU A 70 -11.02 -0.05 12.23
C GLU A 70 -11.60 0.27 10.85
N LYS A 71 -12.91 0.20 10.77
CA LYS A 71 -13.61 0.48 9.52
C LYS A 71 -13.15 1.83 8.98
N LEU A 72 -12.89 1.86 7.68
CA LEU A 72 -12.44 3.08 7.04
C LEU A 72 -13.64 4.02 6.85
N ASP A 73 -13.73 4.99 7.74
CA ASP A 73 -14.81 5.95 7.68
C ASP A 73 -15.08 6.34 6.22
N ARG A 74 -16.33 6.67 5.95
CA ARG A 74 -16.73 7.06 4.60
C ARG A 74 -16.83 8.57 4.50
N GLU A 75 -17.50 9.16 5.49
CA GLU A 75 -17.69 10.60 5.52
C GLU A 75 -16.33 11.30 5.61
N GLU A 76 -15.57 10.93 6.63
CA GLU A 76 -14.26 11.52 6.83
C GLU A 76 -13.45 11.47 5.54
N LEU A 77 -13.26 10.27 5.03
CA LEU A 77 -12.51 10.08 3.80
C LEU A 77 -13.32 10.64 2.63
N CYS A 78 -14.27 9.84 2.18
CA CYS A 78 -15.12 10.25 1.06
C CYS A 78 -16.28 9.25 0.96
N GLY A 79 -15.95 7.98 1.10
CA GLY A 79 -16.95 6.92 1.02
C GLY A 79 -16.96 6.28 -0.37
N SER A 80 -16.90 7.14 -1.38
CA SER A 80 -16.90 6.66 -2.76
C SER A 80 -16.96 7.84 -3.72
N THR A 81 -16.12 8.84 -3.44
CA THR A 81 -16.06 10.03 -4.27
C THR A 81 -14.72 10.11 -4.98
N ASN A 82 -13.90 9.09 -4.79
CA ASN A 82 -12.60 9.03 -5.41
C ASN A 82 -11.79 10.25 -4.98
N PRO A 83 -10.43 10.07 -4.98
CA PRO A 83 -9.85 8.80 -5.38
C PRO A 83 -10.02 7.75 -4.27
N CYS A 84 -10.21 8.25 -3.06
CA CYS A 84 -10.39 7.37 -1.91
C CYS A 84 -9.12 6.54 -1.74
N ILE A 85 -8.01 7.24 -1.52
CA ILE A 85 -6.74 6.58 -1.34
C ILE A 85 -6.18 6.92 0.05
N LEU A 86 -5.90 5.88 0.82
CA LEU A 86 -5.37 6.07 2.16
C LEU A 86 -3.84 6.22 2.08
N HIS A 87 -3.38 7.41 2.45
CA HIS A 87 -1.97 7.69 2.43
C HIS A 87 -1.39 7.58 3.84
N PHE A 88 -0.38 6.73 3.95
CA PHE A 88 0.27 6.51 5.24
C PHE A 88 1.74 6.94 5.20
N GLN A 89 2.41 6.78 6.33
CA GLN A 89 3.81 7.14 6.44
C GLN A 89 4.57 6.06 7.20
N VAL A 90 5.51 5.42 6.50
CA VAL A 90 6.31 4.38 7.10
C VAL A 90 7.47 5.01 7.87
N LEU A 91 7.51 4.72 9.16
CA LEU A 91 8.55 5.25 10.02
C LEU A 91 9.72 4.26 10.07
N LEU A 92 10.92 4.80 9.91
CA LEU A 92 12.11 3.98 9.93
C LEU A 92 13.10 4.54 10.96
N LYS A 93 13.82 3.63 11.60
CA LYS A 93 14.78 4.02 12.62
C LYS A 93 16.18 4.04 12.00
N SER A 94 17.14 4.47 12.80
CA SER A 94 18.52 4.55 12.34
C SER A 94 18.82 3.40 11.38
N PRO A 95 19.02 3.77 10.09
CA PRO A 95 18.95 5.16 9.69
C PRO A 95 17.50 5.65 9.64
N VAL A 96 17.23 6.69 10.41
CA VAL A 96 15.89 7.26 10.47
C VAL A 96 15.49 7.72 9.06
N GLN A 97 14.28 7.37 8.68
CA GLN A 97 13.76 7.76 7.38
C GLN A 97 12.25 7.49 7.31
N PHE A 98 11.62 8.10 6.32
CA PHE A 98 10.20 7.94 6.13
C PHE A 98 9.85 7.69 4.65
N ILE A 99 8.70 7.08 4.44
CA ILE A 99 8.24 6.78 3.10
C ILE A 99 6.83 7.33 2.89
N GLN A 100 6.44 7.41 1.63
CA GLN A 100 5.11 7.91 1.30
C GLN A 100 4.37 6.91 0.41
N GLY A 101 3.79 5.91 1.06
CA GLY A 101 3.04 4.88 0.35
C GLY A 101 1.61 5.34 0.08
N GLU A 102 0.88 4.50 -0.64
CA GLU A 102 -0.49 4.79 -0.98
C GLU A 102 -1.38 3.56 -0.74
N ILE A 103 -2.68 3.77 -0.90
CA ILE A 103 -3.63 2.70 -0.70
C ILE A 103 -4.79 2.86 -1.69
N GLN A 104 -4.80 1.98 -2.68
CA GLN A 104 -5.84 2.01 -3.71
C GLN A 104 -7.01 1.10 -3.30
N LEU A 105 -8.20 1.63 -3.47
CA LEU A 105 -9.41 0.89 -3.13
C LEU A 105 -9.86 0.07 -4.35
N GLN A 106 -9.94 -1.24 -4.15
CA GLN A 106 -10.36 -2.13 -5.21
C GLN A 106 -11.70 -1.68 -5.79
N ASP A 107 -11.93 -2.05 -7.04
CA ASP A 107 -13.17 -1.68 -7.71
C ASP A 107 -14.22 -2.78 -7.46
N VAL A 108 -15.21 -2.41 -6.65
CA VAL A 108 -16.27 -3.34 -6.33
C VAL A 108 -17.40 -3.20 -7.34
N ASN A 109 -18.09 -4.31 -7.57
CA ASN A 109 -19.19 -4.32 -8.52
C ASN A 109 -18.70 -3.79 -9.86
N ASP A 110 -18.25 -4.72 -10.69
CA ASP A 110 -17.75 -4.35 -12.02
C ASP A 110 -17.27 -5.62 -12.73
N HIS A 111 -17.56 -5.68 -14.02
CA HIS A 111 -17.17 -6.82 -14.84
C HIS A 111 -15.69 -7.14 -14.57
N ALA A 112 -15.31 -8.37 -14.92
CA ALA A 112 -13.95 -8.81 -14.75
C ALA A 112 -12.99 -7.68 -15.14
N PRO A 113 -12.23 -7.19 -14.12
CA PRO A 113 -11.28 -6.12 -14.35
C PRO A 113 -10.04 -6.63 -15.07
N GLU A 114 -9.48 -5.78 -15.93
CA GLU A 114 -8.30 -6.14 -16.68
C GLU A 114 -7.28 -5.01 -16.64
N PHE A 115 -6.03 -5.38 -16.43
CA PHE A 115 -4.96 -4.40 -16.36
C PHE A 115 -5.08 -3.39 -17.50
N MET A 116 -5.54 -2.19 -17.15
CA MET A 116 -5.70 -1.14 -18.14
C MET A 116 -4.35 -0.56 -18.55
N GLU A 117 -4.07 -0.66 -19.84
CA GLU A 117 -2.82 -0.15 -20.38
C GLU A 117 -2.96 1.31 -20.76
N ASP A 118 -1.98 2.10 -20.32
CA ASP A 118 -1.98 3.53 -20.60
C ASP A 118 -0.57 4.08 -20.39
N GLU A 119 0.10 4.35 -21.51
CA GLU A 119 1.45 4.88 -21.44
C GLU A 119 1.73 5.73 -22.69
N SER A 120 2.51 6.78 -22.49
CA SER A 120 2.87 7.68 -23.58
C SER A 120 4.30 7.40 -24.04
N GLY A 121 4.44 7.30 -25.35
CA GLY A 121 5.75 7.03 -25.94
C GLY A 121 6.73 8.16 -25.62
N PRO A 122 8.04 7.79 -25.58
CA PRO A 122 9.08 8.76 -25.29
C PRO A 122 9.34 9.67 -26.49
N SER A 123 8.27 10.33 -26.93
CA SER A 123 8.37 11.24 -28.06
C SER A 123 9.51 12.24 -27.84
N SER A 124 10.09 12.68 -28.94
CA SER A 124 11.18 13.63 -28.88
C SER A 124 10.81 14.90 -29.66
N GLY A 125 10.25 15.86 -28.93
CA GLY A 125 9.85 17.12 -29.53
C GLY A 125 9.21 16.89 -30.90
N GLY A 1 20.02 17.12 -28.72
CA GLY A 1 20.10 16.44 -27.44
C GLY A 1 18.87 16.74 -26.58
N SER A 2 18.12 15.70 -26.28
CA SER A 2 16.93 15.83 -25.47
C SER A 2 16.70 14.57 -24.64
N SER A 3 16.85 14.72 -23.34
CA SER A 3 16.67 13.60 -22.43
C SER A 3 16.12 14.10 -21.09
N GLY A 4 15.09 13.43 -20.62
CA GLY A 4 14.47 13.79 -19.35
C GLY A 4 13.84 12.57 -18.68
N SER A 5 13.72 12.65 -17.36
CA SER A 5 13.14 11.57 -16.58
C SER A 5 11.84 12.02 -15.93
N SER A 6 11.97 13.07 -15.12
CA SER A 6 10.82 13.61 -14.42
C SER A 6 9.98 12.48 -13.80
N GLY A 7 10.41 12.06 -12.61
CA GLY A 7 9.72 11.00 -11.91
C GLY A 7 9.23 11.47 -10.54
N ALA A 8 8.23 12.34 -10.57
CA ALA A 8 7.67 12.87 -9.34
C ALA A 8 6.15 12.64 -9.34
N GLY A 9 5.55 12.91 -8.19
CA GLY A 9 4.11 12.74 -8.05
C GLY A 9 3.75 11.28 -7.75
N SER A 10 4.16 10.41 -8.65
CA SER A 10 3.88 8.99 -8.50
C SER A 10 4.32 8.53 -7.10
N ALA A 11 3.58 7.55 -6.59
CA ALA A 11 3.87 7.02 -5.27
C ALA A 11 4.93 5.91 -5.40
N THR A 12 5.47 5.52 -4.26
CA THR A 12 6.48 4.47 -4.22
C THR A 12 5.83 3.10 -4.06
N ILE A 13 4.74 3.08 -3.32
CA ILE A 13 4.02 1.84 -3.08
C ILE A 13 2.51 2.11 -3.16
N THR A 14 1.79 1.14 -3.70
CA THR A 14 0.36 1.27 -3.83
C THR A 14 -0.33 -0.05 -3.45
N TYR A 15 -1.16 0.03 -2.42
CA TYR A 15 -1.88 -1.14 -1.94
C TYR A 15 -3.28 -1.21 -2.55
N SER A 16 -3.90 -2.37 -2.39
CA SER A 16 -5.23 -2.57 -2.92
C SER A 16 -6.18 -3.00 -1.80
N VAL A 17 -7.00 -2.05 -1.38
CA VAL A 17 -7.97 -2.31 -0.31
C VAL A 17 -9.14 -1.33 -0.45
N LEU A 18 -10.32 -1.83 -0.09
CA LEU A 18 -11.52 -1.00 -0.15
C LEU A 18 -11.34 0.23 0.71
N GLU A 19 -12.46 0.83 1.09
CA GLU A 19 -12.44 2.02 1.91
C GLU A 19 -13.09 1.73 3.28
N GLU A 20 -13.95 0.73 3.29
CA GLU A 20 -14.64 0.35 4.50
C GLU A 20 -14.08 -0.98 5.03
N THR A 21 -12.82 -1.21 4.71
CA THR A 21 -12.15 -2.43 5.15
C THR A 21 -12.39 -2.67 6.64
N ASP A 22 -12.78 -3.89 6.95
CA ASP A 22 -13.05 -4.27 8.33
C ASP A 22 -11.78 -4.09 9.16
N ARG A 23 -11.98 -3.92 10.45
CA ARG A 23 -10.86 -3.73 11.37
C ARG A 23 -10.08 -5.05 11.53
N GLY A 24 -8.78 -4.96 11.28
CA GLY A 24 -7.92 -6.13 11.40
C GLY A 24 -7.86 -6.89 10.07
N SER A 25 -7.83 -6.13 8.99
CA SER A 25 -7.77 -6.73 7.66
C SER A 25 -6.40 -6.49 7.04
N LEU A 26 -5.95 -7.47 6.28
CA LEU A 26 -4.65 -7.38 5.63
C LEU A 26 -4.75 -6.44 4.44
N VAL A 27 -4.07 -5.31 4.54
CA VAL A 27 -4.07 -4.32 3.48
C VAL A 27 -3.06 -4.72 2.41
N GLY A 28 -1.93 -5.25 2.87
CA GLY A 28 -0.88 -5.68 1.97
C GLY A 28 0.42 -5.95 2.72
N ASN A 29 1.47 -6.23 1.96
CA ASN A 29 2.77 -6.51 2.55
C ASN A 29 3.67 -5.29 2.40
N LEU A 30 4.39 -4.98 3.47
CA LEU A 30 5.29 -3.85 3.48
C LEU A 30 6.73 -4.34 3.34
N ALA A 31 7.02 -5.41 4.07
CA ALA A 31 8.35 -5.99 4.04
C ALA A 31 8.55 -6.76 2.73
N LYS A 32 7.55 -7.56 2.39
CA LYS A 32 7.59 -8.35 1.18
C LYS A 32 7.42 -7.42 -0.03
N ASP A 33 6.97 -6.21 0.25
CA ASP A 33 6.77 -5.23 -0.80
C ASP A 33 8.12 -4.72 -1.29
N LEU A 34 8.93 -4.28 -0.35
CA LEU A 34 10.25 -3.77 -0.67
C LEU A 34 11.25 -4.94 -0.69
N GLY A 35 10.70 -6.14 -0.70
CA GLY A 35 11.53 -7.33 -0.72
C GLY A 35 12.44 -7.40 0.51
N LEU A 36 12.00 -6.72 1.56
CA LEU A 36 12.76 -6.69 2.80
C LEU A 36 12.40 -7.92 3.64
N SER A 37 13.13 -8.07 4.74
CA SER A 37 12.90 -9.19 5.63
C SER A 37 12.33 -8.69 6.96
N LEU A 38 11.47 -9.52 7.55
CA LEU A 38 10.85 -9.17 8.82
C LEU A 38 11.92 -8.62 9.77
N ARG A 39 12.92 -9.45 10.02
CA ARG A 39 14.00 -9.07 10.91
C ARG A 39 14.42 -7.62 10.65
N GLU A 40 14.63 -7.31 9.37
CA GLU A 40 15.02 -5.98 8.98
C GLU A 40 13.93 -4.97 9.35
N LEU A 41 12.73 -5.26 8.91
CA LEU A 41 11.60 -4.39 9.18
C LEU A 41 11.44 -4.24 10.69
N ILE A 42 11.91 -5.25 11.41
CA ILE A 42 11.82 -5.24 12.86
C ILE A 42 12.90 -4.31 13.43
N THR A 43 14.14 -4.58 13.03
CA THR A 43 15.26 -3.78 13.49
C THR A 43 15.06 -2.31 13.11
N ARG A 44 14.73 -2.10 11.84
CA ARG A 44 14.51 -0.75 11.34
C ARG A 44 13.23 -0.17 11.94
N GLY A 45 12.47 -1.04 12.60
CA GLY A 45 11.23 -0.61 13.22
C GLY A 45 10.35 0.17 12.24
N ALA A 46 9.60 -0.59 11.44
CA ALA A 46 8.73 0.02 10.46
C ALA A 46 7.32 0.10 11.02
N GLN A 47 6.78 1.31 11.02
CA GLN A 47 5.45 1.55 11.53
C GLN A 47 4.62 2.36 10.52
N ILE A 48 3.31 2.22 10.64
CA ILE A 48 2.40 2.93 9.76
C ILE A 48 1.95 4.24 10.41
N LEU A 49 2.06 5.32 9.65
CA LEU A 49 1.68 6.63 10.16
C LEU A 49 0.45 7.12 9.37
N SER A 50 -0.68 7.09 10.05
CA SER A 50 -1.93 7.53 9.44
C SER A 50 -2.72 8.39 10.42
N LYS A 51 -3.02 9.61 10.00
CA LYS A 51 -3.77 10.54 10.83
C LYS A 51 -2.98 10.81 12.11
N GLY A 52 -3.63 11.53 13.02
CA GLY A 52 -3.00 11.86 14.29
C GLY A 52 -3.84 11.36 15.47
N ASN A 53 -3.15 10.92 16.50
CA ASN A 53 -3.82 10.41 17.69
C ASN A 53 -5.03 9.57 17.28
N LYS A 54 -4.74 8.49 16.57
CA LYS A 54 -5.80 7.60 16.10
C LYS A 54 -5.16 6.39 15.41
N GLN A 55 -4.56 6.65 14.26
CA GLN A 55 -3.92 5.60 13.50
C GLN A 55 -4.93 4.54 13.10
N LEU A 56 -5.20 4.46 11.80
CA LEU A 56 -6.15 3.49 11.28
C LEU A 56 -5.39 2.27 10.76
N LEU A 57 -4.08 2.42 10.66
CA LEU A 57 -3.24 1.35 10.18
C LEU A 57 -2.29 0.90 11.30
N GLN A 58 -1.92 -0.37 11.25
CA GLN A 58 -1.02 -0.92 12.25
C GLN A 58 -0.29 -2.14 11.69
N LEU A 59 1.02 -1.96 11.52
CA LEU A 59 1.85 -3.03 10.99
C LEU A 59 2.33 -3.92 12.14
N GLU A 60 1.95 -5.19 12.06
CA GLU A 60 2.33 -6.15 13.07
C GLU A 60 3.84 -6.07 13.34
N GLN A 61 4.60 -6.10 12.26
CA GLN A 61 6.05 -6.03 12.36
C GLN A 61 6.63 -7.43 12.58
N LYS A 62 5.75 -8.37 12.87
CA LYS A 62 6.16 -9.74 13.08
C LYS A 62 5.79 -10.58 11.86
N SER A 63 4.68 -10.21 11.23
CA SER A 63 4.23 -10.92 10.05
C SER A 63 4.67 -10.18 8.79
N GLY A 64 4.82 -8.87 8.93
CA GLY A 64 5.23 -8.04 7.81
C GLY A 64 4.06 -7.74 6.88
N ASN A 65 3.00 -7.21 7.48
CA ASN A 65 1.80 -6.87 6.73
C ASN A 65 1.14 -5.65 7.37
N LEU A 66 0.16 -5.10 6.64
CA LEU A 66 -0.56 -3.94 7.11
C LEU A 66 -1.89 -4.38 7.71
N LEU A 67 -2.07 -4.05 8.99
CA LEU A 67 -3.30 -4.41 9.68
C LEU A 67 -4.05 -3.13 10.06
N LEU A 68 -5.34 -3.11 9.72
CA LEU A 68 -6.17 -1.97 10.01
C LEU A 68 -6.45 -1.91 11.52
N LYS A 69 -6.34 -0.72 12.06
CA LYS A 69 -6.58 -0.53 13.49
C LYS A 69 -8.05 -0.80 13.80
N GLU A 70 -8.91 -0.03 13.17
CA GLU A 70 -10.35 -0.19 13.37
C GLU A 70 -11.09 -0.03 12.04
N LYS A 71 -12.41 -0.05 12.13
CA LYS A 71 -13.24 0.09 10.95
C LYS A 71 -13.07 1.49 10.37
N LEU A 72 -12.45 1.54 9.20
CA LEU A 72 -12.21 2.81 8.53
C LEU A 72 -13.53 3.57 8.41
N ASP A 73 -13.53 4.78 8.95
CA ASP A 73 -14.71 5.62 8.91
C ASP A 73 -14.83 6.27 7.52
N ARG A 74 -16.05 6.29 7.02
CA ARG A 74 -16.32 6.86 5.71
C ARG A 74 -16.11 8.38 5.75
N GLU A 75 -16.92 9.03 6.57
CA GLU A 75 -16.84 10.48 6.72
C GLU A 75 -15.42 10.90 7.07
N GLU A 76 -14.90 10.31 8.15
CA GLU A 76 -13.55 10.62 8.59
C GLU A 76 -12.61 10.77 7.39
N LEU A 77 -12.46 9.68 6.65
CA LEU A 77 -11.61 9.70 5.49
C LEU A 77 -12.22 10.59 4.41
N CYS A 78 -13.25 10.06 3.76
CA CYS A 78 -13.93 10.80 2.72
C CYS A 78 -15.44 10.55 2.87
N GLY A 79 -15.92 9.57 2.13
CA GLY A 79 -17.34 9.23 2.17
C GLY A 79 -17.88 8.99 0.76
N SER A 80 -17.67 9.98 -0.09
CA SER A 80 -18.14 9.90 -1.46
C SER A 80 -17.27 10.77 -2.37
N THR A 81 -16.00 10.41 -2.43
CA THR A 81 -15.05 11.14 -3.25
C THR A 81 -14.10 10.18 -3.97
N ASN A 82 -13.37 10.72 -4.92
CA ASN A 82 -12.42 9.92 -5.69
C ASN A 82 -11.30 10.82 -6.21
N PRO A 83 -10.06 10.26 -6.19
CA PRO A 83 -9.86 8.90 -5.72
C PRO A 83 -9.94 8.85 -4.19
N CYS A 84 -10.15 7.63 -3.69
CA CYS A 84 -10.26 7.43 -2.26
C CYS A 84 -9.02 6.65 -1.79
N ILE A 85 -7.86 7.23 -2.07
CA ILE A 85 -6.60 6.62 -1.70
C ILE A 85 -6.24 7.03 -0.26
N LEU A 86 -5.75 6.06 0.49
CA LEU A 86 -5.37 6.31 1.87
C LEU A 86 -4.01 7.03 1.90
N HIS A 87 -3.79 7.78 2.97
CA HIS A 87 -2.55 8.51 3.13
C HIS A 87 -1.79 7.97 4.34
N PHE A 88 -0.66 7.33 4.04
CA PHE A 88 0.16 6.76 5.09
C PHE A 88 1.66 6.96 4.79
N GLN A 89 2.48 6.57 5.75
CA GLN A 89 3.92 6.70 5.60
C GLN A 89 4.64 5.67 6.46
N VAL A 90 5.67 5.06 5.88
CA VAL A 90 6.44 4.06 6.58
C VAL A 90 7.60 4.75 7.32
N LEU A 91 7.48 4.77 8.64
CA LEU A 91 8.51 5.39 9.46
C LEU A 91 9.60 4.35 9.77
N LEU A 92 10.84 4.82 9.68
CA LEU A 92 11.97 3.95 9.95
C LEU A 92 12.94 4.65 10.92
N LYS A 93 13.63 3.84 11.70
CA LYS A 93 14.58 4.35 12.67
C LYS A 93 16.00 4.25 12.10
N SER A 94 16.94 4.77 12.87
CA SER A 94 18.34 4.74 12.46
C SER A 94 18.62 3.48 11.64
N PRO A 95 18.84 3.69 10.32
CA PRO A 95 18.83 5.03 9.75
C PRO A 95 17.39 5.54 9.63
N VAL A 96 17.14 6.67 10.27
CA VAL A 96 15.81 7.28 10.23
C VAL A 96 15.46 7.64 8.78
N GLN A 97 14.29 7.20 8.36
CA GLN A 97 13.83 7.48 7.00
C GLN A 97 12.32 7.23 6.90
N PHE A 98 11.73 7.86 5.90
CA PHE A 98 10.29 7.73 5.68
C PHE A 98 10.00 7.45 4.20
N ILE A 99 8.82 6.87 3.97
CA ILE A 99 8.40 6.55 2.61
C ILE A 99 7.04 7.19 2.35
N GLN A 100 6.69 7.24 1.07
CA GLN A 100 5.42 7.83 0.66
C GLN A 100 4.62 6.82 -0.17
N GLY A 101 3.99 5.90 0.54
CA GLY A 101 3.18 4.88 -0.12
C GLY A 101 1.69 5.24 -0.08
N GLU A 102 1.00 4.87 -1.15
CA GLU A 102 -0.42 5.14 -1.25
C GLU A 102 -1.22 3.84 -1.13
N ILE A 103 -2.53 4.00 -1.01
CA ILE A 103 -3.42 2.86 -0.88
C ILE A 103 -4.56 2.99 -1.90
N GLN A 104 -4.53 2.10 -2.89
CA GLN A 104 -5.54 2.11 -3.93
C GLN A 104 -6.86 1.56 -3.38
N LEU A 105 -7.93 2.26 -3.71
CA LEU A 105 -9.25 1.87 -3.26
C LEU A 105 -9.78 0.75 -4.16
N GLN A 106 -10.17 -0.34 -3.52
CA GLN A 106 -10.70 -1.49 -4.25
C GLN A 106 -11.95 -1.09 -5.04
N ASP A 107 -11.87 -1.28 -6.35
CA ASP A 107 -12.99 -0.95 -7.21
C ASP A 107 -13.57 -2.24 -7.80
N VAL A 108 -14.90 -2.27 -7.89
CA VAL A 108 -15.59 -3.42 -8.43
C VAL A 108 -14.84 -3.94 -9.66
N ASN A 109 -14.84 -5.25 -9.81
CA ASN A 109 -14.16 -5.88 -10.93
C ASN A 109 -14.59 -7.35 -11.03
N ASP A 110 -15.50 -7.61 -11.96
CA ASP A 110 -16.00 -8.95 -12.16
C ASP A 110 -16.99 -8.97 -13.32
N HIS A 111 -16.79 -9.90 -14.23
CA HIS A 111 -17.66 -10.02 -15.38
C HIS A 111 -17.20 -11.19 -16.26
N ALA A 112 -18.07 -12.18 -16.39
CA ALA A 112 -17.75 -13.35 -17.19
C ALA A 112 -19.02 -14.20 -17.35
N PRO A 113 -19.49 -14.29 -18.64
CA PRO A 113 -20.68 -15.06 -18.94
C PRO A 113 -20.39 -16.56 -18.91
N GLU A 114 -21.29 -17.29 -18.29
CA GLU A 114 -21.14 -18.73 -18.18
C GLU A 114 -22.10 -19.44 -19.14
N PHE A 115 -21.52 -20.21 -20.05
CA PHE A 115 -22.31 -20.94 -21.02
C PHE A 115 -21.42 -21.83 -21.88
N MET A 116 -21.38 -23.11 -21.52
CA MET A 116 -20.57 -24.07 -22.26
C MET A 116 -21.41 -24.80 -23.31
N GLU A 117 -21.11 -24.50 -24.56
CA GLU A 117 -21.83 -25.12 -25.67
C GLU A 117 -21.32 -24.57 -27.00
N ASP A 118 -21.74 -25.24 -28.07
CA ASP A 118 -21.33 -24.84 -29.41
C ASP A 118 -22.03 -23.53 -29.78
N GLU A 119 -21.70 -23.03 -30.96
CA GLU A 119 -22.29 -21.78 -31.44
C GLU A 119 -22.49 -21.86 -32.96
N SER A 120 -23.29 -20.92 -33.46
CA SER A 120 -23.56 -20.86 -34.88
C SER A 120 -22.53 -19.97 -35.58
N GLY A 121 -22.10 -20.42 -36.75
CA GLY A 121 -21.12 -19.69 -37.52
C GLY A 121 -21.79 -18.55 -38.30
N PRO A 122 -21.02 -17.43 -38.46
CA PRO A 122 -21.53 -16.28 -39.18
C PRO A 122 -21.52 -16.52 -40.69
N SER A 123 -21.87 -15.49 -41.43
CA SER A 123 -21.90 -15.58 -42.89
C SER A 123 -21.40 -14.27 -43.50
N SER A 124 -20.46 -14.42 -44.41
CA SER A 124 -19.90 -13.25 -45.08
C SER A 124 -19.49 -13.62 -46.51
N GLY A 125 -20.26 -13.11 -47.46
CA GLY A 125 -20.00 -13.38 -48.87
C GLY A 125 -19.17 -12.25 -49.49
N GLY A 1 35.03 8.26 -12.42
CA GLY A 1 33.76 8.94 -12.65
C GLY A 1 32.81 8.74 -11.46
N SER A 2 31.94 9.72 -11.28
CA SER A 2 30.98 9.66 -10.20
C SER A 2 29.99 10.84 -10.32
N SER A 3 28.90 10.57 -11.01
CA SER A 3 27.88 11.59 -11.21
C SER A 3 26.51 10.94 -11.34
N GLY A 4 25.50 11.60 -10.79
CA GLY A 4 24.15 11.10 -10.85
C GLY A 4 23.13 12.22 -10.63
N SER A 5 22.03 12.14 -11.36
CA SER A 5 20.98 13.13 -11.26
C SER A 5 19.60 12.46 -11.35
N SER A 6 18.76 12.78 -10.38
CA SER A 6 17.42 12.21 -10.34
C SER A 6 16.65 12.81 -9.16
N GLY A 7 15.67 13.64 -9.49
CA GLY A 7 14.84 14.27 -8.48
C GLY A 7 13.36 14.07 -8.78
N ALA A 8 12.74 13.21 -7.97
CA ALA A 8 11.33 12.91 -8.13
C ALA A 8 10.89 11.93 -7.05
N GLY A 9 9.73 12.20 -6.48
CA GLY A 9 9.19 11.35 -5.44
C GLY A 9 7.93 10.62 -5.92
N SER A 10 6.79 11.20 -5.58
CA SER A 10 5.51 10.61 -5.97
C SER A 10 5.31 9.27 -5.25
N ALA A 11 4.09 8.75 -5.39
CA ALA A 11 3.76 7.48 -4.76
C ALA A 11 4.86 6.46 -5.06
N THR A 12 5.34 5.82 -4.01
CA THR A 12 6.38 4.82 -4.15
C THR A 12 5.80 3.41 -4.05
N ILE A 13 4.71 3.31 -3.30
CA ILE A 13 4.04 2.04 -3.11
C ILE A 13 2.53 2.22 -3.27
N THR A 14 1.89 1.17 -3.71
CA THR A 14 0.44 1.20 -3.92
C THR A 14 -0.20 -0.07 -3.38
N TYR A 15 -1.06 0.10 -2.39
CA TYR A 15 -1.75 -1.03 -1.78
C TYR A 15 -3.16 -1.18 -2.34
N SER A 16 -3.77 -2.31 -2.04
CA SER A 16 -5.11 -2.59 -2.50
C SER A 16 -5.98 -3.08 -1.35
N VAL A 17 -7.03 -2.32 -1.07
CA VAL A 17 -7.94 -2.66 0.00
C VAL A 17 -9.37 -2.25 -0.38
N LEU A 18 -10.30 -3.16 -0.15
CA LEU A 18 -11.70 -2.89 -0.46
C LEU A 18 -12.15 -1.60 0.25
N GLU A 19 -13.46 -1.42 0.27
CA GLU A 19 -14.03 -0.24 0.91
C GLU A 19 -14.73 -0.64 2.21
N GLU A 20 -15.09 -1.91 2.29
CA GLU A 20 -15.77 -2.42 3.47
C GLU A 20 -14.77 -3.14 4.39
N THR A 21 -13.68 -2.45 4.68
CA THR A 21 -12.66 -3.01 5.55
C THR A 21 -13.20 -3.22 6.96
N ASP A 22 -12.56 -4.14 7.67
CA ASP A 22 -12.97 -4.45 9.03
C ASP A 22 -11.81 -4.15 9.98
N ARG A 23 -12.03 -4.47 11.25
CA ARG A 23 -11.01 -4.24 12.27
C ARG A 23 -9.95 -5.34 12.20
N GLY A 24 -8.94 -5.09 11.38
CA GLY A 24 -7.85 -6.04 11.21
C GLY A 24 -7.84 -6.63 9.80
N SER A 25 -8.22 -5.78 8.85
CA SER A 25 -8.26 -6.20 7.45
C SER A 25 -6.86 -6.06 6.83
N LEU A 26 -6.46 -7.11 6.12
CA LEU A 26 -5.16 -7.12 5.47
C LEU A 26 -5.17 -6.12 4.32
N VAL A 27 -4.39 -5.05 4.50
CA VAL A 27 -4.30 -4.02 3.49
C VAL A 27 -3.28 -4.44 2.42
N GLY A 28 -2.23 -5.08 2.90
CA GLY A 28 -1.18 -5.55 2.00
C GLY A 28 0.12 -5.83 2.77
N ASN A 29 1.15 -6.16 2.01
CA ASN A 29 2.44 -6.45 2.61
C ASN A 29 3.34 -5.22 2.50
N LEU A 30 4.11 -4.99 3.56
CA LEU A 30 5.02 -3.86 3.59
C LEU A 30 6.46 -4.35 3.43
N ALA A 31 6.84 -5.25 4.33
CA ALA A 31 8.19 -5.80 4.30
C ALA A 31 8.41 -6.51 2.97
N LYS A 32 7.45 -7.33 2.59
CA LYS A 32 7.53 -8.07 1.35
C LYS A 32 7.44 -7.09 0.17
N ASP A 33 6.64 -6.06 0.36
CA ASP A 33 6.45 -5.06 -0.66
C ASP A 33 7.82 -4.58 -1.16
N LEU A 34 8.67 -4.21 -0.21
CA LEU A 34 10.00 -3.74 -0.54
C LEU A 34 10.96 -4.93 -0.56
N GLY A 35 10.38 -6.12 -0.70
CA GLY A 35 11.18 -7.34 -0.74
C GLY A 35 12.15 -7.39 0.44
N LEU A 36 11.76 -6.72 1.51
CA LEU A 36 12.59 -6.68 2.71
C LEU A 36 12.27 -7.90 3.58
N SER A 37 13.00 -8.00 4.69
CA SER A 37 12.80 -9.11 5.61
C SER A 37 12.21 -8.60 6.93
N LEU A 38 11.35 -9.41 7.51
CA LEU A 38 10.73 -9.06 8.77
C LEU A 38 11.76 -8.41 9.70
N ARG A 39 12.76 -9.22 10.06
CA ARG A 39 13.82 -8.74 10.93
C ARG A 39 14.23 -7.32 10.55
N GLU A 40 14.59 -7.17 9.28
CA GLU A 40 15.01 -5.87 8.78
C GLU A 40 13.96 -4.81 9.14
N LEU A 41 12.71 -5.15 8.90
CA LEU A 41 11.62 -4.24 9.19
C LEU A 41 11.52 -4.02 10.70
N ILE A 42 12.06 -4.97 11.43
CA ILE A 42 12.05 -4.89 12.89
C ILE A 42 13.26 -4.06 13.37
N THR A 43 14.42 -4.45 12.87
CA THR A 43 15.65 -3.76 13.23
C THR A 43 15.48 -2.24 13.03
N ARG A 44 14.97 -1.88 11.87
CA ARG A 44 14.76 -0.48 11.54
C ARG A 44 13.40 -0.01 12.08
N GLY A 45 12.82 -0.86 12.92
CA GLY A 45 11.53 -0.53 13.52
C GLY A 45 10.64 0.22 12.53
N ALA A 46 9.99 -0.55 11.67
CA ALA A 46 9.09 0.03 10.67
C ALA A 46 7.67 0.07 11.23
N GLN A 47 7.09 1.26 11.19
CA GLN A 47 5.73 1.44 11.68
C GLN A 47 4.89 2.20 10.64
N ILE A 48 3.59 2.16 10.85
CA ILE A 48 2.67 2.83 9.95
C ILE A 48 2.28 4.19 10.53
N LEU A 49 2.25 5.19 9.66
CA LEU A 49 1.89 6.54 10.08
C LEU A 49 0.69 7.02 9.28
N SER A 50 -0.45 7.09 9.95
CA SER A 50 -1.67 7.53 9.32
C SER A 50 -2.30 8.66 10.14
N LYS A 51 -2.50 9.79 9.46
CA LYS A 51 -3.08 10.95 10.10
C LYS A 51 -2.05 11.61 11.01
N GLY A 52 -1.83 10.99 12.16
CA GLY A 52 -0.86 11.51 13.11
C GLY A 52 -0.90 10.71 14.42
N ASN A 53 -1.29 11.40 15.48
CA ASN A 53 -1.37 10.78 16.79
C ASN A 53 -2.19 9.49 16.68
N LYS A 54 -3.36 9.60 16.08
CA LYS A 54 -4.24 8.46 15.90
C LYS A 54 -4.03 7.87 14.50
N GLN A 55 -3.59 6.63 14.47
CA GLN A 55 -3.35 5.95 13.22
C GLN A 55 -4.42 4.89 12.97
N LEU A 56 -4.92 4.86 11.74
CA LEU A 56 -5.94 3.91 11.36
C LEU A 56 -5.29 2.70 10.70
N LEU A 57 -3.97 2.63 10.85
CA LEU A 57 -3.23 1.52 10.27
C LEU A 57 -2.25 0.97 11.31
N GLN A 58 -1.94 -0.31 11.18
CA GLN A 58 -1.03 -0.96 12.10
C GLN A 58 -0.30 -2.11 11.40
N LEU A 59 1.02 -2.04 11.43
CA LEU A 59 1.84 -3.06 10.80
C LEU A 59 2.02 -4.23 11.77
N GLU A 60 1.55 -5.39 11.35
CA GLU A 60 1.65 -6.59 12.16
C GLU A 60 3.03 -6.67 12.82
N GLN A 61 4.05 -6.74 11.98
CA GLN A 61 5.42 -6.83 12.46
C GLN A 61 5.80 -8.28 12.74
N LYS A 62 4.87 -8.99 13.36
CA LYS A 62 5.10 -10.39 13.69
C LYS A 62 4.87 -11.24 12.44
N SER A 63 4.55 -10.57 11.35
CA SER A 63 4.31 -11.25 10.09
C SER A 63 4.80 -10.40 8.92
N GLY A 64 4.47 -9.12 8.98
CA GLY A 64 4.88 -8.19 7.94
C GLY A 64 3.70 -7.86 7.01
N ASN A 65 2.62 -7.41 7.62
CA ASN A 65 1.43 -7.06 6.86
C ASN A 65 0.85 -5.77 7.41
N LEU A 66 0.17 -5.04 6.53
CA LEU A 66 -0.44 -3.77 6.92
C LEU A 66 -1.89 -4.02 7.35
N LEU A 67 -2.10 -4.03 8.65
CA LEU A 67 -3.43 -4.24 9.20
C LEU A 67 -4.05 -2.91 9.58
N LEU A 68 -5.37 -2.84 9.44
CA LEU A 68 -6.09 -1.62 9.77
C LEU A 68 -6.28 -1.54 11.30
N LYS A 69 -6.05 -0.35 11.82
CA LYS A 69 -6.19 -0.12 13.25
C LYS A 69 -7.56 -0.63 13.71
N GLU A 70 -8.56 -0.30 12.92
CA GLU A 70 -9.93 -0.71 13.24
C GLU A 70 -10.88 -0.29 12.12
N LYS A 71 -12.17 -0.52 12.36
CA LYS A 71 -13.19 -0.17 11.39
C LYS A 71 -12.97 1.28 10.93
N LEU A 72 -12.91 1.44 9.62
CA LEU A 72 -12.71 2.76 9.05
C LEU A 72 -14.06 3.47 8.91
N ASP A 73 -14.06 4.75 9.23
CA ASP A 73 -15.28 5.54 9.16
C ASP A 73 -15.50 5.98 7.71
N ARG A 74 -16.11 5.09 6.94
CA ARG A 74 -16.38 5.37 5.54
C ARG A 74 -16.83 6.83 5.38
N GLU A 75 -17.84 7.20 6.14
CA GLU A 75 -18.37 8.55 6.09
C GLU A 75 -17.26 9.57 6.37
N GLU A 76 -16.71 9.49 7.58
CA GLU A 76 -15.65 10.39 7.98
C GLU A 76 -14.63 10.55 6.85
N LEU A 77 -14.02 9.42 6.49
CA LEU A 77 -13.03 9.42 5.42
C LEU A 77 -13.68 9.86 4.11
N CYS A 78 -14.42 8.94 3.51
CA CYS A 78 -15.11 9.21 2.26
C CYS A 78 -16.02 8.02 1.94
N GLY A 79 -17.29 8.19 2.23
CA GLY A 79 -18.27 7.15 1.97
C GLY A 79 -18.27 6.75 0.50
N SER A 80 -17.71 5.58 0.23
CA SER A 80 -17.63 5.08 -1.13
C SER A 80 -17.28 6.21 -2.10
N THR A 81 -15.99 6.44 -2.25
CA THR A 81 -15.51 7.48 -3.14
C THR A 81 -14.39 6.95 -4.04
N ASN A 82 -14.02 7.77 -5.01
CA ASN A 82 -12.96 7.39 -5.93
C ASN A 82 -12.11 8.62 -6.25
N PRO A 83 -10.78 8.38 -6.42
CA PRO A 83 -10.25 7.03 -6.29
C PRO A 83 -10.19 6.60 -4.82
N CYS A 84 -10.26 7.59 -3.95
CA CYS A 84 -10.20 7.34 -2.52
C CYS A 84 -8.91 6.56 -2.22
N ILE A 85 -7.88 7.32 -1.89
CA ILE A 85 -6.59 6.72 -1.58
C ILE A 85 -6.16 7.15 -0.18
N LEU A 86 -5.78 6.15 0.62
CA LEU A 86 -5.36 6.41 1.99
C LEU A 86 -3.98 7.07 1.97
N HIS A 87 -3.72 7.86 3.01
CA HIS A 87 -2.45 8.55 3.11
C HIS A 87 -1.68 8.01 4.33
N PHE A 88 -0.53 7.41 4.03
CA PHE A 88 0.31 6.86 5.09
C PHE A 88 1.78 6.95 4.71
N GLN A 89 2.63 6.79 5.73
CA GLN A 89 4.06 6.86 5.52
C GLN A 89 4.77 5.83 6.40
N VAL A 90 5.76 5.17 5.80
CA VAL A 90 6.52 4.16 6.51
C VAL A 90 7.67 4.83 7.27
N LEU A 91 7.58 4.77 8.59
CA LEU A 91 8.60 5.37 9.44
C LEU A 91 9.70 4.34 9.70
N LEU A 92 10.93 4.81 9.57
CA LEU A 92 12.08 3.95 9.79
C LEU A 92 13.01 4.58 10.84
N LYS A 93 13.64 3.72 11.63
CA LYS A 93 14.54 4.19 12.66
C LYS A 93 15.98 4.13 12.14
N SER A 94 16.90 4.62 12.97
CA SER A 94 18.31 4.62 12.60
C SER A 94 18.64 3.37 11.78
N PRO A 95 18.95 3.61 10.48
CA PRO A 95 18.95 4.96 9.94
C PRO A 95 17.53 5.47 9.73
N VAL A 96 17.23 6.59 10.37
CA VAL A 96 15.91 7.19 10.26
C VAL A 96 15.60 7.47 8.79
N GLN A 97 14.43 7.05 8.36
CA GLN A 97 14.01 7.25 6.99
C GLN A 97 12.49 7.14 6.88
N PHE A 98 11.94 7.83 5.89
CA PHE A 98 10.51 7.83 5.67
C PHE A 98 10.18 7.52 4.20
N ILE A 99 8.96 7.06 3.99
CA ILE A 99 8.51 6.73 2.65
C ILE A 99 7.11 7.31 2.42
N GLN A 100 6.73 7.35 1.16
CA GLN A 100 5.42 7.87 0.79
C GLN A 100 4.66 6.87 -0.08
N GLY A 101 3.99 5.94 0.58
CA GLY A 101 3.23 4.93 -0.12
C GLY A 101 1.82 5.41 -0.42
N GLU A 102 0.98 4.48 -0.89
CA GLU A 102 -0.38 4.80 -1.21
C GLU A 102 -1.28 3.59 -0.96
N ILE A 103 -2.59 3.86 -0.86
CA ILE A 103 -3.56 2.81 -0.62
C ILE A 103 -4.70 2.94 -1.62
N GLN A 104 -4.67 2.11 -2.65
CA GLN A 104 -5.70 2.12 -3.67
C GLN A 104 -6.85 1.19 -3.28
N LEU A 105 -8.05 1.54 -3.74
CA LEU A 105 -9.23 0.75 -3.45
C LEU A 105 -9.37 -0.34 -4.51
N GLN A 106 -9.80 -1.51 -4.04
CA GLN A 106 -10.00 -2.64 -4.94
C GLN A 106 -10.81 -2.22 -6.17
N ASP A 107 -10.47 -2.82 -7.29
CA ASP A 107 -11.15 -2.52 -8.53
C ASP A 107 -12.34 -3.49 -8.71
N VAL A 108 -13.34 -3.03 -9.44
CA VAL A 108 -14.51 -3.84 -9.69
C VAL A 108 -14.34 -4.60 -11.01
N ASN A 109 -14.32 -5.92 -10.90
CA ASN A 109 -14.15 -6.77 -12.07
C ASN A 109 -14.21 -8.24 -11.63
N ASP A 110 -13.32 -8.59 -10.74
CA ASP A 110 -13.25 -9.96 -10.24
C ASP A 110 -12.85 -10.90 -11.38
N HIS A 111 -11.62 -11.36 -11.32
CA HIS A 111 -11.10 -12.26 -12.34
C HIS A 111 -9.76 -12.83 -11.89
N ALA A 112 -9.82 -13.62 -10.83
CA ALA A 112 -8.62 -14.23 -10.28
C ALA A 112 -8.68 -15.75 -10.49
N PRO A 113 -7.69 -16.26 -11.28
CA PRO A 113 -7.63 -17.68 -11.57
C PRO A 113 -7.12 -18.47 -10.35
N GLU A 114 -7.02 -19.77 -10.55
CA GLU A 114 -6.55 -20.65 -9.48
C GLU A 114 -5.55 -21.67 -10.03
N PHE A 115 -4.57 -21.99 -9.20
CA PHE A 115 -3.54 -22.96 -9.60
C PHE A 115 -2.86 -23.55 -8.36
N MET A 116 -3.45 -24.60 -7.84
CA MET A 116 -2.89 -25.27 -6.67
C MET A 116 -2.94 -26.79 -6.83
N GLU A 117 -3.15 -27.21 -8.07
CA GLU A 117 -3.22 -28.63 -8.36
C GLU A 117 -1.84 -29.16 -8.79
N ASP A 118 -1.47 -30.30 -8.24
CA ASP A 118 -0.20 -30.91 -8.55
C ASP A 118 -0.12 -32.30 -7.91
N GLU A 119 -0.53 -33.30 -8.68
CA GLU A 119 -0.50 -34.67 -8.19
C GLU A 119 -0.78 -35.65 -9.33
N SER A 120 -0.57 -36.91 -9.05
CA SER A 120 -0.79 -37.95 -10.04
C SER A 120 -0.43 -39.32 -9.46
N GLY A 121 -1.04 -40.35 -10.03
CA GLY A 121 -0.78 -41.72 -9.58
C GLY A 121 -1.03 -42.72 -10.71
N PRO A 122 -0.47 -43.94 -10.52
CA PRO A 122 -0.62 -45.00 -11.51
C PRO A 122 -2.03 -45.60 -11.46
N SER A 123 -2.29 -46.48 -12.42
CA SER A 123 -3.58 -47.13 -12.50
C SER A 123 -3.46 -48.61 -12.12
N SER A 124 -4.60 -49.21 -11.84
CA SER A 124 -4.64 -50.62 -11.46
C SER A 124 -5.97 -51.24 -11.88
N GLY A 125 -6.00 -52.56 -11.85
CA GLY A 125 -7.21 -53.29 -12.22
C GLY A 125 -6.97 -54.81 -12.15
N GLY A 1 22.39 3.67 -25.20
CA GLY A 1 21.48 4.44 -24.36
C GLY A 1 22.00 4.53 -22.93
N SER A 2 21.09 4.89 -22.03
CA SER A 2 21.45 5.02 -20.62
C SER A 2 20.19 4.90 -19.76
N SER A 3 19.25 5.79 -20.01
CA SER A 3 18.00 5.80 -19.27
C SER A 3 17.05 6.84 -19.86
N GLY A 4 15.75 6.62 -19.62
CA GLY A 4 14.74 7.52 -20.11
C GLY A 4 13.76 7.91 -19.00
N SER A 5 13.75 9.20 -18.69
CA SER A 5 12.88 9.71 -17.65
C SER A 5 13.00 11.23 -17.57
N SER A 6 12.03 11.83 -16.89
CA SER A 6 12.02 13.27 -16.73
C SER A 6 10.78 13.70 -15.94
N GLY A 7 11.02 14.11 -14.70
CA GLY A 7 9.94 14.54 -13.83
C GLY A 7 9.04 13.36 -13.45
N ALA A 8 9.41 12.69 -12.36
CA ALA A 8 8.65 11.55 -11.88
C ALA A 8 8.88 11.38 -10.38
N GLY A 9 7.80 11.09 -9.68
CA GLY A 9 7.86 10.91 -8.24
C GLY A 9 6.56 11.35 -7.57
N SER A 10 6.06 10.49 -6.70
CA SER A 10 4.83 10.77 -5.98
C SER A 10 4.48 9.61 -5.05
N ALA A 11 4.30 8.44 -5.65
CA ALA A 11 3.96 7.26 -4.88
C ALA A 11 5.07 6.21 -5.06
N THR A 12 5.52 5.68 -3.94
CA THR A 12 6.58 4.68 -3.97
C THR A 12 5.97 3.27 -3.85
N ILE A 13 4.87 3.18 -3.12
CA ILE A 13 4.20 1.91 -2.92
C ILE A 13 2.69 2.11 -3.12
N THR A 14 2.04 1.04 -3.56
CA THR A 14 0.61 1.09 -3.78
C THR A 14 -0.06 -0.17 -3.21
N TYR A 15 -1.04 0.06 -2.36
CA TYR A 15 -1.76 -1.04 -1.73
C TYR A 15 -3.18 -1.16 -2.31
N SER A 16 -3.80 -2.29 -2.02
CA SER A 16 -5.15 -2.54 -2.50
C SER A 16 -6.03 -3.05 -1.37
N VAL A 17 -7.01 -2.23 -1.00
CA VAL A 17 -7.92 -2.58 0.08
C VAL A 17 -9.35 -2.24 -0.34
N LEU A 18 -10.25 -3.16 -0.06
CA LEU A 18 -11.65 -2.97 -0.40
C LEU A 18 -12.17 -1.71 0.28
N GLU A 19 -13.49 -1.55 0.24
CA GLU A 19 -14.12 -0.39 0.84
C GLU A 19 -14.81 -0.78 2.16
N GLU A 20 -15.10 -2.07 2.27
CA GLU A 20 -15.75 -2.58 3.46
C GLU A 20 -14.73 -3.28 4.36
N THR A 21 -13.70 -2.54 4.72
CA THR A 21 -12.65 -3.09 5.57
C THR A 21 -13.18 -3.33 6.98
N ASP A 22 -12.52 -4.23 7.69
CA ASP A 22 -12.91 -4.56 9.05
C ASP A 22 -11.72 -4.34 9.98
N ARG A 23 -12.02 -4.36 11.27
CA ARG A 23 -10.99 -4.16 12.28
C ARG A 23 -9.89 -5.23 12.13
N GLY A 24 -8.78 -4.80 11.56
CA GLY A 24 -7.65 -5.69 11.35
C GLY A 24 -7.70 -6.32 9.95
N SER A 25 -8.13 -5.51 9.00
CA SER A 25 -8.22 -5.96 7.61
C SER A 25 -6.85 -5.87 6.95
N LEU A 26 -6.51 -6.94 6.23
CA LEU A 26 -5.24 -7.00 5.54
C LEU A 26 -5.24 -5.99 4.39
N VAL A 27 -4.41 -4.97 4.53
CA VAL A 27 -4.31 -3.94 3.51
C VAL A 27 -3.31 -4.39 2.43
N GLY A 28 -2.25 -5.05 2.89
CA GLY A 28 -1.23 -5.53 1.99
C GLY A 28 0.07 -5.85 2.74
N ASN A 29 1.14 -6.00 1.98
CA ASN A 29 2.43 -6.32 2.56
C ASN A 29 3.35 -5.09 2.46
N LEU A 30 4.16 -4.92 3.50
CA LEU A 30 5.08 -3.79 3.54
C LEU A 30 6.52 -4.32 3.41
N ALA A 31 6.79 -5.39 4.12
CA ALA A 31 8.11 -6.00 4.10
C ALA A 31 8.23 -6.91 2.87
N LYS A 32 7.16 -7.65 2.61
CA LYS A 32 7.13 -8.56 1.48
C LYS A 32 6.97 -7.75 0.19
N ASP A 33 6.60 -6.49 0.36
CA ASP A 33 6.42 -5.61 -0.78
C ASP A 33 7.77 -5.35 -1.44
N LEU A 34 8.56 -4.50 -0.79
CA LEU A 34 9.87 -4.16 -1.31
C LEU A 34 10.74 -5.42 -1.34
N GLY A 35 10.28 -6.45 -0.64
CA GLY A 35 11.00 -7.71 -0.58
C GLY A 35 11.95 -7.73 0.61
N LEU A 36 11.72 -6.81 1.54
CA LEU A 36 12.55 -6.72 2.72
C LEU A 36 12.21 -7.87 3.67
N SER A 37 13.07 -8.06 4.66
CA SER A 37 12.88 -9.11 5.63
C SER A 37 12.36 -8.53 6.95
N LEU A 38 11.61 -9.35 7.66
CA LEU A 38 11.04 -8.93 8.94
C LEU A 38 12.14 -8.32 9.80
N ARG A 39 13.17 -9.12 10.04
CA ARG A 39 14.30 -8.67 10.84
C ARG A 39 14.60 -7.19 10.57
N GLU A 40 14.76 -6.89 9.30
CA GLU A 40 15.06 -5.52 8.89
C GLU A 40 13.91 -4.59 9.30
N LEU A 41 12.70 -4.97 8.92
CA LEU A 41 11.53 -4.19 9.25
C LEU A 41 11.46 -3.98 10.76
N ILE A 42 12.07 -4.91 11.48
CA ILE A 42 12.09 -4.84 12.93
C ILE A 42 13.23 -3.93 13.38
N THR A 43 14.44 -4.31 13.00
CA THR A 43 15.62 -3.54 13.36
C THR A 43 15.47 -2.10 12.88
N ARG A 44 14.91 -1.96 11.69
CA ARG A 44 14.71 -0.65 11.10
C ARG A 44 13.46 0.02 11.69
N GLY A 45 12.86 -0.67 12.66
CA GLY A 45 11.67 -0.17 13.31
C GLY A 45 10.73 0.50 12.30
N ALA A 46 10.09 -0.33 11.50
CA ALA A 46 9.17 0.17 10.49
C ALA A 46 7.74 0.16 11.06
N GLN A 47 7.12 1.33 11.02
CA GLN A 47 5.76 1.47 11.52
C GLN A 47 4.90 2.24 10.52
N ILE A 48 3.60 2.23 10.77
CA ILE A 48 2.66 2.92 9.90
C ILE A 48 2.27 4.25 10.55
N LEU A 49 2.21 5.28 9.71
CA LEU A 49 1.86 6.61 10.17
C LEU A 49 0.56 7.05 9.48
N SER A 50 -0.51 7.06 10.25
CA SER A 50 -1.81 7.46 9.73
C SER A 50 -2.52 8.36 10.74
N LYS A 51 -2.76 9.59 10.31
CA LYS A 51 -3.44 10.56 11.16
C LYS A 51 -2.60 10.80 12.41
N GLY A 52 -2.78 11.98 12.99
CA GLY A 52 -2.05 12.34 14.19
C GLY A 52 -2.80 11.90 15.45
N ASN A 53 -2.03 11.48 16.44
CA ASN A 53 -2.60 11.02 17.69
C ASN A 53 -3.29 9.68 17.48
N LYS A 54 -4.29 9.69 16.61
CA LYS A 54 -5.04 8.48 16.30
C LYS A 54 -4.37 7.77 15.12
N GLN A 55 -4.62 6.47 15.04
CA GLN A 55 -4.06 5.66 13.97
C GLN A 55 -5.14 4.76 13.37
N LEU A 56 -5.11 4.66 12.05
CA LEU A 56 -6.07 3.83 11.34
C LEU A 56 -5.34 2.72 10.58
N LEU A 57 -4.11 2.48 11.00
CA LEU A 57 -3.28 1.46 10.39
C LEU A 57 -2.35 0.85 11.43
N GLN A 58 -2.09 -0.44 11.27
CA GLN A 58 -1.21 -1.15 12.19
C GLN A 58 -0.59 -2.36 11.49
N LEU A 59 0.70 -2.27 11.26
CA LEU A 59 1.43 -3.35 10.61
C LEU A 59 1.93 -4.32 11.67
N GLU A 60 1.79 -5.61 11.35
CA GLU A 60 2.22 -6.65 12.27
C GLU A 60 3.61 -7.17 11.87
N GLN A 61 4.58 -6.88 12.72
CA GLN A 61 5.95 -7.30 12.47
C GLN A 61 6.10 -8.79 12.77
N LYS A 62 5.01 -9.40 13.20
CA LYS A 62 5.01 -10.82 13.52
C LYS A 62 4.87 -11.63 12.24
N SER A 63 4.51 -10.93 11.17
CA SER A 63 4.33 -11.58 9.88
C SER A 63 4.85 -10.66 8.77
N GLY A 64 4.35 -9.43 8.77
CA GLY A 64 4.75 -8.46 7.78
C GLY A 64 3.58 -8.09 6.87
N ASN A 65 2.51 -7.61 7.49
CA ASN A 65 1.32 -7.22 6.75
C ASN A 65 0.79 -5.91 7.32
N LEU A 66 0.11 -5.16 6.45
CA LEU A 66 -0.46 -3.89 6.85
C LEU A 66 -1.93 -4.09 7.25
N LEU A 67 -2.17 -4.01 8.55
CA LEU A 67 -3.51 -4.19 9.07
C LEU A 67 -4.10 -2.82 9.42
N LEU A 68 -5.42 -2.76 9.43
CA LEU A 68 -6.11 -1.53 9.75
C LEU A 68 -6.34 -1.44 11.26
N LYS A 69 -6.20 -0.24 11.78
CA LYS A 69 -6.38 -0.02 13.21
C LYS A 69 -7.73 -0.59 13.65
N GLU A 70 -8.79 -0.02 13.09
CA GLU A 70 -10.13 -0.46 13.41
C GLU A 70 -11.10 -0.09 12.28
N LYS A 71 -12.38 -0.33 12.53
CA LYS A 71 -13.40 -0.03 11.54
C LYS A 71 -13.21 1.41 11.03
N LEU A 72 -13.07 1.52 9.72
CA LEU A 72 -12.88 2.81 9.09
C LEU A 72 -14.21 3.55 9.04
N ASP A 73 -14.12 4.87 8.96
CA ASP A 73 -15.31 5.71 8.89
C ASP A 73 -15.61 6.04 7.43
N ARG A 74 -16.75 5.55 6.98
CA ARG A 74 -17.17 5.78 5.60
C ARG A 74 -17.31 7.29 5.35
N GLU A 75 -18.20 7.91 6.10
CA GLU A 75 -18.44 9.34 5.97
C GLU A 75 -17.14 10.11 6.14
N GLU A 76 -16.57 9.98 7.34
CA GLU A 76 -15.32 10.66 7.65
C GLU A 76 -14.39 10.65 6.44
N LEU A 77 -14.04 9.44 6.03
CA LEU A 77 -13.14 9.27 4.88
C LEU A 77 -13.86 9.72 3.61
N CYS A 78 -14.76 8.87 3.14
CA CYS A 78 -15.52 9.17 1.94
C CYS A 78 -16.72 8.23 1.88
N GLY A 79 -16.42 6.95 1.76
CA GLY A 79 -17.46 5.93 1.69
C GLY A 79 -17.32 5.08 0.43
N SER A 80 -17.77 5.64 -0.68
CA SER A 80 -17.70 4.94 -1.95
C SER A 80 -17.35 5.92 -3.07
N THR A 81 -16.24 6.62 -2.87
CA THR A 81 -15.79 7.60 -3.85
C THR A 81 -14.46 7.15 -4.48
N ASN A 82 -14.07 7.87 -5.51
CA ASN A 82 -12.83 7.56 -6.21
C ASN A 82 -12.01 8.84 -6.38
N PRO A 83 -10.66 8.67 -6.43
CA PRO A 83 -10.08 7.34 -6.32
C PRO A 83 -10.13 6.85 -4.87
N CYS A 84 -10.06 7.79 -3.95
CA CYS A 84 -10.09 7.46 -2.53
C CYS A 84 -8.82 6.68 -2.19
N ILE A 85 -7.78 7.42 -1.86
CA ILE A 85 -6.50 6.81 -1.51
C ILE A 85 -6.13 7.21 -0.08
N LEU A 86 -5.70 6.21 0.68
CA LEU A 86 -5.31 6.44 2.06
C LEU A 86 -3.97 7.16 2.09
N HIS A 87 -3.75 7.91 3.18
CA HIS A 87 -2.52 8.64 3.34
C HIS A 87 -1.72 8.07 4.52
N PHE A 88 -0.57 7.50 4.20
CA PHE A 88 0.28 6.91 5.22
C PHE A 88 1.75 7.07 4.86
N GLN A 89 2.60 6.73 5.81
CA GLN A 89 4.04 6.82 5.60
C GLN A 89 4.78 5.83 6.52
N VAL A 90 5.75 5.16 5.93
CA VAL A 90 6.55 4.19 6.68
C VAL A 90 7.68 4.91 7.41
N LEU A 91 7.60 4.90 8.73
CA LEU A 91 8.61 5.55 9.54
C LEU A 91 9.74 4.55 9.84
N LEU A 92 10.96 5.05 9.72
CA LEU A 92 12.12 4.21 9.97
C LEU A 92 13.01 4.88 11.02
N LYS A 93 13.67 4.05 11.81
CA LYS A 93 14.56 4.55 12.85
C LYS A 93 16.01 4.47 12.37
N SER A 94 16.90 5.03 13.19
CA SER A 94 18.32 5.02 12.86
C SER A 94 18.68 3.74 12.10
N PRO A 95 19.00 3.92 10.79
CA PRO A 95 18.98 5.24 10.19
C PRO A 95 17.55 5.70 9.93
N VAL A 96 17.23 6.85 10.51
CA VAL A 96 15.91 7.43 10.35
C VAL A 96 15.61 7.62 8.86
N GLN A 97 14.37 7.32 8.49
CA GLN A 97 13.94 7.46 7.11
C GLN A 97 12.42 7.33 7.01
N PHE A 98 11.87 8.08 6.06
CA PHE A 98 10.43 8.05 5.86
C PHE A 98 10.10 7.74 4.39
N ILE A 99 8.91 7.17 4.20
CA ILE A 99 8.46 6.81 2.87
C ILE A 99 7.07 7.40 2.63
N GLN A 100 6.67 7.40 1.36
CA GLN A 100 5.37 7.94 0.99
C GLN A 100 4.66 6.96 0.04
N GLY A 101 3.96 6.01 0.64
CA GLY A 101 3.24 5.01 -0.13
C GLY A 101 1.81 5.48 -0.41
N GLU A 102 1.04 4.59 -1.02
CA GLU A 102 -0.35 4.89 -1.35
C GLU A 102 -1.24 3.67 -1.11
N ILE A 103 -2.51 3.94 -0.88
CA ILE A 103 -3.47 2.88 -0.63
C ILE A 103 -4.64 3.02 -1.60
N GLN A 104 -4.63 2.16 -2.61
CA GLN A 104 -5.67 2.17 -3.62
C GLN A 104 -6.82 1.25 -3.20
N LEU A 105 -8.00 1.56 -3.70
CA LEU A 105 -9.19 0.77 -3.39
C LEU A 105 -9.34 -0.33 -4.44
N GLN A 106 -9.59 -1.55 -3.96
CA GLN A 106 -9.77 -2.69 -4.85
C GLN A 106 -10.57 -2.28 -6.08
N ASP A 107 -10.04 -2.65 -7.24
CA ASP A 107 -10.68 -2.34 -8.50
C ASP A 107 -12.04 -3.05 -8.56
N VAL A 108 -12.87 -2.56 -9.48
CA VAL A 108 -14.20 -3.15 -9.65
C VAL A 108 -14.15 -4.18 -10.78
N ASN A 109 -14.42 -5.42 -10.40
CA ASN A 109 -14.42 -6.51 -11.37
C ASN A 109 -13.02 -6.63 -11.99
N ASP A 110 -12.24 -7.56 -11.47
CA ASP A 110 -10.90 -7.78 -11.96
C ASP A 110 -10.97 -8.41 -13.35
N HIS A 111 -10.19 -7.85 -14.27
CA HIS A 111 -10.15 -8.35 -15.63
C HIS A 111 -10.07 -9.88 -15.62
N ALA A 112 -11.15 -10.51 -16.06
CA ALA A 112 -11.20 -11.95 -16.11
C ALA A 112 -9.85 -12.50 -16.59
N PRO A 113 -9.41 -13.60 -15.93
CA PRO A 113 -8.14 -14.22 -16.29
C PRO A 113 -8.26 -15.01 -17.58
N GLU A 114 -7.30 -14.76 -18.47
CA GLU A 114 -7.28 -15.43 -19.75
C GLU A 114 -6.98 -16.92 -19.58
N PHE A 115 -7.70 -17.74 -20.34
CA PHE A 115 -7.52 -19.18 -20.28
C PHE A 115 -6.04 -19.54 -20.08
N MET A 116 -5.82 -20.72 -19.52
CA MET A 116 -4.46 -21.19 -19.29
C MET A 116 -3.98 -22.08 -20.44
N GLU A 117 -4.72 -22.03 -21.53
CA GLU A 117 -4.38 -22.82 -22.70
C GLU A 117 -4.48 -24.31 -22.39
N ASP A 118 -4.87 -25.07 -23.39
CA ASP A 118 -5.01 -26.51 -23.24
C ASP A 118 -4.45 -27.21 -24.46
N GLU A 119 -3.80 -28.35 -24.22
CA GLU A 119 -3.21 -29.12 -25.29
C GLU A 119 -4.15 -30.26 -25.70
N SER A 120 -4.10 -30.58 -26.99
CA SER A 120 -4.94 -31.66 -27.52
C SER A 120 -4.33 -32.20 -28.81
N GLY A 121 -4.84 -33.34 -29.24
CA GLY A 121 -4.37 -33.96 -30.46
C GLY A 121 -5.48 -34.05 -31.51
N PRO A 122 -5.07 -33.86 -32.79
CA PRO A 122 -6.02 -33.91 -33.89
C PRO A 122 -6.44 -35.34 -34.20
N SER A 123 -7.33 -35.47 -35.17
CA SER A 123 -7.81 -36.79 -35.57
C SER A 123 -8.53 -36.70 -36.91
N SER A 124 -8.68 -37.85 -37.55
CA SER A 124 -9.35 -37.91 -38.84
C SER A 124 -10.85 -38.07 -38.64
N GLY A 125 -11.60 -37.71 -39.69
CA GLY A 125 -13.04 -37.81 -39.64
C GLY A 125 -13.68 -36.95 -40.73
N GLY A 1 31.08 12.34 -15.76
CA GLY A 1 30.62 12.22 -14.38
C GLY A 1 29.13 12.56 -14.26
N SER A 2 28.88 13.74 -13.71
CA SER A 2 27.51 14.20 -13.54
C SER A 2 26.73 13.21 -12.67
N SER A 3 26.83 13.42 -11.36
CA SER A 3 26.15 12.55 -10.42
C SER A 3 25.53 13.40 -9.30
N GLY A 4 24.52 12.82 -8.66
CA GLY A 4 23.83 13.50 -7.58
C GLY A 4 22.31 13.39 -7.74
N SER A 5 21.64 13.37 -6.61
CA SER A 5 20.18 13.26 -6.60
C SER A 5 19.64 13.51 -5.19
N SER A 6 18.38 13.91 -5.15
CA SER A 6 17.74 14.18 -3.87
C SER A 6 16.22 14.01 -4.01
N GLY A 7 15.57 13.80 -2.86
CA GLY A 7 14.14 13.61 -2.84
C GLY A 7 13.71 12.47 -3.76
N ALA A 8 12.47 12.05 -3.61
CA ALA A 8 11.92 10.98 -4.42
C ALA A 8 10.54 11.38 -4.95
N GLY A 9 9.65 11.68 -4.01
CA GLY A 9 8.30 12.08 -4.36
C GLY A 9 7.55 10.94 -5.06
N SER A 10 6.32 11.22 -5.44
CA SER A 10 5.50 10.24 -6.10
C SER A 10 5.18 9.08 -5.17
N ALA A 11 4.35 8.17 -5.64
CA ALA A 11 3.97 7.01 -4.85
C ALA A 11 5.00 5.90 -5.05
N THR A 12 5.46 5.35 -3.92
CA THR A 12 6.44 4.29 -3.97
C THR A 12 5.76 2.93 -3.80
N ILE A 13 4.69 2.93 -3.01
CA ILE A 13 3.95 1.71 -2.76
C ILE A 13 2.45 1.99 -2.92
N THR A 14 1.75 1.00 -3.47
CA THR A 14 0.32 1.13 -3.69
C THR A 14 -0.39 -0.17 -3.28
N TYR A 15 -1.22 -0.06 -2.25
CA TYR A 15 -1.97 -1.20 -1.77
C TYR A 15 -3.39 -1.21 -2.33
N SER A 16 -4.07 -2.34 -2.12
CA SER A 16 -5.43 -2.48 -2.61
C SER A 16 -6.33 -2.95 -1.46
N VAL A 17 -7.29 -2.09 -1.12
CA VAL A 17 -8.22 -2.40 -0.05
C VAL A 17 -9.54 -1.67 -0.30
N LEU A 18 -10.60 -2.23 0.26
CA LEU A 18 -11.92 -1.63 0.11
C LEU A 18 -12.00 -0.34 0.92
N GLU A 19 -13.20 0.23 0.95
CA GLU A 19 -13.41 1.46 1.68
C GLU A 19 -14.08 1.17 3.03
N GLU A 20 -14.58 -0.06 3.16
CA GLU A 20 -15.24 -0.47 4.38
C GLU A 20 -14.54 -1.70 4.96
N THR A 21 -13.22 -1.71 4.85
CA THR A 21 -12.43 -2.81 5.36
C THR A 21 -12.74 -3.04 6.85
N ASP A 22 -13.04 -4.30 7.16
CA ASP A 22 -13.35 -4.67 8.53
C ASP A 22 -12.16 -4.35 9.42
N ARG A 23 -12.37 -4.55 10.72
CA ARG A 23 -11.31 -4.28 11.69
C ARG A 23 -10.34 -5.46 11.74
N GLY A 24 -9.07 -5.13 11.55
CA GLY A 24 -8.02 -6.14 11.57
C GLY A 24 -7.97 -6.90 10.24
N SER A 25 -7.96 -6.13 9.16
CA SER A 25 -7.90 -6.71 7.83
C SER A 25 -6.53 -6.46 7.21
N LEU A 26 -6.02 -7.50 6.54
CA LEU A 26 -4.72 -7.40 5.90
C LEU A 26 -4.82 -6.47 4.69
N VAL A 27 -4.17 -5.32 4.81
CA VAL A 27 -4.18 -4.35 3.74
C VAL A 27 -3.16 -4.74 2.68
N GLY A 28 -2.08 -5.35 3.14
CA GLY A 28 -1.01 -5.79 2.25
C GLY A 28 0.31 -5.95 3.01
N ASN A 29 1.27 -6.56 2.33
CA ASN A 29 2.58 -6.79 2.93
C ASN A 29 3.51 -5.63 2.53
N LEU A 30 4.31 -5.21 3.50
CA LEU A 30 5.24 -4.12 3.27
C LEU A 30 6.66 -4.69 3.13
N ALA A 31 7.05 -5.46 4.14
CA ALA A 31 8.37 -6.06 4.13
C ALA A 31 8.50 -6.99 2.92
N LYS A 32 7.38 -7.57 2.54
CA LYS A 32 7.36 -8.47 1.40
C LYS A 32 7.28 -7.66 0.11
N ASP A 33 6.58 -6.53 0.20
CA ASP A 33 6.42 -5.66 -0.96
C ASP A 33 7.80 -5.27 -1.49
N LEU A 34 8.51 -4.50 -0.70
CA LEU A 34 9.84 -4.07 -1.08
C LEU A 34 10.76 -5.27 -1.21
N GLY A 35 10.30 -6.38 -0.66
CA GLY A 35 11.07 -7.62 -0.71
C GLY A 35 12.05 -7.71 0.47
N LEU A 36 11.88 -6.79 1.41
CA LEU A 36 12.73 -6.76 2.58
C LEU A 36 12.37 -7.91 3.51
N SER A 37 13.27 -8.20 4.44
CA SER A 37 13.06 -9.27 5.40
C SER A 37 12.57 -8.69 6.72
N LEU A 38 11.66 -9.43 7.35
CA LEU A 38 11.10 -8.99 8.63
C LEU A 38 12.22 -8.43 9.50
N ARG A 39 13.22 -9.26 9.75
CA ARG A 39 14.35 -8.86 10.57
C ARG A 39 14.74 -7.41 10.24
N GLU A 40 15.00 -7.17 8.96
CA GLU A 40 15.38 -5.85 8.51
C GLU A 40 14.35 -4.81 8.95
N LEU A 41 13.10 -5.09 8.60
CA LEU A 41 12.01 -4.19 8.96
C LEU A 41 11.99 -4.00 10.47
N ILE A 42 12.08 -5.12 11.18
CA ILE A 42 12.07 -5.08 12.63
C ILE A 42 13.18 -4.16 13.12
N THR A 43 14.40 -4.49 12.74
CA THR A 43 15.55 -3.69 13.14
C THR A 43 15.33 -2.22 12.78
N ARG A 44 15.01 -1.99 11.51
CA ARG A 44 14.77 -0.64 11.02
C ARG A 44 13.55 -0.04 11.73
N GLY A 45 12.77 -0.91 12.35
CA GLY A 45 11.57 -0.47 13.06
C GLY A 45 10.65 0.32 12.13
N ALA A 46 9.95 -0.41 11.28
CA ALA A 46 9.04 0.21 10.33
C ALA A 46 7.63 0.21 10.93
N GLN A 47 7.05 1.41 10.99
CA GLN A 47 5.71 1.56 11.53
C GLN A 47 4.82 2.35 10.56
N ILE A 48 3.53 2.17 10.72
CA ILE A 48 2.57 2.86 9.86
C ILE A 48 2.14 4.16 10.53
N LEU A 49 2.20 5.23 9.74
CA LEU A 49 1.83 6.55 10.23
C LEU A 49 0.41 6.87 9.78
N SER A 50 -0.52 6.79 10.72
CA SER A 50 -1.92 7.07 10.43
C SER A 50 -2.52 7.90 11.55
N LYS A 51 -2.77 9.17 11.25
CA LYS A 51 -3.34 10.08 12.22
C LYS A 51 -2.37 10.27 13.38
N GLY A 52 -2.72 11.19 14.27
CA GLY A 52 -1.89 11.48 15.42
C GLY A 52 -2.11 10.46 16.53
N ASN A 53 -3.05 10.78 17.41
CA ASN A 53 -3.37 9.89 18.51
C ASN A 53 -4.19 8.71 18.00
N LYS A 54 -5.01 8.99 17.00
CA LYS A 54 -5.85 7.96 16.41
C LYS A 54 -5.02 7.14 15.42
N GLN A 55 -5.26 5.84 15.45
CA GLN A 55 -4.55 4.92 14.56
C GLN A 55 -5.53 4.20 13.65
N LEU A 56 -5.16 4.12 12.37
CA LEU A 56 -6.00 3.46 11.38
C LEU A 56 -5.31 2.18 10.92
N LEU A 57 -3.99 2.23 10.86
CA LEU A 57 -3.21 1.08 10.45
C LEU A 57 -2.30 0.64 11.60
N GLN A 58 -1.85 -0.61 11.50
CA GLN A 58 -0.98 -1.16 12.52
C GLN A 58 -0.13 -2.30 11.95
N LEU A 59 1.12 -1.98 11.68
CA LEU A 59 2.04 -2.96 11.13
C LEU A 59 2.52 -3.91 12.24
N GLU A 60 1.90 -5.07 12.30
CA GLU A 60 2.25 -6.05 13.31
C GLU A 60 3.77 -6.25 13.35
N GLN A 61 4.37 -6.22 12.18
CA GLN A 61 5.81 -6.39 12.06
C GLN A 61 6.19 -7.86 12.30
N LYS A 62 5.17 -8.67 12.48
CA LYS A 62 5.38 -10.09 12.70
C LYS A 62 5.60 -10.80 11.36
N SER A 63 4.75 -10.45 10.40
CA SER A 63 4.84 -11.04 9.07
C SER A 63 4.98 -9.94 8.02
N GLY A 64 5.08 -8.71 8.51
CA GLY A 64 5.22 -7.57 7.63
C GLY A 64 3.93 -7.32 6.84
N ASN A 65 2.83 -7.34 7.57
CA ASN A 65 1.52 -7.12 6.95
C ASN A 65 0.87 -5.89 7.57
N LEU A 66 0.06 -5.22 6.77
CA LEU A 66 -0.63 -4.03 7.22
C LEU A 66 -2.00 -4.42 7.77
N LEU A 67 -2.20 -4.12 9.05
CA LEU A 67 -3.45 -4.43 9.71
C LEU A 67 -4.18 -3.13 10.04
N LEU A 68 -5.50 -3.15 9.85
CA LEU A 68 -6.32 -2.00 10.13
C LEU A 68 -6.63 -1.92 11.61
N LYS A 69 -6.66 -0.70 12.13
CA LYS A 69 -6.94 -0.49 13.54
C LYS A 69 -8.42 -0.70 13.80
N GLU A 70 -9.24 -0.18 12.90
CA GLU A 70 -10.68 -0.31 13.02
C GLU A 70 -11.36 -0.01 11.69
N LYS A 71 -12.68 -0.02 11.71
CA LYS A 71 -13.46 0.26 10.51
C LYS A 71 -13.11 1.64 9.98
N LEU A 72 -12.53 1.66 8.79
CA LEU A 72 -12.14 2.91 8.16
C LEU A 72 -13.38 3.78 7.96
N ASP A 73 -13.18 5.09 8.05
CA ASP A 73 -14.27 6.04 7.88
C ASP A 73 -14.19 6.65 6.48
N ARG A 74 -15.35 6.80 5.87
CA ARG A 74 -15.43 7.37 4.53
C ARG A 74 -15.05 8.84 4.56
N GLU A 75 -15.96 9.65 5.10
CA GLU A 75 -15.74 11.09 5.19
C GLU A 75 -14.31 11.37 5.66
N GLU A 76 -13.99 10.82 6.82
CA GLU A 76 -12.66 11.01 7.39
C GLU A 76 -11.60 10.95 6.30
N LEU A 77 -11.44 9.76 5.73
CA LEU A 77 -10.46 9.55 4.67
C LEU A 77 -10.89 10.35 3.44
N CYS A 78 -11.91 9.86 2.77
CA CYS A 78 -12.41 10.51 1.57
C CYS A 78 -13.88 10.14 1.40
N GLY A 79 -14.75 10.95 1.97
CA GLY A 79 -16.18 10.72 1.90
C GLY A 79 -16.57 10.26 0.49
N SER A 80 -16.04 10.95 -0.50
CA SER A 80 -16.32 10.64 -1.89
C SER A 80 -15.47 11.49 -2.81
N THR A 81 -14.17 11.21 -2.81
CA THR A 81 -13.24 11.94 -3.64
C THR A 81 -12.38 10.97 -4.47
N ASN A 82 -11.81 11.51 -5.54
CA ASN A 82 -10.98 10.71 -6.41
C ASN A 82 -9.73 11.51 -6.79
N PRO A 83 -8.57 10.79 -6.84
CA PRO A 83 -8.57 9.36 -6.56
C PRO A 83 -8.71 9.10 -5.05
N CYS A 84 -9.45 8.05 -4.73
CA CYS A 84 -9.66 7.69 -3.34
C CYS A 84 -8.51 6.79 -2.89
N ILE A 85 -7.54 7.41 -2.23
CA ILE A 85 -6.37 6.69 -1.75
C ILE A 85 -6.07 7.12 -0.32
N LEU A 86 -5.74 6.13 0.51
CA LEU A 86 -5.42 6.39 1.90
C LEU A 86 -4.07 7.11 1.99
N HIS A 87 -3.94 7.93 3.01
CA HIS A 87 -2.71 8.68 3.22
C HIS A 87 -1.94 8.09 4.42
N PHE A 88 -0.83 7.47 4.11
CA PHE A 88 0.00 6.86 5.15
C PHE A 88 1.48 6.89 4.76
N GLN A 89 2.32 6.56 5.73
CA GLN A 89 3.75 6.54 5.51
C GLN A 89 4.43 5.52 6.43
N VAL A 90 5.65 5.18 6.08
CA VAL A 90 6.41 4.21 6.86
C VAL A 90 7.54 4.94 7.59
N LEU A 91 7.46 4.93 8.91
CA LEU A 91 8.46 5.58 9.73
C LEU A 91 9.61 4.60 10.00
N LEU A 92 10.82 5.10 9.86
CA LEU A 92 12.00 4.29 10.07
C LEU A 92 12.90 4.97 11.11
N LYS A 93 13.57 4.13 11.88
CA LYS A 93 14.46 4.64 12.92
C LYS A 93 15.91 4.60 12.41
N SER A 94 16.80 5.12 13.22
CA SER A 94 18.22 5.15 12.86
C SER A 94 18.58 3.89 12.07
N PRO A 95 18.88 4.11 10.76
CA PRO A 95 18.85 5.44 10.20
C PRO A 95 17.42 5.92 9.98
N VAL A 96 17.10 7.04 10.59
CA VAL A 96 15.77 7.61 10.47
C VAL A 96 15.45 7.85 8.99
N GLN A 97 14.26 7.42 8.60
CA GLN A 97 13.83 7.57 7.22
C GLN A 97 12.31 7.38 7.11
N PHE A 98 11.76 7.91 6.03
CA PHE A 98 10.32 7.81 5.81
C PHE A 98 10.03 7.46 4.34
N ILE A 99 8.86 6.86 4.14
CA ILE A 99 8.45 6.47 2.80
C ILE A 99 7.08 7.08 2.49
N GLN A 100 6.73 7.07 1.22
CA GLN A 100 5.46 7.62 0.78
C GLN A 100 4.60 6.53 0.13
N GLY A 101 4.00 5.70 0.97
CA GLY A 101 3.16 4.62 0.50
C GLY A 101 1.77 5.13 0.11
N GLU A 102 1.05 4.30 -0.62
CA GLU A 102 -0.29 4.65 -1.06
C GLU A 102 -1.24 3.46 -0.90
N ILE A 103 -2.52 3.77 -0.74
CA ILE A 103 -3.52 2.74 -0.56
C ILE A 103 -4.63 2.94 -1.61
N GLN A 104 -4.57 2.14 -2.66
CA GLN A 104 -5.56 2.22 -3.72
C GLN A 104 -6.86 1.55 -3.28
N LEU A 105 -7.92 2.34 -3.28
CA LEU A 105 -9.23 1.85 -2.89
C LEU A 105 -9.79 0.97 -4.01
N GLN A 106 -10.40 -0.13 -3.60
CA GLN A 106 -10.98 -1.07 -4.55
C GLN A 106 -11.98 -0.34 -5.46
N ASP A 107 -11.67 -0.34 -6.75
CA ASP A 107 -12.53 0.31 -7.72
C ASP A 107 -13.73 -0.60 -8.02
N VAL A 108 -14.86 0.04 -8.29
CA VAL A 108 -16.07 -0.70 -8.59
C VAL A 108 -16.12 -1.01 -10.09
N ASN A 109 -15.87 -2.27 -10.42
CA ASN A 109 -15.88 -2.69 -11.80
C ASN A 109 -16.39 -4.14 -11.88
N ASP A 110 -16.73 -4.54 -13.09
CA ASP A 110 -17.23 -5.90 -13.32
C ASP A 110 -16.07 -6.90 -13.18
N HIS A 111 -15.89 -7.37 -11.96
CA HIS A 111 -14.84 -8.33 -11.68
C HIS A 111 -15.27 -9.72 -12.13
N ALA A 112 -14.32 -10.44 -12.71
CA ALA A 112 -14.60 -11.79 -13.20
C ALA A 112 -13.36 -12.67 -12.95
N PRO A 113 -13.64 -13.98 -12.71
CA PRO A 113 -12.56 -14.93 -12.47
C PRO A 113 -11.84 -15.29 -13.77
N GLU A 114 -10.63 -15.82 -13.62
CA GLU A 114 -9.83 -16.20 -14.77
C GLU A 114 -9.45 -17.68 -14.68
N PHE A 115 -9.12 -18.24 -15.83
CA PHE A 115 -8.74 -19.64 -15.90
C PHE A 115 -7.25 -19.79 -16.21
N MET A 116 -6.65 -18.68 -16.62
CA MET A 116 -5.24 -18.68 -16.96
C MET A 116 -4.94 -19.64 -18.10
N GLU A 117 -3.93 -19.30 -18.88
CA GLU A 117 -3.53 -20.13 -20.01
C GLU A 117 -2.01 -20.24 -20.07
N ASP A 118 -1.55 -21.42 -20.48
CA ASP A 118 -0.12 -21.67 -20.58
C ASP A 118 0.12 -22.75 -21.63
N GLU A 119 1.31 -22.70 -22.23
CA GLU A 119 1.67 -23.66 -23.25
C GLU A 119 3.18 -23.62 -23.50
N SER A 120 3.65 -24.59 -24.27
CA SER A 120 5.06 -24.67 -24.59
C SER A 120 5.25 -25.29 -25.98
N GLY A 121 6.44 -25.09 -26.52
CA GLY A 121 6.76 -25.62 -27.84
C GLY A 121 8.23 -26.00 -27.94
N PRO A 122 8.53 -26.97 -28.86
CA PRO A 122 9.88 -27.42 -29.06
C PRO A 122 10.70 -26.39 -29.85
N SER A 123 11.94 -26.77 -30.14
CA SER A 123 12.82 -25.88 -30.89
C SER A 123 13.59 -26.68 -31.94
N SER A 124 14.20 -25.95 -32.86
CA SER A 124 14.95 -26.57 -33.93
C SER A 124 16.44 -26.61 -33.56
N GLY A 125 17.18 -27.43 -34.30
CA GLY A 125 18.61 -27.56 -34.06
C GLY A 125 19.29 -26.19 -34.08
#